data_4X1W
#
_entry.id   4X1W
#
_cell.length_a   59.190
_cell.length_b   83.130
_cell.length_c   118.290
_cell.angle_alpha   90.000
_cell.angle_beta   93.210
_cell.angle_gamma   90.000
#
_symmetry.space_group_name_H-M   'P 1 21 1'
#
loop_
_entity.id
_entity.type
_entity.pdbx_description
1 polymer VP1
2 non-polymer 1,2-ETHANEDIOL
3 non-polymer 'CHLORIDE ION'
4 water water
#
_entity_poly.entity_id   1
_entity_poly.type   'polypeptide(L)'
_entity_poly.pdbx_seq_one_letter_code
;SPADLLTTPVLTGVGTDNRWNGEIVGLQPVPGGFSTCNRHWNLNGSTFGWSSPRFAAIDHDRGNASYPGSSSSNVLELWY
ASAGSAADNPISQIAPDGFPDMSFVPFSGTTVPTAGWVGFGGIWNSSNGAPFVTTVQAYELGFATGAPSNPQPTTTTSGA
QIVAKSIYGVATGINQATAGLFVMASGVISTPNSSAITYTPQPNRIVNAPGTPAAAPIGKNTPIMFASVVRRTGDINAEA
GSTNGTQYGAGSQPLPVTVGLSLNNYSSALMPGQFFVWQLNFASGFMELGLSVDGYFYAGTGASATLIDLSELVDIRPVG
PRPSTSTLVYNL
;
_entity_poly.pdbx_strand_id   A,B,C,D
#
loop_
_chem_comp.id
_chem_comp.type
_chem_comp.name
_chem_comp.formula
CL non-polymer 'CHLORIDE ION' 'Cl -1'
EDO non-polymer 1,2-ETHANEDIOL 'C2 H6 O2'
#
# COMPACT_ATOMS: atom_id res chain seq x y z
N SER A 1 16.78 -10.25 4.71
CA SER A 1 17.93 -10.90 4.08
C SER A 1 18.87 -9.91 3.41
N PRO A 2 20.17 -10.08 3.64
CA PRO A 2 21.21 -9.22 3.07
C PRO A 2 21.58 -9.56 1.63
N ALA A 3 20.88 -10.53 1.03
CA ALA A 3 21.30 -11.06 -0.27
C ALA A 3 21.34 -9.97 -1.34
N ASP A 4 20.35 -9.07 -1.33
CA ASP A 4 20.24 -8.03 -2.35
C ASP A 4 21.15 -6.83 -2.12
N LEU A 5 21.92 -6.84 -1.04
CA LEU A 5 22.95 -5.82 -0.83
C LEU A 5 24.02 -5.90 -1.91
N LEU A 6 24.38 -7.12 -2.29
CA LEU A 6 25.39 -7.34 -3.33
C LEU A 6 24.76 -7.98 -4.55
N THR A 7 24.43 -7.17 -5.54
CA THR A 7 23.93 -7.69 -6.81
C THR A 7 24.95 -7.39 -7.88
N THR A 8 24.72 -7.94 -9.07
CA THR A 8 25.71 -7.91 -10.14
C THR A 8 26.24 -6.50 -10.49
N PRO A 9 25.35 -5.49 -10.64
CA PRO A 9 25.88 -4.16 -11.01
C PRO A 9 26.83 -3.52 -10.00
N VAL A 10 26.77 -3.95 -8.74
CA VAL A 10 27.63 -3.39 -7.71
C VAL A 10 29.12 -3.61 -8.00
N LEU A 11 29.45 -4.73 -8.62
CA LEU A 11 30.85 -5.04 -8.92
C LEU A 11 31.16 -5.10 -10.41
N THR A 12 30.17 -4.86 -11.27
CA THR A 12 30.42 -4.90 -12.70
C THR A 12 30.42 -3.52 -13.36
N GLY A 13 30.60 -2.48 -12.56
CA GLY A 13 30.85 -1.16 -13.13
C GLY A 13 29.97 -0.04 -12.63
N VAL A 14 28.89 -0.35 -11.91
CA VAL A 14 28.04 0.69 -11.37
C VAL A 14 28.41 1.03 -9.93
N GLY A 15 28.62 0.01 -9.11
CA GLY A 15 28.90 0.24 -7.71
C GLY A 15 30.22 0.94 -7.49
N THR A 16 30.23 1.89 -6.54
CA THR A 16 31.45 2.60 -6.21
C THR A 16 31.94 2.24 -4.82
N ASP A 17 33.22 2.50 -4.57
CA ASP A 17 33.79 2.26 -3.25
C ASP A 17 33.44 3.37 -2.28
N ASN A 18 33.39 3.02 -0.99
CA ASN A 18 32.96 3.94 0.06
C ASN A 18 34.01 4.93 0.56
N ARG A 19 35.21 4.92 -0.01
CA ARG A 19 36.20 5.95 0.35
C ARG A 19 36.38 7.02 -0.73
N TRP A 20 36.52 6.56 -1.97
CA TRP A 20 36.82 7.45 -3.10
C TRP A 20 35.65 7.68 -4.04
N ASN A 21 34.61 6.88 -3.90
CA ASN A 21 33.43 6.94 -4.77
C ASN A 21 33.80 6.66 -6.23
N GLY A 22 34.85 5.87 -6.44
CA GLY A 22 35.23 5.44 -7.77
C GLY A 22 34.55 4.13 -8.14
N GLU A 23 34.32 3.92 -9.43
CA GLU A 23 33.69 2.70 -9.90
C GLU A 23 34.60 1.52 -9.59
N ILE A 24 34.07 0.52 -8.91
CA ILE A 24 34.87 -0.63 -8.49
C ILE A 24 35.23 -1.52 -9.68
N VAL A 25 36.52 -1.79 -9.83
CA VAL A 25 36.99 -2.62 -10.94
C VAL A 25 37.86 -3.78 -10.47
N GLY A 26 38.17 -3.84 -9.17
CA GLY A 26 39.00 -4.92 -8.66
C GLY A 26 38.79 -5.25 -7.20
N LEU A 27 39.23 -6.44 -6.80
CA LEU A 27 39.20 -6.84 -5.39
C LEU A 27 40.62 -6.95 -4.88
N GLN A 28 40.95 -6.20 -3.85
CA GLN A 28 42.31 -6.15 -3.35
C GLN A 28 42.43 -6.88 -2.01
N PRO A 29 43.05 -8.08 -2.03
CA PRO A 29 43.25 -8.81 -0.77
C PRO A 29 44.25 -8.11 0.14
N VAL A 30 43.99 -8.15 1.44
CA VAL A 30 44.90 -7.53 2.41
C VAL A 30 45.33 -8.56 3.45
N PRO A 31 46.31 -9.42 3.10
CA PRO A 31 46.76 -10.50 3.97
C PRO A 31 47.31 -9.99 5.31
N GLY A 32 47.86 -8.78 5.31
CA GLY A 32 48.34 -8.14 6.52
C GLY A 32 47.24 -7.69 7.48
N GLY A 33 46.01 -7.61 6.96
CA GLY A 33 44.87 -7.14 7.74
C GLY A 33 44.73 -5.62 7.72
N PHE A 34 43.54 -5.12 8.04
CA PHE A 34 43.33 -3.68 8.11
C PHE A 34 42.11 -3.34 8.96
N SER A 35 41.93 -2.06 9.24
CA SER A 35 40.75 -1.58 9.92
C SER A 35 40.18 -0.38 9.17
N THR A 36 38.86 -0.27 9.13
CA THR A 36 38.22 0.92 8.58
C THR A 36 36.90 1.17 9.29
N CYS A 37 36.64 2.42 9.66
CA CYS A 37 35.37 2.79 10.29
C CYS A 37 34.61 3.87 9.53
N ASN A 38 35.32 4.80 8.91
CA ASN A 38 34.65 5.94 8.26
C ASN A 38 33.86 5.53 7.01
N ARG A 39 32.59 5.92 6.97
CA ARG A 39 31.66 5.51 5.93
C ARG A 39 31.62 3.99 5.81
N HIS A 40 31.77 3.31 6.94
CA HIS A 40 31.73 1.85 6.98
C HIS A 40 30.63 1.43 7.98
N TRP A 41 29.70 0.61 7.51
CA TRP A 41 28.62 0.14 8.38
C TRP A 41 28.72 -1.35 8.66
N ASN A 42 28.15 -1.76 9.78
CA ASN A 42 28.06 -3.16 10.13
C ASN A 42 26.64 -3.68 9.93
N LEU A 43 26.41 -4.95 10.27
CA LEU A 43 25.11 -5.57 10.04
C LEU A 43 24.18 -5.31 11.22
N ASN A 44 24.64 -4.50 12.16
CA ASN A 44 23.82 -4.09 13.29
C ASN A 44 23.38 -2.64 13.12
N GLY A 45 23.44 -2.15 11.88
CA GLY A 45 22.94 -0.83 11.54
C GLY A 45 23.77 0.32 12.09
N SER A 46 25.05 0.07 12.37
CA SER A 46 25.86 1.07 13.07
C SER A 46 27.21 1.34 12.41
N THR A 47 27.75 2.52 12.69
CA THR A 47 29.09 2.90 12.25
C THR A 47 29.94 3.40 13.41
N PHE A 48 31.24 3.12 13.36
CA PHE A 48 32.19 3.71 14.32
C PHE A 48 32.79 4.99 13.76
N GLY A 49 32.42 5.31 12.52
CA GLY A 49 32.96 6.45 11.81
C GLY A 49 32.22 7.75 12.04
N TRP A 50 32.57 8.76 11.24
CA TRP A 50 32.00 10.10 11.34
C TRP A 50 31.27 10.56 10.08
N SER A 51 31.09 9.66 9.11
CA SER A 51 30.51 10.06 7.82
C SER A 51 29.27 9.26 7.38
N SER A 52 28.32 9.94 6.76
N SER A 52 28.34 9.93 6.72
CA SER A 52 27.14 9.31 6.18
C SER A 52 27.47 8.67 4.84
N PRO A 53 26.66 7.68 4.40
CA PRO A 53 26.97 6.95 3.16
C PRO A 53 26.67 7.74 1.90
N ARG A 54 27.43 8.81 1.71
CA ARG A 54 27.25 9.68 0.57
C ARG A 54 28.49 10.53 0.41
N PHE A 55 28.62 11.16 -0.76
CA PHE A 55 29.73 12.04 -1.03
C PHE A 55 29.21 13.41 -1.42
N ALA A 56 29.28 14.34 -0.47
CA ALA A 56 28.83 15.70 -0.69
C ALA A 56 29.98 16.66 -0.45
N ALA A 57 29.95 17.35 0.69
CA ALA A 57 30.99 18.33 1.02
C ALA A 57 31.43 18.23 2.47
N ILE A 58 32.66 18.67 2.71
CA ILE A 58 33.24 18.72 4.03
C ILE A 58 33.17 20.16 4.53
N ASP A 59 32.54 20.36 5.69
CA ASP A 59 32.30 21.69 6.23
C ASP A 59 32.59 21.71 7.72
N HIS A 60 33.48 22.60 8.14
CA HIS A 60 33.75 22.86 9.56
C HIS A 60 33.87 24.37 9.76
N ASP A 61 33.12 24.92 10.72
CA ASP A 61 33.00 26.37 10.82
C ASP A 61 33.98 27.04 11.79
N ARG A 62 34.85 26.25 12.41
CA ARG A 62 35.74 26.79 13.44
C ARG A 62 37.12 26.14 13.46
N GLY A 63 38.02 26.66 12.64
CA GLY A 63 39.40 26.21 12.61
C GLY A 63 40.33 27.41 12.57
N ASN A 64 41.63 27.14 12.62
CA ASN A 64 42.62 28.20 12.54
C ASN A 64 43.19 28.26 11.12
N ALA A 65 43.14 29.42 10.48
CA ALA A 65 43.66 29.56 9.11
C ALA A 65 44.89 30.46 9.08
N SER A 66 45.92 30.01 8.37
CA SER A 66 47.17 30.74 8.27
C SER A 66 47.91 30.34 7.00
N TYR A 67 49.01 31.02 6.71
CA TYR A 67 49.85 30.64 5.58
C TYR A 67 51.34 30.84 5.84
N PRO A 68 51.87 30.14 6.85
CA PRO A 68 53.29 30.30 7.16
C PRO A 68 54.15 29.51 6.17
N GLY A 69 55.34 30.04 5.89
CA GLY A 69 56.29 29.33 5.06
C GLY A 69 56.00 29.59 3.59
N SER A 70 55.41 30.75 3.32
CA SER A 70 54.96 31.07 1.98
C SER A 70 55.78 32.17 1.33
N SER A 71 55.86 32.13 0.00
CA SER A 71 56.49 33.20 -0.77
C SER A 71 55.38 33.97 -1.46
N SER A 72 55.73 34.95 -2.28
CA SER A 72 54.68 35.71 -2.97
C SER A 72 54.20 34.92 -4.18
N SER A 73 55.04 34.00 -4.63
CA SER A 73 54.72 33.16 -5.78
C SER A 73 54.03 31.87 -5.35
N ASN A 74 54.26 31.50 -4.10
CA ASN A 74 53.76 30.23 -3.56
C ASN A 74 53.26 30.33 -2.13
N VAL A 75 51.94 30.42 -1.95
CA VAL A 75 51.41 30.56 -0.60
C VAL A 75 50.52 29.37 -0.27
N LEU A 76 51.06 28.51 0.60
CA LEU A 76 50.33 27.35 1.06
C LEU A 76 49.42 27.73 2.23
N GLU A 77 48.11 27.60 2.03
CA GLU A 77 47.15 27.92 3.06
C GLU A 77 46.97 26.71 3.99
N LEU A 78 47.06 26.95 5.28
CA LEU A 78 46.91 25.90 6.29
C LEU A 78 45.66 26.13 7.13
N TRP A 79 44.86 25.08 7.30
CA TRP A 79 43.68 25.09 8.16
C TRP A 79 43.77 23.90 9.10
N TYR A 80 43.47 24.11 10.38
CA TYR A 80 43.43 22.97 11.29
C TYR A 80 42.51 23.20 12.46
N ALA A 81 42.07 22.10 13.06
CA ALA A 81 41.20 22.12 14.21
C ALA A 81 41.42 20.82 14.95
N SER A 82 40.93 20.74 16.18
CA SER A 82 41.05 19.51 16.94
C SER A 82 40.02 18.47 16.51
N ALA A 83 40.44 17.21 16.48
CA ALA A 83 39.48 16.12 16.34
C ALA A 83 38.56 16.15 17.56
N GLY A 84 37.28 15.84 17.35
CA GLY A 84 36.32 15.91 18.43
C GLY A 84 35.61 17.25 18.51
N SER A 85 35.95 18.17 17.61
CA SER A 85 35.36 19.50 17.61
C SER A 85 34.20 19.66 16.61
N ALA A 86 33.84 18.57 15.94
CA ALA A 86 32.79 18.65 14.93
C ALA A 86 31.41 18.55 15.57
N ALA A 87 31.05 19.56 16.34
CA ALA A 87 29.84 19.53 17.14
C ALA A 87 28.57 19.44 16.28
N ASP A 88 28.62 19.97 15.07
CA ASP A 88 27.45 19.99 14.18
C ASP A 88 27.18 18.66 13.50
N ASN A 89 28.05 17.69 13.70
CA ASN A 89 27.91 16.39 13.05
C ASN A 89 27.14 15.41 13.94
N PRO A 90 25.92 15.05 13.53
CA PRO A 90 25.04 14.18 14.33
C PRO A 90 25.59 12.74 14.45
N ILE A 91 26.37 12.30 13.48
CA ILE A 91 26.93 10.96 13.53
C ILE A 91 28.02 10.83 14.60
N SER A 92 29.01 11.70 14.53
CA SER A 92 30.12 11.69 15.46
C SER A 92 30.74 13.06 15.49
N GLN A 93 31.26 13.46 16.64
CA GLN A 93 31.90 14.78 16.76
C GLN A 93 33.38 14.72 16.42
N ILE A 94 33.88 13.54 16.09
CA ILE A 94 35.30 13.34 15.80
C ILE A 94 35.82 14.26 14.69
N ALA A 95 35.08 14.29 13.58
CA ALA A 95 35.49 15.07 12.43
C ALA A 95 34.26 15.40 11.59
N PRO A 96 34.36 16.42 10.72
CA PRO A 96 33.20 16.77 9.88
C PRO A 96 32.81 15.61 8.97
N ASP A 97 31.53 15.53 8.63
CA ASP A 97 31.00 14.50 7.75
C ASP A 97 31.74 14.56 6.40
N GLY A 98 32.33 13.44 6.00
CA GLY A 98 33.07 13.36 4.75
C GLY A 98 34.57 13.57 4.86
N PHE A 99 35.04 14.00 6.02
CA PHE A 99 36.48 14.15 6.22
C PHE A 99 37.18 12.78 6.05
N PRO A 100 38.22 12.72 5.21
CA PRO A 100 38.87 11.45 4.88
C PRO A 100 39.57 10.81 6.08
N ASP A 101 39.48 9.48 6.15
CA ASP A 101 40.12 8.72 7.22
C ASP A 101 41.58 8.37 6.91
N MET A 102 42.34 9.37 6.51
CA MET A 102 43.74 9.16 6.15
C MET A 102 44.67 10.06 6.95
N SER A 103 45.82 9.52 7.33
CA SER A 103 46.83 10.28 8.06
C SER A 103 47.48 11.34 7.17
N PHE A 104 47.77 12.49 7.76
CA PHE A 104 48.30 13.61 7.00
C PHE A 104 49.74 13.37 6.53
N VAL A 105 49.99 13.68 5.27
CA VAL A 105 51.32 13.61 4.68
C VAL A 105 51.93 15.01 4.57
N PRO A 106 52.95 15.31 5.39
CA PRO A 106 53.54 16.65 5.44
C PRO A 106 54.26 17.01 4.15
N PHE A 107 54.30 18.30 3.83
CA PHE A 107 55.03 18.79 2.65
C PHE A 107 55.31 20.27 2.77
N SER A 108 56.21 20.78 1.95
CA SER A 108 56.55 22.19 1.95
C SER A 108 57.06 22.64 0.59
N GLY A 109 57.15 23.96 0.42
CA GLY A 109 57.61 24.53 -0.84
C GLY A 109 56.73 24.21 -2.03
N THR A 110 57.33 23.60 -3.05
CA THR A 110 56.59 23.24 -4.26
C THR A 110 56.48 21.72 -4.35
N THR A 111 56.90 21.05 -3.28
CA THR A 111 56.84 19.61 -3.23
C THR A 111 55.40 19.15 -3.10
N VAL A 112 55.01 18.19 -3.94
CA VAL A 112 53.69 17.59 -3.85
C VAL A 112 53.76 16.31 -3.03
N PRO A 113 52.91 16.20 -2.00
CA PRO A 113 52.97 15.01 -1.15
C PRO A 113 52.55 13.76 -1.94
N THR A 114 53.05 12.62 -1.52
CA THR A 114 52.70 11.35 -2.14
C THR A 114 51.63 10.65 -1.33
N ALA A 115 50.61 10.13 -2.02
CA ALA A 115 49.53 9.37 -1.41
C ALA A 115 48.69 10.21 -0.45
N GLY A 116 48.55 11.49 -0.74
CA GLY A 116 47.66 12.33 0.05
C GLY A 116 46.24 12.28 -0.47
N TRP A 117 45.25 12.39 0.42
CA TRP A 117 43.88 12.63 0.01
C TRP A 117 43.76 14.11 -0.36
N VAL A 118 43.36 14.39 -1.59
CA VAL A 118 43.24 15.77 -2.02
C VAL A 118 41.83 16.08 -2.49
N GLY A 119 41.31 17.23 -2.07
CA GLY A 119 39.99 17.66 -2.46
C GLY A 119 40.03 19.14 -2.81
N PHE A 120 38.99 19.60 -3.50
CA PHE A 120 38.95 20.99 -3.92
C PHE A 120 38.01 21.79 -3.03
N GLY A 121 38.42 23.03 -2.72
CA GLY A 121 37.66 23.88 -1.84
C GLY A 121 38.47 25.06 -1.36
N GLY A 122 38.14 25.56 -0.17
CA GLY A 122 38.87 26.67 0.40
C GLY A 122 38.41 27.04 1.79
N ILE A 123 38.87 28.20 2.24
CA ILE A 123 38.55 28.74 3.55
C ILE A 123 37.34 29.67 3.42
N TRP A 124 36.55 29.79 4.48
CA TRP A 124 35.43 30.73 4.44
C TRP A 124 35.26 31.45 5.78
N ASN A 125 34.55 32.58 5.73
CA ASN A 125 34.42 33.47 6.89
C ASN A 125 33.37 32.97 7.86
N SER A 126 33.82 32.56 9.04
CA SER A 126 32.95 31.95 10.06
C SER A 126 31.81 32.86 10.48
N SER A 127 32.05 34.16 10.45
CA SER A 127 31.06 35.14 10.87
C SER A 127 29.88 35.31 9.91
N ASN A 128 30.09 35.11 8.60
CA ASN A 128 29.00 35.34 7.65
C ASN A 128 28.79 34.27 6.58
N GLY A 129 29.67 33.28 6.50
CA GLY A 129 29.48 32.20 5.54
C GLY A 129 30.08 32.47 4.17
N ALA A 130 30.63 33.67 3.98
CA ALA A 130 31.25 34.05 2.72
C ALA A 130 32.57 33.33 2.48
N PRO A 131 32.78 32.84 1.25
CA PRO A 131 34.05 32.18 0.96
C PRO A 131 35.20 33.20 0.92
N PHE A 132 36.38 32.79 1.36
CA PHE A 132 37.58 33.57 1.11
C PHE A 132 38.06 33.16 -0.28
N VAL A 133 37.61 33.91 -1.29
CA VAL A 133 37.72 33.51 -2.69
C VAL A 133 39.17 33.38 -3.17
N THR A 134 40.10 34.03 -2.47
CA THR A 134 41.50 33.97 -2.84
C THR A 134 42.19 32.71 -2.30
N THR A 135 41.45 31.86 -1.58
CA THR A 135 42.05 30.67 -0.97
C THR A 135 41.62 29.38 -1.67
N VAL A 136 40.84 29.48 -2.74
CA VAL A 136 40.37 28.29 -3.45
C VAL A 136 41.58 27.57 -4.05
N GLN A 137 41.67 26.26 -3.82
CA GLN A 137 42.77 25.45 -4.33
C GLN A 137 42.47 23.97 -4.09
N ALA A 138 43.39 23.12 -4.54
CA ALA A 138 43.42 21.72 -4.11
C ALA A 138 44.13 21.63 -2.76
N TYR A 139 43.48 20.98 -1.79
CA TYR A 139 44.00 20.85 -0.44
C TYR A 139 44.21 19.39 -0.06
N GLU A 140 45.35 19.06 0.55
CA GLU A 140 45.44 17.73 1.17
C GLU A 140 44.79 17.77 2.54
N LEU A 141 43.94 16.80 2.82
CA LEU A 141 43.33 16.67 4.13
C LEU A 141 43.79 15.40 4.83
N GLY A 142 43.98 15.46 6.15
CA GLY A 142 44.36 14.29 6.90
C GLY A 142 44.37 14.53 8.40
N PHE A 143 44.51 13.46 9.16
CA PHE A 143 44.64 13.54 10.60
C PHE A 143 46.11 13.70 10.98
N ALA A 144 46.38 14.59 11.93
CA ALA A 144 47.74 14.88 12.33
C ALA A 144 47.83 15.25 13.81
N THR A 145 49.06 15.33 14.32
CA THR A 145 49.33 16.00 15.58
C THR A 145 50.47 16.98 15.33
N GLY A 146 50.57 18.00 16.18
CA GLY A 146 51.68 18.94 16.11
C GLY A 146 51.45 20.15 15.23
N ALA A 147 50.22 20.33 14.74
CA ALA A 147 49.91 21.55 14.01
C ALA A 147 49.87 22.72 14.99
N PRO A 148 50.24 23.94 14.53
CA PRO A 148 50.66 24.28 13.16
C PRO A 148 52.17 24.20 12.90
N SER A 149 52.98 24.14 13.95
CA SER A 149 54.43 24.21 13.78
C SER A 149 55.02 22.98 13.09
N ASN A 150 54.58 21.79 13.46
CA ASN A 150 55.14 20.56 12.88
C ASN A 150 54.11 19.44 12.74
N PRO A 151 53.19 19.56 11.79
CA PRO A 151 52.18 18.52 11.61
C PRO A 151 52.80 17.17 11.24
N GLN A 152 52.39 16.11 11.93
CA GLN A 152 52.86 14.74 11.65
C GLN A 152 51.68 13.78 11.61
N PRO A 153 51.78 12.72 10.79
CA PRO A 153 50.65 11.80 10.63
C PRO A 153 50.25 11.11 11.93
N THR A 154 48.95 10.87 12.11
CA THR A 154 48.45 10.00 13.17
C THR A 154 47.32 9.15 12.60
N THR A 155 47.17 7.93 13.12
CA THR A 155 46.12 7.04 12.65
C THR A 155 45.07 6.77 13.73
N THR A 156 45.15 7.51 14.84
CA THR A 156 44.13 7.41 15.88
C THR A 156 43.45 8.77 16.05
N THR A 157 42.12 8.75 16.19
CA THR A 157 41.36 9.98 16.33
C THR A 157 41.53 10.69 17.68
N SER A 158 41.84 9.93 18.72
CA SER A 158 41.92 10.50 20.06
C SER A 158 43.15 11.40 20.22
N GLY A 159 42.93 12.67 20.53
CA GLY A 159 44.02 13.62 20.69
C GLY A 159 44.58 14.12 19.37
N ALA A 160 43.90 13.80 18.27
CA ALA A 160 44.35 14.18 16.94
C ALA A 160 43.88 15.58 16.51
N GLN A 161 44.46 16.07 15.43
CA GLN A 161 43.99 17.26 14.74
C GLN A 161 43.50 16.88 13.36
N ILE A 162 42.55 17.65 12.82
CA ILE A 162 42.17 17.54 11.42
C ILE A 162 42.83 18.70 10.66
N VAL A 163 43.53 18.37 9.59
CA VAL A 163 44.36 19.36 8.89
C VAL A 163 44.05 19.43 7.40
N ALA A 164 44.03 20.65 6.89
CA ALA A 164 43.94 20.89 5.45
C ALA A 164 45.06 21.84 5.04
N LYS A 165 45.81 21.48 4.01
CA LYS A 165 46.87 22.34 3.49
C LYS A 165 46.86 22.32 1.96
N SER A 166 46.83 23.50 1.34
CA SER A 166 46.77 23.56 -0.12
C SER A 166 48.06 23.00 -0.70
N ILE A 167 47.93 22.10 -1.67
CA ILE A 167 49.09 21.47 -2.29
C ILE A 167 49.70 22.38 -3.34
N TYR A 168 48.94 23.39 -3.76
CA TYR A 168 49.42 24.41 -4.69
C TYR A 168 49.18 25.79 -4.09
N GLY A 169 49.85 26.80 -4.64
CA GLY A 169 49.72 28.16 -4.13
C GLY A 169 48.33 28.74 -4.34
N VAL A 170 47.77 29.30 -3.27
CA VAL A 170 46.51 30.01 -3.37
C VAL A 170 46.77 31.41 -3.92
N ALA A 171 45.72 32.07 -4.40
CA ALA A 171 45.89 33.42 -4.94
C ALA A 171 46.40 34.38 -3.87
N THR A 172 45.72 34.42 -2.72
CA THR A 172 46.15 35.23 -1.60
C THR A 172 45.89 34.55 -0.26
N GLY A 173 46.93 34.44 0.56
CA GLY A 173 46.78 33.81 1.86
C GLY A 173 45.88 34.60 2.79
N ILE A 174 45.27 33.90 3.75
CA ILE A 174 44.38 34.51 4.71
C ILE A 174 44.74 34.04 6.12
N ASN A 175 44.95 34.99 7.02
CA ASN A 175 45.19 34.69 8.43
C ASN A 175 43.95 34.99 9.26
N GLN A 176 43.28 33.96 9.75
CA GLN A 176 42.19 34.17 10.70
C GLN A 176 42.21 33.13 11.82
N ALA A 177 42.15 33.60 13.06
CA ALA A 177 42.16 32.73 14.23
C ALA A 177 40.97 31.77 14.20
N THR A 178 39.83 32.27 13.73
CA THR A 178 38.65 31.44 13.57
C THR A 178 38.17 31.54 12.13
N ALA A 179 38.18 30.41 11.43
CA ALA A 179 37.78 30.36 10.04
C ALA A 179 37.18 29.00 9.67
N GLY A 180 36.35 28.99 8.63
CA GLY A 180 35.72 27.78 8.15
C GLY A 180 36.51 27.06 7.07
N LEU A 181 36.32 25.75 6.98
CA LEU A 181 36.84 24.97 5.86
C LEU A 181 35.68 24.41 5.03
N PHE A 182 35.78 24.51 3.71
CA PHE A 182 34.81 23.88 2.82
C PHE A 182 35.54 23.16 1.69
N VAL A 183 35.37 21.83 1.62
CA VAL A 183 36.00 21.01 0.60
C VAL A 183 35.04 19.94 0.09
N MET A 184 34.97 19.74 -1.23
CA MET A 184 34.12 18.70 -1.82
C MET A 184 34.61 17.33 -1.35
N ALA A 185 33.67 16.45 -0.99
CA ALA A 185 34.00 15.16 -0.39
C ALA A 185 34.58 14.15 -1.36
N SER A 186 34.51 14.45 -2.66
CA SER A 186 35.02 13.53 -3.66
C SER A 186 36.49 13.83 -3.94
N GLY A 187 37.36 12.92 -3.50
CA GLY A 187 38.78 13.17 -3.49
C GLY A 187 39.59 12.62 -4.65
N VAL A 188 40.82 13.11 -4.77
CA VAL A 188 41.79 12.58 -5.71
C VAL A 188 43.05 12.26 -4.94
N ILE A 189 43.96 11.52 -5.57
CA ILE A 189 45.18 11.09 -4.89
C ILE A 189 46.36 11.95 -5.31
N SER A 190 47.14 12.46 -4.35
CA SER A 190 48.27 13.31 -4.72
C SER A 190 49.48 12.47 -5.15
N THR A 191 50.03 12.81 -6.30
CA THR A 191 51.27 12.22 -6.80
C THR A 191 52.19 13.34 -7.28
N PRO A 192 53.51 13.21 -7.02
CA PRO A 192 54.48 14.24 -7.40
C PRO A 192 54.82 14.26 -8.90
N ASN A 193 54.50 13.19 -9.61
CA ASN A 193 54.73 13.12 -11.04
C ASN A 193 53.64 12.31 -11.71
N SER A 194 53.81 12.03 -13.00
CA SER A 194 52.81 11.29 -13.77
C SER A 194 52.61 9.83 -13.33
N SER A 195 53.59 9.25 -12.66
CA SER A 195 53.52 7.82 -12.31
C SER A 195 52.43 7.49 -11.30
N ALA A 196 51.78 6.36 -11.51
CA ALA A 196 50.85 5.83 -10.52
C ALA A 196 51.64 5.27 -9.34
N ILE A 197 51.02 5.30 -8.16
CA ILE A 197 51.63 4.74 -6.97
C ILE A 197 50.80 3.53 -6.52
N THR A 198 51.17 2.94 -5.38
CA THR A 198 50.44 1.77 -4.88
C THR A 198 49.02 2.16 -4.53
N TYR A 199 48.15 1.17 -4.35
CA TYR A 199 46.74 1.47 -4.07
C TYR A 199 46.67 2.29 -2.79
N THR A 200 45.72 3.21 -2.75
CA THR A 200 45.68 4.23 -1.72
C THR A 200 44.30 4.27 -1.06
N PRO A 201 44.24 4.29 0.27
CA PRO A 201 45.35 4.26 1.24
C PRO A 201 45.87 2.85 1.53
N GLN A 202 47.17 2.73 1.77
CA GLN A 202 47.71 1.52 2.34
C GLN A 202 47.19 1.39 3.77
N PRO A 203 47.12 0.16 4.29
CA PRO A 203 46.52 -0.08 5.62
C PRO A 203 47.13 0.79 6.72
N ASN A 204 48.43 1.04 6.67
CA ASN A 204 49.12 1.82 7.70
C ASN A 204 48.80 3.32 7.67
N ARG A 205 48.00 3.75 6.69
CA ARG A 205 47.59 5.15 6.58
C ARG A 205 46.17 5.42 7.11
N ILE A 206 45.43 4.37 7.39
CA ILE A 206 44.02 4.53 7.73
C ILE A 206 43.80 4.96 9.19
N VAL A 207 42.95 5.95 9.36
CA VAL A 207 42.63 6.51 10.67
C VAL A 207 41.36 5.86 11.23
N ASN A 208 41.43 5.40 12.47
CA ASN A 208 40.27 4.73 13.06
C ASN A 208 39.87 5.24 14.44
N ALA A 209 38.57 5.27 14.68
CA ALA A 209 37.98 5.66 15.95
C ALA A 209 38.12 4.54 16.99
N PRO A 210 38.11 4.90 18.29
CA PRO A 210 38.22 3.87 19.33
C PRO A 210 37.11 2.84 19.20
N GLY A 211 37.45 1.57 19.39
CA GLY A 211 36.46 0.51 19.27
C GLY A 211 36.28 -0.05 17.87
N THR A 212 36.95 0.53 16.89
CA THR A 212 36.85 0.02 15.52
C THR A 212 37.39 -1.42 15.47
N PRO A 213 36.54 -2.37 15.07
CA PRO A 213 36.99 -3.76 14.97
C PRO A 213 37.95 -3.93 13.80
N ALA A 214 38.95 -4.77 13.96
CA ALA A 214 39.91 -5.02 12.88
C ALA A 214 39.48 -6.19 12.00
N ALA A 215 39.86 -6.12 10.72
CA ALA A 215 39.68 -7.26 9.83
C ALA A 215 41.00 -8.01 9.73
N ALA A 216 40.98 -9.28 10.11
CA ALA A 216 42.16 -10.12 10.08
C ALA A 216 41.84 -11.41 9.36
N PRO A 217 42.87 -12.09 8.82
CA PRO A 217 42.61 -13.37 8.16
C PRO A 217 41.97 -14.38 9.11
N ILE A 218 41.02 -15.16 8.59
CA ILE A 218 40.42 -16.26 9.32
C ILE A 218 40.68 -17.53 8.53
N GLY A 219 41.66 -18.33 8.97
CA GLY A 219 42.10 -19.47 8.20
C GLY A 219 42.66 -19.00 6.87
N LYS A 220 42.16 -19.59 5.78
CA LYS A 220 42.57 -19.20 4.43
C LYS A 220 41.78 -18.01 3.89
N ASN A 221 40.79 -17.56 4.66
CA ASN A 221 40.00 -16.40 4.25
C ASN A 221 40.66 -15.08 4.63
N THR A 222 40.78 -14.20 3.66
CA THR A 222 41.52 -12.95 3.85
C THR A 222 40.64 -11.74 3.54
N PRO A 223 40.69 -10.70 4.41
CA PRO A 223 39.89 -9.51 4.15
C PRO A 223 40.34 -8.78 2.89
N ILE A 224 39.38 -8.17 2.19
CA ILE A 224 39.69 -7.45 0.96
C ILE A 224 39.21 -6.01 1.03
N MET A 225 39.83 -5.18 0.19
CA MET A 225 39.32 -3.84 -0.08
C MET A 225 38.82 -3.84 -1.53
N PHE A 226 37.98 -2.87 -1.85
CA PHE A 226 37.44 -2.75 -3.20
C PHE A 226 38.17 -1.65 -3.95
N ALA A 227 38.85 -2.03 -5.02
CA ALA A 227 39.70 -1.12 -5.77
C ALA A 227 38.96 -0.42 -6.89
N SER A 228 39.15 0.90 -6.98
CA SER A 228 38.56 1.69 -8.04
C SER A 228 39.66 2.51 -8.69
N VAL A 229 39.44 2.94 -9.92
CA VAL A 229 40.41 3.78 -10.58
C VAL A 229 40.16 5.21 -10.12
N VAL A 230 41.18 5.83 -9.55
CA VAL A 230 41.03 7.14 -8.94
C VAL A 230 41.99 8.14 -9.57
N ARG A 231 41.49 9.36 -9.76
CA ARG A 231 42.29 10.43 -10.35
C ARG A 231 43.51 10.74 -9.48
N ARG A 232 44.60 11.12 -10.13
CA ARG A 232 45.79 11.55 -9.41
C ARG A 232 46.27 12.90 -9.91
N THR A 233 46.83 13.69 -9.00
CA THR A 233 47.20 15.07 -9.29
C THR A 233 48.30 15.18 -10.34
N GLY A 234 49.24 14.24 -10.35
CA GLY A 234 50.36 14.26 -11.28
C GLY A 234 49.99 14.12 -12.74
N ASP A 235 48.92 13.37 -12.99
CA ASP A 235 48.40 13.18 -14.34
C ASP A 235 46.89 13.06 -14.22
N ILE A 236 46.22 14.20 -14.17
CA ILE A 236 44.80 14.26 -13.80
C ILE A 236 43.93 13.63 -14.87
N ASN A 237 44.42 13.61 -16.11
CA ASN A 237 43.71 13.00 -17.23
C ASN A 237 43.73 11.46 -17.24
N ALA A 238 44.72 10.87 -16.56
CA ALA A 238 44.91 9.42 -16.57
C ALA A 238 43.70 8.68 -16.02
N GLU A 239 43.27 7.65 -16.74
CA GLU A 239 42.17 6.79 -16.34
C GLU A 239 42.65 5.33 -16.40
N ALA A 240 41.75 4.39 -16.54
CA ALA A 240 42.14 2.98 -16.62
C ALA A 240 42.99 2.72 -17.87
N GLY A 241 44.12 2.05 -17.69
CA GLY A 241 44.97 1.66 -18.80
C GLY A 241 45.98 2.72 -19.23
N SER A 242 46.18 3.74 -18.41
CA SER A 242 47.08 4.83 -18.77
C SER A 242 48.51 4.32 -18.94
N THR A 243 49.22 4.83 -19.94
CA THR A 243 50.59 4.41 -20.20
C THR A 243 51.54 4.92 -19.11
N ASN A 244 51.03 5.76 -18.22
CA ASN A 244 51.77 6.16 -17.03
C ASN A 244 51.40 5.30 -15.83
N GLY A 245 50.66 4.23 -16.09
CA GLY A 245 50.23 3.35 -15.02
C GLY A 245 48.82 3.67 -14.55
N THR A 246 48.12 2.65 -14.06
CA THR A 246 46.75 2.83 -13.60
C THR A 246 46.76 3.00 -12.08
N GLN A 247 46.09 4.03 -11.60
CA GLN A 247 46.05 4.32 -10.17
C GLN A 247 44.77 3.81 -9.53
N TYR A 248 44.94 3.00 -8.48
CA TYR A 248 43.81 2.48 -7.72
C TYR A 248 43.66 3.17 -6.38
N GLY A 249 42.42 3.55 -6.05
CA GLY A 249 42.06 3.89 -4.69
C GLY A 249 41.35 2.67 -4.13
N ALA A 250 41.31 2.54 -2.81
CA ALA A 250 40.66 1.39 -2.20
C ALA A 250 39.71 1.80 -1.09
N GLY A 251 38.59 1.07 -0.97
CA GLY A 251 37.63 1.28 0.09
C GLY A 251 37.27 -0.04 0.74
N SER A 252 36.83 0.03 1.99
CA SER A 252 36.43 -1.16 2.75
C SER A 252 35.15 -1.83 2.22
N GLN A 253 34.22 -1.02 1.70
CA GLN A 253 32.94 -1.56 1.24
C GLN A 253 32.50 -0.94 -0.08
N PRO A 254 31.66 -1.66 -0.84
CA PRO A 254 30.98 -1.01 -1.96
C PRO A 254 29.93 -0.07 -1.38
N LEU A 255 29.83 1.16 -1.89
CA LEU A 255 28.90 2.13 -1.32
C LEU A 255 27.44 1.65 -1.28
N PRO A 256 26.96 0.93 -2.33
CA PRO A 256 25.58 0.43 -2.22
C PRO A 256 25.35 -0.50 -1.02
N VAL A 257 26.36 -1.27 -0.64
CA VAL A 257 26.25 -2.11 0.55
C VAL A 257 26.20 -1.24 1.80
N THR A 258 27.07 -0.23 1.85
CA THR A 258 27.10 0.69 2.98
C THR A 258 25.75 1.38 3.15
N VAL A 259 25.18 1.82 2.04
CA VAL A 259 23.88 2.46 2.07
C VAL A 259 22.79 1.50 2.60
N GLY A 260 22.78 0.30 2.06
CA GLY A 260 21.82 -0.71 2.47
C GLY A 260 21.94 -1.07 3.94
N LEU A 261 23.17 -1.20 4.42
CA LEU A 261 23.42 -1.49 5.83
C LEU A 261 22.99 -0.34 6.73
N SER A 262 23.10 0.89 6.23
CA SER A 262 22.71 2.06 7.00
C SER A 262 21.18 2.23 7.12
N LEU A 263 20.43 1.59 6.24
CA LEU A 263 18.99 1.79 6.21
C LEU A 263 18.21 0.71 6.96
N ASN A 264 18.85 -0.42 7.21
CA ASN A 264 18.20 -1.53 7.90
C ASN A 264 19.13 -2.22 8.89
N ASN A 265 18.55 -2.94 9.84
CA ASN A 265 19.33 -3.71 10.78
C ASN A 265 19.26 -5.17 10.41
N TYR A 266 20.43 -5.72 10.06
CA TYR A 266 20.52 -7.09 9.57
C TYR A 266 21.06 -8.04 10.65
N SER A 267 20.94 -7.65 11.91
CA SER A 267 21.53 -8.43 13.00
C SER A 267 20.97 -9.85 13.08
N SER A 268 19.68 -10.00 12.81
CA SER A 268 19.05 -11.33 12.83
C SER A 268 19.52 -12.21 11.65
N ALA A 269 19.88 -11.57 10.54
CA ALA A 269 20.31 -12.30 9.34
C ALA A 269 21.61 -13.07 9.50
N LEU A 270 22.54 -12.53 10.28
CA LEU A 270 23.87 -13.13 10.40
C LEU A 270 24.39 -13.06 11.83
N MET A 271 25.02 -14.12 12.31
CA MET A 271 25.66 -14.10 13.62
C MET A 271 27.18 -13.98 13.52
N PRO A 272 27.85 -13.57 14.61
CA PRO A 272 29.31 -13.59 14.62
C PRO A 272 29.87 -15.00 14.37
N GLY A 273 30.99 -15.08 13.66
CA GLY A 273 31.57 -16.37 13.27
C GLY A 273 31.01 -16.88 11.96
N GLN A 274 30.10 -16.11 11.36
CA GLN A 274 29.53 -16.44 10.06
C GLN A 274 29.87 -15.42 8.97
N PHE A 275 29.90 -15.88 7.73
CA PHE A 275 29.95 -14.99 6.57
C PHE A 275 28.63 -15.09 5.83
N PHE A 276 28.12 -13.99 5.30
CA PHE A 276 27.12 -14.16 4.27
C PHE A 276 27.87 -14.24 2.95
N VAL A 277 27.64 -15.34 2.22
CA VAL A 277 28.42 -15.64 1.03
C VAL A 277 27.66 -15.35 -0.26
N TRP A 278 28.37 -14.79 -1.24
CA TRP A 278 27.87 -14.65 -2.61
C TRP A 278 28.85 -15.36 -3.52
N GLN A 279 28.34 -15.92 -4.62
CA GLN A 279 29.20 -16.49 -5.65
C GLN A 279 29.38 -15.52 -6.82
N LEU A 280 30.63 -15.27 -7.17
CA LEU A 280 30.95 -14.40 -8.27
C LEU A 280 31.30 -15.25 -9.49
N ASN A 281 30.44 -15.25 -10.48
CA ASN A 281 30.64 -16.04 -11.68
C ASN A 281 31.33 -15.24 -12.77
N PHE A 282 32.55 -15.64 -13.13
CA PHE A 282 33.33 -14.99 -14.16
C PHE A 282 33.16 -15.73 -15.49
N ALA A 283 33.76 -15.18 -16.54
CA ALA A 283 33.71 -15.80 -17.85
C ALA A 283 34.34 -17.19 -17.77
N SER A 284 35.50 -17.27 -17.12
CA SER A 284 36.14 -18.55 -16.87
C SER A 284 36.35 -18.74 -15.38
N GLY A 285 35.53 -19.60 -14.78
CA GLY A 285 35.64 -19.87 -13.36
C GLY A 285 34.75 -19.03 -12.46
N PHE A 286 34.94 -19.19 -11.15
CA PHE A 286 34.16 -18.49 -10.16
C PHE A 286 34.86 -18.42 -8.81
N MET A 287 34.38 -17.54 -7.94
CA MET A 287 34.92 -17.39 -6.60
C MET A 287 33.81 -16.98 -5.65
N GLU A 288 34.06 -17.15 -4.35
CA GLU A 288 33.09 -16.74 -3.35
C GLU A 288 33.56 -15.51 -2.60
N LEU A 289 32.62 -14.65 -2.26
CA LEU A 289 32.88 -13.51 -1.41
C LEU A 289 32.07 -13.66 -0.13
N GLY A 290 32.70 -13.36 1.01
CA GLY A 290 32.02 -13.46 2.30
C GLY A 290 31.96 -12.12 3.04
N LEU A 291 30.81 -11.87 3.67
CA LEU A 291 30.60 -10.67 4.47
C LEU A 291 30.41 -11.01 5.94
N SER A 292 31.24 -10.45 6.82
CA SER A 292 31.08 -10.66 8.27
C SER A 292 30.10 -9.65 8.86
N VAL A 293 29.66 -9.88 10.11
CA VAL A 293 28.73 -8.97 10.78
C VAL A 293 29.35 -7.60 11.00
N ASP A 294 30.68 -7.54 11.11
CA ASP A 294 31.36 -6.26 11.25
C ASP A 294 31.42 -5.49 9.93
N GLY A 295 30.88 -6.12 8.88
CA GLY A 295 30.78 -5.47 7.59
C GLY A 295 31.98 -5.59 6.67
N TYR A 296 32.95 -6.41 7.06
CA TYR A 296 34.13 -6.62 6.23
C TYR A 296 33.94 -7.75 5.21
N PHE A 297 34.53 -7.57 4.04
CA PHE A 297 34.48 -8.60 3.00
C PHE A 297 35.75 -9.45 2.96
N TYR A 298 35.57 -10.73 2.66
CA TYR A 298 36.68 -11.70 2.61
C TYR A 298 36.70 -12.49 1.32
N ALA A 299 37.89 -12.96 0.96
CA ALA A 299 38.06 -13.92 -0.14
C ALA A 299 38.97 -15.05 0.33
N GLY A 300 38.81 -16.23 -0.26
CA GLY A 300 39.60 -17.38 0.14
C GLY A 300 40.95 -17.42 -0.56
N THR A 301 41.66 -16.30 -0.53
CA THR A 301 42.90 -16.17 -1.29
C THR A 301 44.17 -16.32 -0.46
N GLY A 302 44.01 -16.60 0.83
CA GLY A 302 45.14 -16.84 1.70
C GLY A 302 46.13 -15.69 1.78
N ALA A 303 47.41 -15.99 1.55
CA ALA A 303 48.48 -15.01 1.69
C ALA A 303 48.65 -14.10 0.47
N SER A 304 47.87 -14.35 -0.58
CA SER A 304 47.99 -13.58 -1.81
C SER A 304 47.65 -12.10 -1.62
N ALA A 305 48.47 -11.23 -2.19
CA ALA A 305 48.22 -9.79 -2.18
C ALA A 305 47.89 -9.29 -3.57
N THR A 306 47.72 -10.22 -4.50
CA THR A 306 47.49 -9.88 -5.90
C THR A 306 46.06 -9.41 -6.17
N LEU A 307 45.95 -8.28 -6.85
CA LEU A 307 44.65 -7.72 -7.19
C LEU A 307 43.87 -8.65 -8.09
N ILE A 308 42.58 -8.80 -7.82
CA ILE A 308 41.70 -9.62 -8.64
C ILE A 308 40.88 -8.72 -9.57
N ASP A 309 41.12 -8.86 -10.86
CA ASP A 309 40.43 -8.07 -11.88
C ASP A 309 38.97 -8.48 -12.05
N LEU A 310 38.05 -7.51 -12.04
CA LEU A 310 36.64 -7.81 -12.18
C LEU A 310 36.09 -7.59 -13.60
N SER A 311 36.96 -7.28 -14.55
CA SER A 311 36.52 -7.00 -15.92
C SER A 311 35.77 -8.18 -16.55
N GLU A 312 36.09 -9.40 -16.14
CA GLU A 312 35.42 -10.57 -16.69
C GLU A 312 34.35 -11.16 -15.76
N LEU A 313 33.94 -10.40 -14.74
CA LEU A 313 32.86 -10.83 -13.87
C LEU A 313 31.53 -10.76 -14.64
N VAL A 314 30.78 -11.85 -14.64
CA VAL A 314 29.54 -11.92 -15.41
C VAL A 314 28.31 -11.69 -14.53
N ASP A 315 28.21 -12.42 -13.42
CA ASP A 315 27.09 -12.23 -12.51
C ASP A 315 27.37 -12.67 -11.07
N ILE A 316 26.53 -12.19 -10.16
CA ILE A 316 26.64 -12.52 -8.74
C ILE A 316 25.38 -13.26 -8.31
N ARG A 317 25.55 -14.36 -7.57
CA ARG A 317 24.43 -15.12 -7.02
C ARG A 317 24.62 -15.30 -5.51
N PRO A 318 23.59 -15.02 -4.72
CA PRO A 318 23.70 -15.22 -3.27
C PRO A 318 23.77 -16.69 -2.89
N VAL A 319 24.66 -17.02 -1.96
CA VAL A 319 24.79 -18.38 -1.44
C VAL A 319 24.14 -18.51 -0.06
N GLY A 320 24.41 -17.55 0.83
CA GLY A 320 23.80 -17.57 2.16
C GLY A 320 24.83 -17.63 3.27
N PRO A 321 24.37 -17.79 4.53
CA PRO A 321 25.31 -17.85 5.64
C PRO A 321 26.15 -19.12 5.63
N ARG A 322 27.44 -18.97 5.88
CA ARG A 322 28.38 -20.08 5.98
C ARG A 322 29.34 -19.80 7.13
N PRO A 323 29.97 -20.83 7.71
CA PRO A 323 30.94 -20.57 8.77
C PRO A 323 32.15 -19.79 8.24
N SER A 324 32.59 -18.78 8.97
CA SER A 324 33.72 -17.95 8.55
C SER A 324 35.00 -18.77 8.49
N THR A 325 35.01 -19.90 9.18
CA THR A 325 36.15 -20.81 9.19
C THR A 325 36.22 -21.67 7.94
N SER A 326 35.11 -21.77 7.21
CA SER A 326 35.10 -22.51 5.95
C SER A 326 35.77 -21.71 4.85
N THR A 327 36.74 -22.32 4.18
CA THR A 327 37.48 -21.64 3.12
C THR A 327 36.55 -21.27 1.97
N LEU A 328 36.51 -19.99 1.64
CA LEU A 328 35.72 -19.53 0.51
C LEU A 328 36.34 -20.06 -0.78
N VAL A 329 35.49 -20.59 -1.65
CA VAL A 329 35.99 -21.17 -2.89
C VAL A 329 36.62 -20.09 -3.76
N TYR A 330 37.80 -20.40 -4.29
CA TYR A 330 38.45 -19.54 -5.29
C TYR A 330 38.87 -20.41 -6.47
N ASN A 331 38.09 -20.37 -7.53
CA ASN A 331 38.35 -21.18 -8.72
C ASN A 331 38.52 -20.36 -9.99
N LEU A 332 39.53 -19.48 -10.00
CA LEU A 332 39.84 -18.66 -11.16
C LEU A 332 41.19 -19.04 -11.75
N SER B 1 8.36 -5.08 -13.22
CA SER B 1 7.64 -3.98 -12.59
C SER B 1 8.59 -2.89 -12.10
N PRO B 2 8.25 -1.64 -12.37
CA PRO B 2 9.08 -0.48 -11.99
C PRO B 2 8.94 -0.08 -10.54
N ALA B 3 8.18 -0.85 -9.75
CA ALA B 3 7.78 -0.44 -8.41
C ALA B 3 8.95 -0.11 -7.49
N ASP B 4 10.03 -0.88 -7.56
CA ASP B 4 11.16 -0.67 -6.67
C ASP B 4 12.11 0.45 -7.11
N LEU B 5 11.80 1.10 -8.23
CA LEU B 5 12.57 2.27 -8.63
C LEU B 5 12.42 3.37 -7.59
N LEU B 6 11.20 3.55 -7.11
CA LEU B 6 10.91 4.58 -6.12
C LEU B 6 10.51 3.95 -4.78
N THR B 7 11.45 3.88 -3.85
CA THR B 7 11.15 3.38 -2.51
C THR B 7 11.28 4.53 -1.52
N THR B 8 10.88 4.29 -0.28
CA THR B 8 10.78 5.36 0.71
C THR B 8 12.08 6.17 0.89
N PRO B 9 13.25 5.50 1.03
CA PRO B 9 14.46 6.31 1.24
C PRO B 9 14.82 7.25 0.08
N VAL B 10 14.34 6.99 -1.13
CA VAL B 10 14.64 7.83 -2.29
C VAL B 10 14.17 9.26 -2.09
N LEU B 11 13.03 9.44 -1.41
CA LEU B 11 12.47 10.76 -1.19
C LEU B 11 12.44 11.21 0.26
N THR B 12 12.91 10.36 1.17
CA THR B 12 12.91 10.75 2.58
C THR B 12 14.32 11.03 3.12
N GLY B 13 15.26 11.30 2.22
CA GLY B 13 16.56 11.80 2.65
C GLY B 13 17.82 11.10 2.17
N VAL B 14 17.68 9.93 1.56
CA VAL B 14 18.83 9.22 1.01
C VAL B 14 19.02 9.54 -0.48
N GLY B 15 17.92 9.53 -1.22
CA GLY B 15 17.97 9.79 -2.65
C GLY B 15 18.37 11.21 -2.98
N THR B 16 19.21 11.36 -4.02
CA THR B 16 19.64 12.68 -4.47
C THR B 16 19.09 12.98 -5.87
N ASP B 17 19.09 14.25 -6.26
CA ASP B 17 18.64 14.63 -7.60
C ASP B 17 19.73 14.38 -8.66
N ASN B 18 19.30 14.14 -9.89
CA ASN B 18 20.21 13.77 -10.97
C ASN B 18 20.94 14.94 -11.66
N ARG B 19 20.72 16.16 -11.16
CA ARG B 19 21.48 17.31 -11.67
C ARG B 19 22.57 17.82 -10.70
N TRP B 20 22.19 17.99 -9.43
CA TRP B 20 23.08 18.54 -8.40
C TRP B 20 23.61 17.51 -7.39
N ASN B 21 23.02 16.32 -7.37
CA ASN B 21 23.38 15.28 -6.42
C ASN B 21 23.15 15.73 -4.97
N GLY B 22 22.17 16.62 -4.78
CA GLY B 22 21.76 17.03 -3.45
C GLY B 22 20.64 16.16 -2.91
N GLU B 23 20.55 16.03 -1.58
CA GLU B 23 19.48 15.23 -0.99
C GLU B 23 18.13 15.87 -1.28
N ILE B 24 17.21 15.09 -1.85
CA ILE B 24 15.89 15.61 -2.23
C ILE B 24 15.05 15.92 -1.00
N VAL B 25 14.53 17.14 -0.93
CA VAL B 25 13.71 17.55 0.22
C VAL B 25 12.37 18.12 -0.22
N GLY B 26 12.18 18.29 -1.52
CA GLY B 26 10.93 18.83 -2.02
C GLY B 26 10.59 18.44 -3.45
N LEU B 27 9.32 18.59 -3.80
CA LEU B 27 8.85 18.39 -5.17
C LEU B 27 8.41 19.74 -5.74
N GLN B 28 9.02 20.13 -6.86
CA GLN B 28 8.74 21.42 -7.47
C GLN B 28 7.92 21.27 -8.75
N PRO B 29 6.63 21.60 -8.71
CA PRO B 29 5.81 21.52 -9.91
C PRO B 29 6.23 22.54 -10.96
N VAL B 30 6.17 22.15 -12.23
CA VAL B 30 6.53 23.05 -13.32
C VAL B 30 5.36 23.16 -14.30
N PRO B 31 4.37 23.99 -13.98
CA PRO B 31 3.15 24.11 -14.78
C PRO B 31 3.45 24.60 -16.21
N GLY B 32 4.52 25.37 -16.36
CA GLY B 32 4.93 25.83 -17.68
C GLY B 32 5.53 24.72 -18.54
N GLY B 33 5.92 23.62 -17.91
CA GLY B 33 6.58 22.53 -18.63
C GLY B 33 8.08 22.71 -18.71
N PHE B 34 8.79 21.62 -18.96
CA PHE B 34 10.24 21.67 -19.15
C PHE B 34 10.77 20.45 -19.91
N SER B 35 12.03 20.50 -20.26
CA SER B 35 12.73 19.38 -20.87
C SER B 35 14.04 19.10 -20.16
N THR B 36 14.42 17.84 -20.07
CA THR B 36 15.73 17.46 -19.57
C THR B 36 16.21 16.16 -20.21
N CYS B 37 17.47 16.11 -20.62
CA CYS B 37 18.03 14.90 -21.20
C CYS B 37 19.27 14.42 -20.46
N ASN B 38 20.09 15.34 -19.98
CA ASN B 38 21.35 14.96 -19.36
C ASN B 38 21.18 14.25 -18.02
N ARG B 39 21.79 13.07 -17.91
CA ARG B 39 21.63 12.18 -16.75
C ARG B 39 20.14 11.90 -16.51
N HIS B 40 19.41 11.81 -17.61
CA HIS B 40 17.98 11.49 -17.58
C HIS B 40 17.70 10.28 -18.47
N TRP B 41 17.08 9.25 -17.91
CA TRP B 41 16.76 8.03 -18.66
C TRP B 41 15.26 7.87 -18.82
N ASN B 42 14.84 7.14 -19.87
CA ASN B 42 13.43 6.80 -20.05
C ASN B 42 13.22 5.34 -19.68
N LEU B 43 12.02 4.83 -19.90
CA LEU B 43 11.69 3.46 -19.53
C LEU B 43 12.02 2.47 -20.65
N ASN B 44 12.65 2.95 -21.71
CA ASN B 44 13.14 2.11 -22.78
C ASN B 44 14.66 2.01 -22.71
N GLY B 45 15.21 2.28 -21.52
CA GLY B 45 16.62 2.10 -21.23
C GLY B 45 17.57 3.04 -21.92
N SER B 46 17.08 4.21 -22.32
CA SER B 46 17.87 5.11 -23.14
C SER B 46 17.89 6.55 -22.62
N THR B 47 18.95 7.27 -22.98
CA THR B 47 19.11 8.69 -22.67
C THR B 47 19.40 9.50 -23.93
N PHE B 48 18.92 10.75 -23.95
CA PHE B 48 19.24 11.69 -25.01
C PHE B 48 20.44 12.56 -24.62
N GLY B 49 20.91 12.37 -23.40
CA GLY B 49 21.98 13.16 -22.82
C GLY B 49 23.37 12.66 -23.09
N TRP B 50 24.35 13.26 -22.41
CA TRP B 50 25.76 12.93 -22.59
C TRP B 50 26.44 12.42 -21.32
N SER B 51 25.66 12.16 -20.27
CA SER B 51 26.23 11.79 -18.97
C SER B 51 25.70 10.48 -18.41
N SER B 52 26.59 9.71 -17.79
CA SER B 52 26.20 8.50 -17.07
C SER B 52 25.58 8.85 -15.71
N PRO B 53 24.79 7.93 -15.14
CA PRO B 53 24.10 8.23 -13.87
C PRO B 53 25.02 8.16 -12.66
N ARG B 54 25.94 9.11 -12.56
CA ARG B 54 26.89 9.18 -11.48
C ARG B 54 27.47 10.59 -11.40
N PHE B 55 28.13 10.90 -10.29
CA PHE B 55 28.79 12.20 -10.16
C PHE B 55 30.27 12.02 -9.85
N ALA B 56 31.09 12.16 -10.87
CA ALA B 56 32.53 11.99 -10.72
C ALA B 56 33.25 13.27 -11.11
N ALA B 57 33.86 13.28 -12.29
CA ALA B 57 34.62 14.42 -12.76
C ALA B 57 34.34 14.73 -14.23
N ILE B 58 34.53 15.99 -14.58
CA ILE B 58 34.38 16.46 -15.95
C ILE B 58 35.77 16.65 -16.55
N ASP B 59 36.04 15.97 -17.66
CA ASP B 59 37.37 15.95 -18.26
C ASP B 59 37.27 16.13 -19.78
N HIS B 60 37.92 17.17 -20.29
CA HIS B 60 38.04 17.41 -21.73
C HIS B 60 39.46 17.86 -22.08
N ASP B 61 40.09 17.20 -23.05
CA ASP B 61 41.51 17.41 -23.31
C ASP B 61 41.89 18.46 -24.36
N ARG B 62 40.91 19.11 -24.99
CA ARG B 62 41.25 20.00 -26.09
C ARG B 62 40.33 21.22 -26.19
N GLY B 63 40.69 22.27 -25.45
CA GLY B 63 39.96 23.53 -25.52
C GLY B 63 40.94 24.69 -25.57
N ASN B 64 40.40 25.89 -25.69
CA ASN B 64 41.20 27.10 -25.72
C ASN B 64 41.18 27.75 -24.34
N ALA B 65 42.36 28.01 -23.79
CA ALA B 65 42.46 28.67 -22.48
C ALA B 65 43.09 30.05 -22.60
N SER B 66 42.49 31.04 -21.91
CA SER B 66 43.00 32.40 -21.96
C SER B 66 42.62 33.25 -20.75
N TYR B 67 43.25 34.41 -20.64
CA TYR B 67 42.93 35.42 -19.63
C TYR B 67 43.14 36.79 -20.30
N PRO B 68 42.38 37.82 -19.85
CA PRO B 68 42.50 39.14 -20.46
C PRO B 68 43.70 39.95 -19.96
N GLY B 69 44.29 40.75 -20.84
CA GLY B 69 45.32 41.71 -20.45
C GLY B 69 46.75 41.21 -20.39
N SER B 70 47.62 42.05 -19.83
CA SER B 70 49.06 41.79 -19.82
C SER B 70 49.57 41.42 -18.45
N SER B 71 48.70 41.46 -17.45
CA SER B 71 49.05 41.04 -16.11
C SER B 71 48.40 39.69 -15.84
N SER B 72 49.21 38.66 -15.59
CA SER B 72 48.72 37.30 -15.38
C SER B 72 48.23 36.99 -13.95
N SER B 73 48.52 37.86 -13.00
CA SER B 73 48.14 37.58 -11.62
C SER B 73 46.69 37.95 -11.31
N ASN B 74 46.03 37.10 -10.55
CA ASN B 74 44.62 37.26 -10.13
C ASN B 74 43.70 37.66 -11.28
N VAL B 75 43.52 36.73 -12.22
CA VAL B 75 42.74 36.98 -13.44
C VAL B 75 41.64 35.95 -13.60
N LEU B 76 40.59 36.31 -14.33
CA LEU B 76 39.54 35.36 -14.65
C LEU B 76 39.98 34.48 -15.81
N GLU B 77 40.12 33.18 -15.55
CA GLU B 77 40.54 32.22 -16.56
C GLU B 77 39.36 31.72 -17.41
N LEU B 78 39.51 31.76 -18.73
CA LEU B 78 38.44 31.34 -19.63
C LEU B 78 38.79 30.09 -20.43
N TRP B 79 37.91 29.09 -20.43
CA TRP B 79 38.11 27.88 -21.20
C TRP B 79 36.89 27.58 -22.05
N TYR B 80 37.08 27.22 -23.31
CA TYR B 80 35.94 26.86 -24.12
C TYR B 80 36.30 25.90 -25.26
N ALA B 81 35.28 25.20 -25.73
CA ALA B 81 35.42 24.26 -26.81
C ALA B 81 34.08 24.11 -27.50
N SER B 82 34.07 23.47 -28.65
CA SER B 82 32.83 23.24 -29.36
C SER B 82 32.07 22.05 -28.76
N ALA B 83 30.75 22.19 -28.68
CA ALA B 83 29.91 21.03 -28.41
C ALA B 83 30.03 20.06 -29.58
N GLY B 84 29.98 18.77 -29.29
CA GLY B 84 30.19 17.75 -30.32
C GLY B 84 31.65 17.34 -30.45
N SER B 85 32.52 17.94 -29.65
CA SER B 85 33.95 17.65 -29.71
C SER B 85 34.41 16.65 -28.65
N ALA B 86 33.48 16.11 -27.87
CA ALA B 86 33.84 15.20 -26.78
C ALA B 86 34.02 13.77 -27.29
N ALA B 87 35.04 13.58 -28.12
CA ALA B 87 35.27 12.31 -28.80
C ALA B 87 35.50 11.14 -27.84
N ASP B 88 36.07 11.42 -26.67
CA ASP B 88 36.39 10.39 -25.70
C ASP B 88 35.18 9.91 -24.89
N ASN B 89 34.03 10.57 -25.08
CA ASN B 89 32.83 10.21 -24.33
C ASN B 89 32.00 9.18 -25.09
N PRO B 90 31.95 7.95 -24.55
CA PRO B 90 31.26 6.81 -25.20
C PRO B 90 29.74 6.99 -25.27
N ILE B 91 29.19 7.77 -24.35
CA ILE B 91 27.76 8.03 -24.33
C ILE B 91 27.33 8.95 -25.48
N SER B 92 27.98 10.10 -25.57
CA SER B 92 27.64 11.10 -26.57
C SER B 92 28.83 12.02 -26.80
N GLN B 93 28.98 12.51 -28.03
CA GLN B 93 30.09 13.41 -28.31
C GLN B 93 29.73 14.87 -28.03
N ILE B 94 28.49 15.10 -27.61
CA ILE B 94 27.99 16.45 -27.39
C ILE B 94 28.84 17.21 -26.39
N ALA B 95 29.13 16.58 -25.26
CA ALA B 95 29.87 17.21 -24.19
C ALA B 95 30.52 16.16 -23.31
N PRO B 96 31.52 16.56 -22.50
CA PRO B 96 32.13 15.57 -21.60
C PRO B 96 31.10 15.01 -20.63
N ASP B 97 31.30 13.76 -20.21
CA ASP B 97 30.42 13.13 -19.25
C ASP B 97 30.40 13.99 -17.99
N GLY B 98 29.22 14.41 -17.57
CA GLY B 98 29.08 15.25 -16.38
C GLY B 98 29.02 16.76 -16.60
N PHE B 99 29.27 17.23 -17.82
CA PHE B 99 29.14 18.66 -18.09
C PHE B 99 27.69 19.09 -17.84
N PRO B 100 27.49 20.14 -17.04
CA PRO B 100 26.11 20.51 -16.67
C PRO B 100 25.27 20.96 -17.86
N ASP B 101 23.99 20.57 -17.85
CA ASP B 101 23.05 20.96 -18.90
C ASP B 101 22.45 22.34 -18.63
N MET B 102 23.29 23.31 -18.33
CA MET B 102 22.82 24.66 -18.04
C MET B 102 23.46 25.68 -18.97
N SER B 103 22.69 26.68 -19.37
CA SER B 103 23.19 27.74 -20.24
C SER B 103 24.16 28.64 -19.47
N PHE B 104 25.21 29.08 -20.16
CA PHE B 104 26.24 29.90 -19.54
C PHE B 104 25.79 31.35 -19.27
N VAL B 105 26.05 31.82 -18.05
CA VAL B 105 25.78 33.19 -17.66
C VAL B 105 27.09 33.98 -17.72
N PRO B 106 27.21 34.90 -18.68
CA PRO B 106 28.44 35.67 -18.88
C PRO B 106 28.72 36.64 -17.75
N PHE B 107 29.99 36.92 -17.51
CA PHE B 107 30.44 37.86 -16.51
C PHE B 107 31.87 38.25 -16.82
N SER B 108 32.30 39.40 -16.33
CA SER B 108 33.67 39.85 -16.54
C SER B 108 34.05 40.86 -15.47
N GLY B 109 35.32 41.23 -15.43
CA GLY B 109 35.78 42.19 -14.43
C GLY B 109 35.74 41.61 -13.04
N THR B 110 34.93 42.23 -12.18
CA THR B 110 34.80 41.77 -10.80
C THR B 110 33.42 41.21 -10.48
N THR B 111 32.59 41.07 -11.51
CA THR B 111 31.25 40.51 -11.36
C THR B 111 31.25 38.99 -11.15
N VAL B 112 30.55 38.52 -10.12
CA VAL B 112 30.31 37.09 -9.92
C VAL B 112 28.92 36.82 -10.48
N PRO B 113 28.80 35.82 -11.38
CA PRO B 113 27.53 35.56 -12.07
C PRO B 113 26.42 35.05 -11.14
N THR B 114 25.17 35.32 -11.51
CA THR B 114 24.03 34.79 -10.75
C THR B 114 23.43 33.58 -11.45
N ALA B 115 23.14 32.54 -10.65
CA ALA B 115 22.48 31.32 -11.09
C ALA B 115 23.29 30.49 -12.08
N GLY B 116 24.62 30.54 -11.97
CA GLY B 116 25.48 29.67 -12.74
C GLY B 116 25.75 28.33 -12.06
N TRP B 117 25.96 27.28 -12.84
CA TRP B 117 26.49 26.03 -12.31
C TRP B 117 27.98 26.22 -12.06
N VAL B 118 28.42 25.99 -10.84
CA VAL B 118 29.82 26.16 -10.50
C VAL B 118 30.46 24.89 -9.95
N GLY B 119 31.67 24.59 -10.43
CA GLY B 119 32.40 23.42 -9.96
C GLY B 119 33.85 23.77 -9.71
N PHE B 120 34.55 22.94 -8.95
CA PHE B 120 35.93 23.23 -8.62
C PHE B 120 36.88 22.41 -9.49
N GLY B 121 37.96 23.04 -9.92
CA GLY B 121 38.92 22.41 -10.80
C GLY B 121 39.86 23.41 -11.43
N GLY B 122 40.35 23.09 -12.61
CA GLY B 122 41.26 23.97 -13.29
C GLY B 122 41.65 23.46 -14.67
N ILE B 123 42.66 24.10 -15.23
CA ILE B 123 43.18 23.77 -16.54
C ILE B 123 44.34 22.80 -16.39
N TRP B 124 44.56 21.96 -17.41
CA TRP B 124 45.71 21.07 -17.41
C TRP B 124 46.34 20.96 -18.80
N ASN B 125 47.59 20.47 -18.83
CA ASN B 125 48.40 20.45 -20.04
C ASN B 125 48.09 19.26 -20.94
N SER B 126 47.56 19.55 -22.13
CA SER B 126 47.11 18.55 -23.09
C SER B 126 48.19 17.57 -23.52
N SER B 127 49.43 18.04 -23.54
CA SER B 127 50.54 17.20 -23.98
C SER B 127 50.94 16.10 -22.97
N ASN B 128 50.84 16.38 -21.68
CA ASN B 128 51.31 15.40 -20.68
C ASN B 128 50.38 15.11 -19.51
N GLY B 129 49.27 15.83 -19.40
CA GLY B 129 48.32 15.59 -18.33
C GLY B 129 48.57 16.36 -17.04
N ALA B 130 49.69 17.07 -16.96
CA ALA B 130 50.04 17.82 -15.76
C ALA B 130 49.11 19.02 -15.55
N PRO B 131 48.65 19.22 -14.31
CA PRO B 131 47.77 20.35 -14.06
C PRO B 131 48.49 21.69 -14.20
N PHE B 132 47.77 22.70 -14.66
CA PHE B 132 48.25 24.07 -14.53
C PHE B 132 47.83 24.55 -13.15
N VAL B 133 48.72 24.37 -12.18
CA VAL B 133 48.39 24.51 -10.77
C VAL B 133 47.97 25.92 -10.36
N THR B 134 48.36 26.92 -11.14
CA THR B 134 48.02 28.29 -10.84
C THR B 134 46.63 28.68 -11.33
N THR B 135 45.92 27.73 -11.94
CA THR B 135 44.60 28.01 -12.51
C THR B 135 43.45 27.41 -11.75
N VAL B 136 43.75 26.74 -10.63
CA VAL B 136 42.71 26.13 -9.83
C VAL B 136 41.80 27.21 -9.26
N GLN B 137 40.49 27.00 -9.40
CA GLN B 137 39.49 27.93 -8.89
C GLN B 137 38.11 27.30 -8.97
N ALA B 138 37.11 28.03 -8.50
CA ALA B 138 35.72 27.71 -8.80
C ALA B 138 35.38 28.26 -10.19
N TYR B 139 34.82 27.39 -11.04
CA TYR B 139 34.49 27.74 -12.42
C TYR B 139 33.00 27.62 -12.70
N GLU B 140 32.41 28.60 -13.37
CA GLU B 140 31.09 28.39 -13.91
C GLU B 140 31.18 27.64 -15.23
N LEU B 141 30.40 26.59 -15.39
CA LEU B 141 30.32 25.84 -16.64
C LEU B 141 28.92 25.98 -17.25
N GLY B 142 28.86 26.07 -18.58
CA GLY B 142 27.60 26.15 -19.28
C GLY B 142 27.74 26.13 -20.80
N PHE B 143 26.61 26.01 -21.49
CA PHE B 143 26.59 26.08 -22.95
C PHE B 143 26.38 27.52 -23.41
N ALA B 144 27.14 27.93 -24.43
CA ALA B 144 27.03 29.29 -24.96
C ALA B 144 27.30 29.34 -26.45
N THR B 145 27.05 30.49 -27.05
CA THR B 145 27.58 30.82 -28.38
C THR B 145 28.23 32.18 -28.27
N GLY B 146 29.18 32.45 -29.17
CA GLY B 146 29.81 33.74 -29.23
C GLY B 146 31.08 33.88 -28.41
N ALA B 147 31.56 32.77 -27.85
CA ALA B 147 32.85 32.78 -27.16
C ALA B 147 33.95 32.94 -28.21
N PRO B 148 35.09 33.57 -27.84
CA PRO B 148 35.42 34.11 -26.52
C PRO B 148 35.04 35.57 -26.28
N SER B 149 34.74 36.33 -27.32
CA SER B 149 34.52 37.77 -27.15
C SER B 149 33.22 38.09 -26.43
N ASN B 150 32.14 37.40 -26.77
CA ASN B 150 30.83 37.71 -26.21
C ASN B 150 29.96 36.47 -26.02
N PRO B 151 30.31 35.64 -25.02
CA PRO B 151 29.53 34.43 -24.75
C PRO B 151 28.12 34.78 -24.27
N GLN B 152 27.12 34.13 -24.86
CA GLN B 152 25.72 34.31 -24.50
C GLN B 152 25.07 32.95 -24.32
N PRO B 153 24.09 32.84 -23.40
CA PRO B 153 23.46 31.55 -23.14
C PRO B 153 22.75 30.99 -24.37
N THR B 154 22.79 29.66 -24.50
CA THR B 154 22.01 28.95 -25.51
C THR B 154 21.44 27.70 -24.85
N THR B 155 20.26 27.28 -25.29
CA THR B 155 19.60 26.13 -24.67
C THR B 155 19.57 24.92 -25.60
N THR B 156 20.27 24.99 -26.71
CA THR B 156 20.43 23.82 -27.57
C THR B 156 21.90 23.46 -27.72
N THR B 157 22.18 22.16 -27.70
CA THR B 157 23.54 21.66 -27.85
C THR B 157 24.03 21.84 -29.29
N SER B 158 23.11 21.89 -30.24
CA SER B 158 23.49 21.97 -31.64
C SER B 158 24.13 23.31 -31.97
N GLY B 159 25.40 23.27 -32.39
CA GLY B 159 26.15 24.48 -32.73
C GLY B 159 26.67 25.27 -31.54
N ALA B 160 26.55 24.69 -30.35
CA ALA B 160 26.93 25.39 -29.12
C ALA B 160 28.41 25.30 -28.82
N GLN B 161 28.85 26.10 -27.84
CA GLN B 161 30.17 25.94 -27.26
C GLN B 161 29.99 25.50 -25.82
N ILE B 162 30.95 24.76 -25.30
CA ILE B 162 30.98 24.45 -23.88
C ILE B 162 32.02 25.37 -23.25
N VAL B 163 31.62 26.07 -22.19
CA VAL B 163 32.45 27.12 -21.61
C VAL B 163 32.67 26.91 -20.10
N ALA B 164 33.89 27.14 -19.65
CA ALA B 164 34.20 27.20 -18.23
C ALA B 164 34.95 28.49 -17.96
N LYS B 165 34.48 29.28 -16.99
CA LYS B 165 35.17 30.51 -16.64
C LYS B 165 35.22 30.67 -15.12
N SER B 166 36.41 30.92 -14.58
CA SER B 166 36.57 31.05 -13.14
C SER B 166 35.78 32.26 -12.63
N ILE B 167 34.99 32.07 -11.59
CA ILE B 167 34.18 33.15 -11.05
C ILE B 167 34.99 34.07 -10.14
N TYR B 168 36.17 33.60 -9.72
CA TYR B 168 37.12 34.40 -8.96
C TYR B 168 38.49 34.35 -9.64
N GLY B 169 39.38 35.26 -9.26
CA GLY B 169 40.72 35.29 -9.85
C GLY B 169 41.58 34.09 -9.51
N VAL B 170 42.17 33.48 -10.55
CA VAL B 170 43.16 32.41 -10.34
C VAL B 170 44.52 33.01 -10.00
N ALA B 171 45.40 32.21 -9.41
CA ALA B 171 46.71 32.70 -8.99
C ALA B 171 47.50 33.27 -10.17
N THR B 172 47.62 32.50 -11.24
CA THR B 172 48.26 33.02 -12.45
C THR B 172 47.54 32.50 -13.69
N GLY B 173 47.11 33.43 -14.53
CA GLY B 173 46.40 33.09 -15.75
C GLY B 173 47.28 32.33 -16.72
N ILE B 174 46.65 31.56 -17.60
CA ILE B 174 47.37 30.77 -18.58
C ILE B 174 46.73 30.93 -19.96
N ASN B 175 47.57 31.26 -20.94
CA ASN B 175 47.15 31.32 -22.33
C ASN B 175 47.63 30.09 -23.08
N GLN B 176 46.70 29.21 -23.47
CA GLN B 176 47.02 28.05 -24.30
C GLN B 176 45.97 27.81 -25.37
N ALA B 177 46.41 27.67 -26.62
CA ALA B 177 45.51 27.40 -27.74
C ALA B 177 44.82 26.04 -27.55
N THR B 178 45.57 25.09 -27.01
CA THR B 178 45.05 23.77 -26.69
C THR B 178 45.35 23.44 -25.22
N ALA B 179 44.31 23.24 -24.43
CA ALA B 179 44.49 22.92 -23.01
C ALA B 179 43.32 22.09 -22.48
N GLY B 180 43.58 21.33 -21.43
CA GLY B 180 42.56 20.48 -20.85
C GLY B 180 41.76 21.17 -19.77
N LEU B 181 40.53 20.72 -19.57
CA LEU B 181 39.68 21.14 -18.46
C LEU B 181 39.45 19.96 -17.51
N PHE B 182 39.56 20.19 -16.21
CA PHE B 182 39.17 19.18 -15.22
C PHE B 182 38.37 19.81 -14.09
N VAL B 183 37.11 19.40 -13.95
CA VAL B 183 36.22 19.97 -12.93
C VAL B 183 35.39 18.86 -12.26
N MET B 184 35.28 18.93 -10.94
CA MET B 184 34.45 17.98 -10.20
C MET B 184 32.98 18.11 -10.59
N ALA B 185 32.33 16.97 -10.81
CA ALA B 185 30.97 16.96 -11.35
C ALA B 185 29.90 17.41 -10.35
N SER B 186 30.25 17.52 -9.08
CA SER B 186 29.30 17.96 -8.06
C SER B 186 29.32 19.47 -7.92
N GLY B 187 28.25 20.12 -8.37
CA GLY B 187 28.25 21.56 -8.50
C GLY B 187 27.59 22.31 -7.36
N VAL B 188 27.83 23.62 -7.34
CA VAL B 188 27.17 24.54 -6.43
C VAL B 188 26.58 25.67 -7.27
N ILE B 189 25.70 26.48 -6.68
CA ILE B 189 25.05 27.55 -7.42
C ILE B 189 25.73 28.89 -7.16
N SER B 190 26.04 29.65 -8.21
CA SER B 190 26.72 30.92 -8.01
C SER B 190 25.74 32.00 -7.57
N THR B 191 26.07 32.69 -6.48
CA THR B 191 25.33 33.87 -6.05
C THR B 191 26.31 34.98 -5.70
N PRO B 192 25.99 36.24 -6.07
CA PRO B 192 26.87 37.39 -5.80
C PRO B 192 26.81 37.85 -4.35
N ASN B 193 25.79 37.40 -3.61
CA ASN B 193 25.64 37.77 -2.20
C ASN B 193 25.12 36.60 -1.38
N SER B 194 24.89 36.84 -0.09
CA SER B 194 24.46 35.80 0.82
C SER B 194 23.04 35.28 0.52
N SER B 195 22.25 36.10 -0.18
CA SER B 195 20.85 35.77 -0.44
C SER B 195 20.68 34.55 -1.34
N ALA B 196 19.70 33.72 -1.01
CA ALA B 196 19.30 32.62 -1.88
C ALA B 196 18.52 33.16 -3.07
N ILE B 197 18.55 32.42 -4.18
CA ILE B 197 17.75 32.79 -5.34
C ILE B 197 16.70 31.71 -5.57
N THR B 198 15.92 31.85 -6.63
CA THR B 198 14.88 30.87 -6.97
C THR B 198 15.49 29.51 -7.28
N TYR B 199 14.66 28.47 -7.38
CA TYR B 199 15.21 27.13 -7.64
C TYR B 199 15.99 27.14 -8.96
N THR B 200 17.10 26.42 -8.98
CA THR B 200 18.04 26.50 -10.10
C THR B 200 18.37 25.10 -10.60
N PRO B 201 18.32 24.90 -11.93
CA PRO B 201 17.98 25.87 -12.97
C PRO B 201 16.48 26.05 -13.20
N GLN B 202 16.09 27.27 -13.56
CA GLN B 202 14.76 27.51 -14.09
C GLN B 202 14.65 26.81 -15.44
N PRO B 203 13.42 26.49 -15.86
CA PRO B 203 13.24 25.70 -17.09
C PRO B 203 13.93 26.27 -18.34
N ASN B 204 13.88 27.60 -18.51
CA ASN B 204 14.49 28.21 -19.68
C ASN B 204 16.02 28.25 -19.67
N ARG B 205 16.63 27.79 -18.59
CA ARG B 205 18.10 27.72 -18.49
C ARG B 205 18.66 26.33 -18.82
N ILE B 206 17.77 25.35 -18.98
CA ILE B 206 18.20 23.98 -19.21
C ILE B 206 18.56 23.77 -20.69
N VAL B 207 19.71 23.14 -20.93
CA VAL B 207 20.20 22.86 -22.27
C VAL B 207 19.81 21.44 -22.68
N ASN B 208 19.25 21.30 -23.88
CA ASN B 208 18.78 19.99 -24.36
C ASN B 208 19.28 19.63 -25.77
N ALA B 209 19.55 18.35 -25.98
CA ALA B 209 19.94 17.85 -27.30
C ALA B 209 18.75 17.71 -28.24
N PRO B 210 18.98 17.76 -29.56
CA PRO B 210 17.88 17.59 -30.51
C PRO B 210 17.16 16.26 -30.29
N GLY B 211 15.83 16.27 -30.39
CA GLY B 211 15.04 15.07 -30.20
C GLY B 211 14.62 14.79 -28.77
N THR B 212 15.09 15.60 -27.84
CA THR B 212 14.72 15.44 -26.42
C THR B 212 13.23 15.67 -26.26
N PRO B 213 12.51 14.65 -25.76
CA PRO B 213 11.07 14.81 -25.57
C PRO B 213 10.79 15.80 -24.46
N ALA B 214 9.76 16.63 -24.62
CA ALA B 214 9.39 17.61 -23.62
C ALA B 214 8.41 17.06 -22.61
N ALA B 215 8.46 17.58 -21.38
CA ALA B 215 7.45 17.28 -20.38
C ALA B 215 6.45 18.41 -20.34
N ALA B 216 5.18 18.09 -20.59
CA ALA B 216 4.14 19.10 -20.60
C ALA B 216 2.99 18.65 -19.71
N PRO B 217 2.18 19.60 -19.24
CA PRO B 217 1.01 19.18 -18.46
C PRO B 217 0.08 18.28 -19.27
N ILE B 218 -0.45 17.26 -18.61
CA ILE B 218 -1.44 16.39 -19.20
C ILE B 218 -2.69 16.53 -18.34
N GLY B 219 -3.66 17.31 -18.82
CA GLY B 219 -4.83 17.62 -18.01
C GLY B 219 -4.44 18.34 -16.74
N LYS B 220 -4.90 17.84 -15.60
CA LYS B 220 -4.57 18.45 -14.33
C LYS B 220 -3.26 17.92 -13.76
N ASN B 221 -2.64 16.98 -14.48
CA ASN B 221 -1.34 16.45 -14.10
C ASN B 221 -0.21 17.32 -14.63
N THR B 222 0.72 17.68 -13.74
CA THR B 222 1.79 18.60 -14.06
C THR B 222 3.17 17.99 -13.78
N PRO B 223 4.12 18.16 -14.71
CA PRO B 223 5.47 17.62 -14.50
C PRO B 223 6.20 18.32 -13.34
N ILE B 224 7.02 17.58 -12.63
CA ILE B 224 7.74 18.14 -11.49
C ILE B 224 9.24 17.95 -11.60
N MET B 225 9.97 18.78 -10.88
CA MET B 225 11.40 18.55 -10.65
C MET B 225 11.59 18.18 -9.19
N PHE B 226 12.72 17.56 -8.88
CA PHE B 226 12.99 17.17 -7.51
C PHE B 226 13.93 18.18 -6.88
N ALA B 227 13.44 18.82 -5.83
CA ALA B 227 14.16 19.92 -5.20
C ALA B 227 15.08 19.41 -4.10
N SER B 228 16.33 19.86 -4.16
CA SER B 228 17.31 19.48 -3.15
C SER B 228 17.99 20.73 -2.63
N VAL B 229 18.59 20.63 -1.45
CA VAL B 229 19.33 21.76 -0.92
C VAL B 229 20.72 21.75 -1.52
N VAL B 230 21.08 22.86 -2.15
CA VAL B 230 22.33 22.98 -2.86
C VAL B 230 23.13 24.16 -2.32
N ARG B 231 24.43 23.97 -2.20
CA ARG B 231 25.35 25.01 -1.74
C ARG B 231 25.34 26.19 -2.69
N ARG B 232 25.56 27.39 -2.16
CA ARG B 232 25.70 28.56 -3.02
C ARG B 232 26.97 29.32 -2.66
N THR B 233 27.60 29.90 -3.67
CA THR B 233 28.90 30.52 -3.52
C THR B 233 28.90 31.71 -2.58
N GLY B 234 27.83 32.50 -2.59
CA GLY B 234 27.72 33.68 -1.76
C GLY B 234 27.72 33.40 -0.26
N ASP B 235 27.20 32.22 0.10
CA ASP B 235 27.16 31.80 1.50
C ASP B 235 27.35 30.29 1.52
N ILE B 236 28.62 29.88 1.47
CA ILE B 236 28.95 28.48 1.24
C ILE B 236 28.55 27.58 2.41
N ASN B 237 28.49 28.16 3.60
CA ASN B 237 28.11 27.41 4.79
C ASN B 237 26.62 27.09 4.89
N ALA B 238 25.80 27.90 4.23
CA ALA B 238 24.35 27.78 4.38
C ALA B 238 23.83 26.41 3.97
N GLU B 239 23.00 25.84 4.83
CA GLU B 239 22.35 24.57 4.57
C GLU B 239 20.86 24.81 4.75
N ALA B 240 20.09 23.77 5.04
CA ALA B 240 18.64 23.94 5.21
C ALA B 240 18.28 24.80 6.43
N GLY B 241 17.44 25.79 6.21
CA GLY B 241 16.86 26.58 7.30
C GLY B 241 17.61 27.75 7.91
N SER B 242 16.83 28.73 8.39
CA SER B 242 17.28 29.78 9.30
C SER B 242 18.40 30.69 8.77
N THR B 243 19.44 30.10 8.21
CA THR B 243 20.62 30.86 7.82
C THR B 243 20.49 31.53 6.46
N ASN B 244 19.95 32.75 6.47
CA ASN B 244 19.97 33.63 5.31
C ASN B 244 19.13 33.13 4.13
N GLY B 245 18.24 32.17 4.37
CA GLY B 245 17.41 31.61 3.33
C GLY B 245 17.89 30.28 2.76
N THR B 246 16.95 29.47 2.28
CA THR B 246 17.28 28.15 1.74
C THR B 246 17.38 28.10 0.22
N GLN B 247 18.48 27.54 -0.28
CA GLN B 247 18.70 27.46 -1.72
C GLN B 247 18.36 26.08 -2.27
N TYR B 248 17.47 26.04 -3.25
CA TYR B 248 17.11 24.78 -3.89
C TYR B 248 17.73 24.65 -5.27
N GLY B 249 18.32 23.49 -5.54
CA GLY B 249 18.63 23.08 -6.90
C GLY B 249 17.55 22.11 -7.31
N ALA B 250 17.34 21.91 -8.60
CA ALA B 250 16.29 20.99 -9.05
C ALA B 250 16.82 20.02 -10.11
N GLY B 251 16.32 18.79 -10.08
CA GLY B 251 16.66 17.81 -11.10
C GLY B 251 15.40 17.11 -11.62
N SER B 252 15.47 16.62 -12.85
CA SER B 252 14.34 15.93 -13.47
C SER B 252 14.00 14.60 -12.80
N GLN B 253 15.02 13.91 -12.28
CA GLN B 253 14.81 12.60 -11.66
C GLN B 253 15.60 12.40 -10.37
N PRO B 254 15.10 11.52 -9.51
CA PRO B 254 15.99 11.08 -8.43
C PRO B 254 17.05 10.17 -9.00
N LEU B 255 18.31 10.37 -8.60
CA LEU B 255 19.40 9.59 -9.16
C LEU B 255 19.20 8.06 -9.03
N PRO B 256 18.67 7.57 -7.89
CA PRO B 256 18.40 6.13 -7.81
C PRO B 256 17.44 5.62 -8.89
N VAL B 257 16.46 6.44 -9.27
CA VAL B 257 15.56 6.09 -10.35
C VAL B 257 16.32 6.06 -11.67
N THR B 258 17.15 7.08 -11.90
CA THR B 258 17.95 7.16 -13.11
C THR B 258 18.87 5.95 -13.24
N VAL B 259 19.50 5.55 -12.13
CA VAL B 259 20.38 4.40 -12.13
C VAL B 259 19.62 3.13 -12.51
N GLY B 260 18.47 2.92 -11.87
CA GLY B 260 17.64 1.75 -12.15
C GLY B 260 17.14 1.70 -13.59
N LEU B 261 16.72 2.84 -14.11
CA LEU B 261 16.28 2.94 -15.49
C LEU B 261 17.41 2.64 -16.46
N SER B 262 18.63 3.02 -16.09
CA SER B 262 19.80 2.81 -16.94
C SER B 262 20.25 1.34 -16.98
N LEU B 263 19.83 0.57 -15.97
CA LEU B 263 20.22 -0.82 -15.82
C LEU B 263 19.16 -1.77 -16.35
N ASN B 264 18.00 -1.23 -16.69
CA ASN B 264 16.85 -2.04 -17.05
C ASN B 264 16.07 -1.50 -18.25
N ASN B 265 15.31 -2.36 -18.90
CA ASN B 265 14.35 -1.92 -19.91
C ASN B 265 12.93 -2.20 -19.41
N TYR B 266 12.16 -1.15 -19.19
CA TYR B 266 10.83 -1.28 -18.61
C TYR B 266 9.69 -1.15 -19.62
N SER B 267 10.00 -1.38 -20.90
CA SER B 267 9.02 -1.19 -21.98
C SER B 267 7.78 -2.07 -21.82
N SER B 268 7.96 -3.30 -21.32
CA SER B 268 6.84 -4.20 -21.11
C SER B 268 5.94 -3.77 -19.94
N ALA B 269 6.55 -3.13 -18.95
CA ALA B 269 5.85 -2.70 -17.74
C ALA B 269 4.81 -1.61 -17.99
N LEU B 270 5.10 -0.71 -18.93
CA LEU B 270 4.27 0.48 -19.12
C LEU B 270 4.09 0.79 -20.60
N MET B 271 2.88 1.21 -20.97
CA MET B 271 2.60 1.62 -22.34
C MET B 271 2.60 3.14 -22.42
N PRO B 272 2.82 3.68 -23.63
CA PRO B 272 2.69 5.14 -23.80
C PRO B 272 1.27 5.56 -23.44
N GLY B 273 1.11 6.72 -22.82
CA GLY B 273 -0.18 7.14 -22.32
C GLY B 273 -0.47 6.64 -20.91
N GLN B 274 0.49 5.94 -20.32
CA GLN B 274 0.37 5.49 -18.93
C GLN B 274 1.38 6.14 -18.00
N PHE B 275 1.01 6.25 -16.74
CA PHE B 275 1.93 6.59 -15.67
C PHE B 275 2.12 5.35 -14.82
N PHE B 276 3.32 5.10 -14.33
CA PHE B 276 3.42 4.20 -13.20
C PHE B 276 3.28 5.05 -11.95
N VAL B 277 2.31 4.71 -11.11
CA VAL B 277 1.97 5.56 -9.99
C VAL B 277 2.43 5.01 -8.65
N TRP B 278 2.94 5.89 -7.81
CA TRP B 278 3.25 5.58 -6.42
C TRP B 278 2.41 6.48 -5.53
N GLN B 279 2.06 5.97 -4.37
CA GLN B 279 1.37 6.74 -3.36
C GLN B 279 2.38 7.22 -2.33
N LEU B 280 2.42 8.52 -2.10
CA LEU B 280 3.32 9.09 -1.09
C LEU B 280 2.51 9.38 0.16
N ASN B 281 2.78 8.63 1.22
CA ASN B 281 2.02 8.77 2.46
C ASN B 281 2.71 9.69 3.45
N PHE B 282 2.07 10.81 3.76
CA PHE B 282 2.60 11.77 4.72
C PHE B 282 2.01 11.55 6.10
N ALA B 283 2.50 12.30 7.08
CA ALA B 283 1.99 12.19 8.44
C ALA B 283 0.51 12.52 8.45
N SER B 284 0.13 13.57 7.75
CA SER B 284 -1.27 13.88 7.56
C SER B 284 -1.60 14.03 6.07
N GLY B 285 -2.29 13.03 5.52
CA GLY B 285 -2.67 13.05 4.12
C GLY B 285 -1.68 12.34 3.21
N PHE B 286 -1.93 12.39 1.90
CA PHE B 286 -1.07 11.72 0.94
C PHE B 286 -1.26 12.30 -0.46
N MET B 287 -0.37 11.94 -1.36
CA MET B 287 -0.45 12.36 -2.74
C MET B 287 0.12 11.28 -3.65
N GLU B 288 -0.20 11.35 -4.93
CA GLU B 288 0.33 10.42 -5.91
C GLU B 288 1.36 11.08 -6.85
N LEU B 289 2.38 10.30 -7.20
CA LEU B 289 3.36 10.69 -8.22
C LEU B 289 3.24 9.73 -9.38
N GLY B 290 3.29 10.26 -10.60
CA GLY B 290 3.23 9.42 -11.79
C GLY B 290 4.47 9.52 -12.66
N LEU B 291 4.91 8.39 -13.19
CA LEU B 291 6.09 8.36 -14.06
C LEU B 291 5.72 7.97 -15.50
N SER B 292 6.04 8.83 -16.46
CA SER B 292 5.76 8.56 -17.87
C SER B 292 6.85 7.71 -18.51
N VAL B 293 6.57 7.15 -19.69
CA VAL B 293 7.54 6.34 -20.41
C VAL B 293 8.78 7.17 -20.76
N ASP B 294 8.59 8.47 -20.91
CA ASP B 294 9.70 9.36 -21.21
C ASP B 294 10.57 9.64 -19.97
N GLY B 295 10.17 9.10 -18.82
CA GLY B 295 10.96 9.23 -17.60
C GLY B 295 10.69 10.47 -16.76
N TYR B 296 9.67 11.23 -17.11
CA TYR B 296 9.29 12.41 -16.34
C TYR B 296 8.29 12.07 -15.25
N PHE B 297 8.41 12.75 -14.12
CA PHE B 297 7.48 12.57 -13.01
C PHE B 297 6.41 13.65 -13.01
N TYR B 298 5.21 13.27 -12.60
CA TYR B 298 4.06 14.18 -12.56
C TYR B 298 3.35 14.18 -11.21
N ALA B 299 2.70 15.28 -10.91
CA ALA B 299 1.82 15.41 -9.75
C ALA B 299 0.48 16.01 -10.20
N GLY B 300 -0.59 15.73 -9.47
CA GLY B 300 -1.90 16.24 -9.84
C GLY B 300 -2.16 17.63 -9.30
N THR B 301 -1.20 18.53 -9.49
CA THR B 301 -1.26 19.86 -8.88
C THR B 301 -1.69 21.00 -9.81
N GLY B 302 -2.03 20.67 -11.05
CA GLY B 302 -2.55 21.67 -11.98
C GLY B 302 -1.66 22.86 -12.24
N ALA B 303 -2.21 24.05 -12.08
CA ALA B 303 -1.50 25.30 -12.33
C ALA B 303 -0.58 25.73 -11.20
N SER B 304 -0.62 25.03 -10.07
CA SER B 304 0.17 25.41 -8.90
C SER B 304 1.68 25.33 -9.14
N ALA B 305 2.38 26.38 -8.70
CA ALA B 305 3.84 26.39 -8.79
C ALA B 305 4.48 26.28 -7.41
N THR B 306 3.67 25.98 -6.40
CA THR B 306 4.16 25.93 -5.02
C THR B 306 4.93 24.65 -4.72
N LEU B 307 6.11 24.81 -4.15
CA LEU B 307 6.96 23.67 -3.78
C LEU B 307 6.28 22.80 -2.72
N ILE B 308 6.41 21.48 -2.87
CA ILE B 308 5.85 20.55 -1.90
C ILE B 308 6.92 20.02 -0.96
N ASP B 309 6.80 20.37 0.32
CA ASP B 309 7.75 19.94 1.32
C ASP B 309 7.61 18.45 1.63
N LEU B 310 8.73 17.72 1.60
CA LEU B 310 8.74 16.28 1.85
C LEU B 310 9.15 15.93 3.28
N SER B 311 9.28 16.94 4.12
CA SER B 311 9.76 16.74 5.48
C SER B 311 8.88 15.76 6.26
N GLU B 312 7.57 15.78 6.00
CA GLU B 312 6.64 14.90 6.71
C GLU B 312 6.24 13.66 5.91
N LEU B 313 6.98 13.33 4.85
CA LEU B 313 6.73 12.11 4.08
C LEU B 313 7.12 10.89 4.92
N VAL B 314 6.19 9.95 5.07
CA VAL B 314 6.43 8.78 5.92
C VAL B 314 6.86 7.54 5.15
N ASP B 315 6.12 7.18 4.11
CA ASP B 315 6.50 6.04 3.29
C ASP B 315 5.90 6.11 1.88
N ILE B 316 6.44 5.28 0.99
CA ILE B 316 5.97 5.22 -0.39
C ILE B 316 5.44 3.84 -0.73
N ARG B 317 4.26 3.78 -1.36
CA ARG B 317 3.66 2.52 -1.78
C ARG B 317 3.28 2.54 -3.27
N PRO B 318 3.65 1.48 -3.99
CA PRO B 318 3.32 1.37 -5.41
C PRO B 318 1.82 1.20 -5.66
N VAL B 319 1.29 1.94 -6.64
CA VAL B 319 -0.11 1.79 -7.04
C VAL B 319 -0.19 0.95 -8.31
N GLY B 320 0.68 1.25 -9.27
CA GLY B 320 0.70 0.50 -10.51
C GLY B 320 0.48 1.38 -11.72
N PRO B 321 0.35 0.76 -12.91
CA PRO B 321 0.09 1.56 -14.11
C PRO B 321 -1.31 2.18 -14.08
N ARG B 322 -1.40 3.43 -14.47
CA ARG B 322 -2.66 4.18 -14.54
C ARG B 322 -2.69 5.06 -15.79
N PRO B 323 -3.89 5.44 -16.25
CA PRO B 323 -3.93 6.35 -17.40
C PRO B 323 -3.30 7.71 -17.05
N SER B 324 -2.47 8.23 -17.94
CA SER B 324 -1.81 9.52 -17.70
C SER B 324 -2.84 10.64 -17.63
N THR B 325 -4.01 10.38 -18.22
CA THR B 325 -5.11 11.33 -18.24
C THR B 325 -5.90 11.36 -16.92
N SER B 326 -5.74 10.32 -16.10
CA SER B 326 -6.40 10.30 -14.79
C SER B 326 -5.66 11.23 -13.85
N THR B 327 -6.39 12.16 -13.24
CA THR B 327 -5.76 13.14 -12.36
C THR B 327 -5.17 12.44 -11.12
N LEU B 328 -3.88 12.66 -10.89
CA LEU B 328 -3.20 12.11 -9.74
C LEU B 328 -3.73 12.74 -8.45
N VAL B 329 -3.97 11.91 -7.45
CA VAL B 329 -4.54 12.37 -6.18
C VAL B 329 -3.60 13.32 -5.45
N TYR B 330 -4.16 14.43 -4.96
CA TYR B 330 -3.45 15.33 -4.08
C TYR B 330 -4.31 15.62 -2.87
N ASN B 331 -4.00 14.99 -1.75
CA ASN B 331 -4.75 15.20 -0.53
C ASN B 331 -3.81 15.65 0.58
N LEU B 332 -3.17 16.80 0.37
CA LEU B 332 -2.25 17.35 1.36
C LEU B 332 -2.79 18.66 1.92
N SER C 1 -44.04 -35.61 15.18
CA SER C 1 -42.89 -36.27 14.56
C SER C 1 -41.88 -35.26 14.03
N PRO C 2 -40.59 -35.51 14.29
CA PRO C 2 -39.53 -34.62 13.82
C PRO C 2 -39.21 -34.87 12.37
N ALA C 3 -39.95 -35.76 11.71
CA ALA C 3 -39.58 -36.24 10.39
C ALA C 3 -39.49 -35.11 9.37
N ASP C 4 -40.43 -34.18 9.41
CA ASP C 4 -40.48 -33.10 8.42
C ASP C 4 -39.51 -31.96 8.74
N LEU C 5 -38.77 -32.07 9.84
CA LEU C 5 -37.70 -31.12 10.15
C LEU C 5 -36.62 -31.17 9.08
N LEU C 6 -36.30 -32.39 8.63
CA LEU C 6 -35.29 -32.58 7.59
C LEU C 6 -35.90 -33.17 6.31
N THR C 7 -36.17 -32.30 5.34
CA THR C 7 -36.65 -32.78 4.05
C THR C 7 -35.58 -32.50 3.01
N THR C 8 -35.79 -33.02 1.81
CA THR C 8 -34.76 -33.00 0.78
C THR C 8 -34.18 -31.61 0.48
N PRO C 9 -35.02 -30.57 0.33
CA PRO C 9 -34.45 -29.24 -0.01
C PRO C 9 -33.54 -28.65 1.06
N VAL C 10 -33.68 -29.10 2.30
CA VAL C 10 -32.87 -28.59 3.41
C VAL C 10 -31.37 -28.83 3.17
N LEU C 11 -31.02 -29.95 2.53
CA LEU C 11 -29.62 -30.28 2.28
C LEU C 11 -29.24 -30.33 0.79
N THR C 12 -30.18 -30.09 -0.10
CA THR C 12 -29.89 -30.10 -1.54
C THR C 12 -29.87 -28.70 -2.17
N GLY C 13 -29.70 -27.67 -1.34
CA GLY C 13 -29.45 -26.33 -1.86
C GLY C 13 -30.33 -25.19 -1.36
N VAL C 14 -31.42 -25.50 -0.69
CA VAL C 14 -32.28 -24.46 -0.12
C VAL C 14 -31.93 -24.15 1.33
N GLY C 15 -31.74 -25.20 2.13
CA GLY C 15 -31.45 -25.01 3.54
C GLY C 15 -30.10 -24.37 3.81
N THR C 16 -30.06 -23.47 4.79
CA THR C 16 -28.82 -22.82 5.17
C THR C 16 -28.39 -23.23 6.57
N ASP C 17 -27.11 -23.05 6.87
CA ASP C 17 -26.61 -23.36 8.21
C ASP C 17 -26.91 -22.23 9.22
N ASN C 18 -27.02 -22.61 10.48
CA ASN C 18 -27.42 -21.69 11.56
C ASN C 18 -26.33 -20.79 12.12
N ARG C 19 -25.12 -20.85 11.57
CA ARG C 19 -24.07 -19.93 11.97
C ARG C 19 -23.78 -18.84 10.93
N TRP C 20 -23.63 -19.26 9.69
CA TRP C 20 -23.23 -18.37 8.60
C TRP C 20 -24.37 -18.03 7.63
N ASN C 21 -25.48 -18.77 7.73
CA ASN C 21 -26.61 -18.61 6.82
C ASN C 21 -26.21 -18.86 5.36
N GLY C 22 -25.19 -19.70 5.16
CA GLY C 22 -24.80 -20.11 3.83
C GLY C 22 -25.52 -21.38 3.40
N GLU C 23 -25.71 -21.57 2.10
CA GLU C 23 -26.39 -22.76 1.58
C GLU C 23 -25.58 -24.02 1.92
N ILE C 24 -26.20 -24.99 2.57
CA ILE C 24 -25.48 -26.18 3.00
C ILE C 24 -25.13 -27.06 1.81
N VAL C 25 -23.84 -27.36 1.66
CA VAL C 25 -23.35 -28.19 0.55
C VAL C 25 -22.49 -29.35 1.02
N GLY C 26 -22.24 -29.43 2.32
CA GLY C 26 -21.45 -30.54 2.84
C GLY C 26 -21.75 -30.90 4.29
N LEU C 27 -21.40 -32.12 4.66
CA LEU C 27 -21.51 -32.57 6.04
C LEU C 27 -20.10 -32.78 6.58
N GLN C 28 -19.79 -32.07 7.65
CA GLN C 28 -18.47 -32.10 8.24
C GLN C 28 -18.48 -32.86 9.55
N PRO C 29 -17.94 -34.09 9.53
CA PRO C 29 -17.86 -34.87 10.76
C PRO C 29 -16.84 -34.24 11.71
N VAL C 30 -17.13 -34.27 13.01
CA VAL C 30 -16.23 -33.72 14.01
C VAL C 30 -15.94 -34.82 15.04
N PRO C 31 -14.96 -35.69 14.73
CA PRO C 31 -14.64 -36.85 15.58
C PRO C 31 -14.21 -36.45 16.99
N GLY C 32 -13.61 -35.27 17.12
CA GLY C 32 -13.24 -34.74 18.41
C GLY C 32 -14.41 -34.30 19.27
N GLY C 33 -15.56 -34.08 18.65
CA GLY C 33 -16.72 -33.57 19.38
C GLY C 33 -16.68 -32.06 19.44
N PHE C 34 -17.84 -31.44 19.71
CA PHE C 34 -17.92 -30.00 19.85
C PHE C 34 -19.16 -29.60 20.63
N SER C 35 -19.24 -28.32 20.98
CA SER C 35 -20.42 -27.76 21.62
C SER C 35 -20.87 -26.53 20.85
N THR C 36 -22.17 -26.32 20.76
CA THR C 36 -22.72 -25.09 20.21
C THR C 36 -24.05 -24.77 20.86
N CYS C 37 -24.26 -23.51 21.23
CA CYS C 37 -25.52 -23.10 21.81
C CYS C 37 -26.20 -21.99 21.02
N ASN C 38 -25.41 -21.06 20.47
CA ASN C 38 -26.00 -19.90 19.81
C ASN C 38 -26.73 -20.25 18.51
N ARG C 39 -28.00 -19.86 18.45
CA ARG C 39 -28.92 -20.23 17.37
C ARG C 39 -29.02 -21.75 17.23
N HIS C 40 -28.93 -22.45 18.37
CA HIS C 40 -29.06 -23.90 18.38
C HIS C 40 -30.17 -24.28 19.35
N TRP C 41 -31.14 -25.04 18.85
CA TRP C 41 -32.27 -25.47 19.68
C TRP C 41 -32.25 -26.96 19.92
N ASN C 42 -32.87 -27.39 21.03
CA ASN C 42 -33.02 -28.81 21.32
C ASN C 42 -34.45 -29.26 21.04
N LEU C 43 -34.76 -30.51 21.36
CA LEU C 43 -36.08 -31.06 21.06
C LEU C 43 -37.07 -30.80 22.19
N ASN C 44 -36.64 -30.05 23.18
CA ASN C 44 -37.52 -29.58 24.25
C ASN C 44 -37.79 -28.08 24.15
N GLY C 45 -37.61 -27.54 22.94
CA GLY C 45 -37.95 -26.15 22.65
C GLY C 45 -37.09 -25.08 23.27
N SER C 46 -35.85 -25.43 23.61
CA SER C 46 -35.01 -24.49 24.35
C SER C 46 -33.62 -24.31 23.75
N THR C 47 -33.04 -23.15 24.03
CA THR C 47 -31.67 -22.84 23.62
C THR C 47 -30.87 -22.33 24.82
N PHE C 48 -29.58 -22.65 24.84
CA PHE C 48 -28.67 -22.06 25.83
C PHE C 48 -28.03 -20.82 25.27
N GLY C 49 -28.32 -20.51 24.02
CA GLY C 49 -27.72 -19.38 23.32
C GLY C 49 -28.43 -18.06 23.53
N TRP C 50 -28.02 -17.05 22.76
CA TRP C 50 -28.58 -15.70 22.87
C TRP C 50 -29.22 -15.20 21.57
N SER C 51 -29.40 -16.08 20.59
CA SER C 51 -29.89 -15.66 19.28
C SER C 51 -31.13 -16.41 18.83
N SER C 52 -32.05 -15.70 18.18
CA SER C 52 -33.24 -16.30 17.57
C SER C 52 -32.88 -16.97 16.24
N PRO C 53 -33.74 -17.89 15.75
CA PRO C 53 -33.38 -18.59 14.51
C PRO C 53 -33.63 -17.74 13.27
N ARG C 54 -32.84 -16.70 13.12
CA ARG C 54 -32.98 -15.79 12.00
C ARG C 54 -31.68 -15.00 11.86
N PHE C 55 -31.51 -14.36 10.71
CA PHE C 55 -30.35 -13.52 10.49
C PHE C 55 -30.77 -12.12 10.10
N ALA C 56 -30.71 -11.20 11.07
CA ALA C 56 -31.10 -9.82 10.83
C ALA C 56 -29.90 -8.94 11.10
N ALA C 57 -29.92 -8.23 12.22
CA ALA C 57 -28.81 -7.34 12.56
C ALA C 57 -28.42 -7.46 14.03
N ILE C 58 -27.17 -7.10 14.32
CA ILE C 58 -26.65 -7.11 15.67
C ILE C 58 -26.65 -5.67 16.20
N ASP C 59 -27.33 -5.45 17.33
CA ASP C 59 -27.52 -4.12 17.86
C ASP C 59 -27.28 -4.09 19.38
N HIS C 60 -26.36 -3.24 19.82
CA HIS C 60 -26.12 -3.01 21.25
C HIS C 60 -25.95 -1.51 21.48
N ASP C 61 -26.71 -0.95 22.42
CA ASP C 61 -26.77 0.51 22.54
C ASP C 61 -25.82 1.11 23.57
N ARG C 62 -25.03 0.28 24.26
CA ARG C 62 -24.21 0.81 25.35
C ARG C 62 -22.86 0.10 25.48
N GLY C 63 -21.89 0.55 24.69
CA GLY C 63 -20.54 0.03 24.76
C GLY C 63 -19.53 1.16 24.70
N ASN C 64 -18.25 0.83 24.82
CA ASN C 64 -17.18 1.82 24.74
C ASN C 64 -16.53 1.80 23.36
N ALA C 65 -16.49 2.96 22.71
CA ALA C 65 -15.88 3.09 21.38
C ALA C 65 -14.61 3.93 21.42
N SER C 66 -13.57 3.45 20.73
CA SER C 66 -12.28 4.14 20.74
C SER C 66 -11.41 3.83 19.52
N TYR C 67 -10.33 4.59 19.37
CA TYR C 67 -9.32 4.34 18.35
C TYR C 67 -7.96 4.68 18.96
N PRO C 68 -6.88 4.07 18.44
CA PRO C 68 -5.55 4.34 19.00
C PRO C 68 -4.94 5.65 18.48
N GLY C 69 -4.17 6.31 19.34
CA GLY C 69 -3.39 7.46 18.92
C GLY C 69 -4.15 8.77 18.93
N SER C 70 -3.53 9.80 18.35
CA SER C 70 -4.07 11.15 18.37
C SER C 70 -4.56 11.56 16.99
N SER C 71 -4.33 10.71 16.00
CA SER C 71 -4.81 10.95 14.66
C SER C 71 -6.00 10.02 14.40
N SER C 72 -7.14 10.62 14.08
CA SER C 72 -8.39 9.90 13.86
C SER C 72 -8.60 9.30 12.45
N SER C 73 -7.78 9.70 11.49
CA SER C 73 -7.99 9.24 10.10
C SER C 73 -7.41 7.87 9.81
N ASN C 74 -8.19 7.05 9.10
CA ASN C 74 -7.87 5.67 8.75
C ASN C 74 -7.32 4.86 9.92
N VAL C 75 -8.17 4.63 10.90
CA VAL C 75 -7.79 3.97 12.13
C VAL C 75 -8.65 2.76 12.39
N LEU C 76 -8.11 1.81 13.13
CA LEU C 76 -8.89 0.66 13.53
C LEU C 76 -9.76 1.08 14.72
N GLU C 77 -11.07 1.06 14.52
CA GLU C 77 -12.04 1.43 15.53
C GLU C 77 -12.36 0.23 16.43
N LEU C 78 -12.30 0.42 17.75
CA LEU C 78 -12.59 -0.66 18.70
C LEU C 78 -13.83 -0.37 19.52
N TRP C 79 -14.73 -1.34 19.58
CA TRP C 79 -15.95 -1.26 20.39
C TRP C 79 -16.04 -2.47 21.31
N TYR C 80 -16.40 -2.24 22.57
CA TYR C 80 -16.55 -3.39 23.46
C TYR C 80 -17.56 -3.14 24.57
N ALA C 81 -18.08 -4.23 25.09
CA ALA C 81 -19.03 -4.19 26.18
C ALA C 81 -18.90 -5.50 26.94
N SER C 82 -19.50 -5.56 28.13
CA SER C 82 -19.47 -6.76 28.94
C SER C 82 -20.50 -7.79 28.45
N ALA C 83 -20.12 -9.05 28.48
CA ALA C 83 -21.10 -10.12 28.29
C ALA C 83 -22.08 -10.06 29.45
N GLY C 84 -23.35 -10.34 29.18
CA GLY C 84 -24.38 -10.23 30.20
C GLY C 84 -25.05 -8.86 30.25
N SER C 85 -24.64 -7.96 29.36
CA SER C 85 -25.19 -6.60 29.33
C SER C 85 -26.27 -6.37 28.28
N ALA C 86 -26.70 -7.44 27.59
CA ALA C 86 -27.68 -7.31 26.52
C ALA C 86 -29.11 -7.24 27.04
N ALA C 87 -29.44 -6.15 27.73
CA ALA C 87 -30.73 -6.01 28.41
C ALA C 87 -31.94 -6.05 27.48
N ASP C 88 -31.75 -5.64 26.22
CA ASP C 88 -32.84 -5.60 25.24
C ASP C 88 -33.17 -6.96 24.64
N ASN C 89 -32.36 -7.97 24.93
CA ASN C 89 -32.51 -9.28 24.31
C ASN C 89 -33.40 -10.20 25.13
N PRO C 90 -34.58 -10.54 24.59
CA PRO C 90 -35.59 -11.35 25.29
C PRO C 90 -35.15 -12.79 25.51
N ILE C 91 -34.27 -13.28 24.64
CA ILE C 91 -33.73 -14.64 24.73
C ILE C 91 -32.73 -14.84 25.87
N SER C 92 -31.70 -14.01 25.87
CA SER C 92 -30.61 -14.08 26.83
C SER C 92 -29.91 -12.72 26.92
N GLN C 93 -29.40 -12.39 28.10
CA GLN C 93 -28.69 -11.12 28.27
C GLN C 93 -27.21 -11.26 27.97
N ILE C 94 -26.76 -12.47 27.63
CA ILE C 94 -25.34 -12.74 27.43
C ILE C 94 -24.73 -11.84 26.36
N ALA C 95 -25.40 -11.73 25.23
CA ALA C 95 -24.91 -10.96 24.10
C ALA C 95 -26.09 -10.54 23.24
N PRO C 96 -25.90 -9.52 22.39
CA PRO C 96 -27.01 -9.13 21.50
C PRO C 96 -27.41 -10.26 20.56
N ASP C 97 -28.67 -10.28 20.17
CA ASP C 97 -29.16 -11.30 19.25
C ASP C 97 -28.37 -11.26 17.95
N GLY C 98 -27.79 -12.40 17.59
CA GLY C 98 -27.00 -12.50 16.36
C GLY C 98 -25.50 -12.33 16.53
N PHE C 99 -25.06 -11.92 17.71
CA PHE C 99 -23.63 -11.81 17.97
C PHE C 99 -23.01 -13.19 17.81
N PRO C 100 -21.93 -13.28 17.00
CA PRO C 100 -21.33 -14.58 16.67
C PRO C 100 -20.72 -15.29 17.89
N ASP C 101 -20.90 -16.61 17.92
CA ASP C 101 -20.37 -17.44 18.99
C ASP C 101 -18.93 -17.86 18.73
N MET C 102 -18.09 -16.90 18.37
CA MET C 102 -16.69 -17.20 18.07
C MET C 102 -15.73 -16.37 18.90
N SER C 103 -14.63 -16.97 19.33
CA SER C 103 -13.62 -16.28 20.12
C SER C 103 -12.89 -15.24 19.26
N PHE C 104 -12.56 -14.12 19.88
CA PHE C 104 -11.92 -13.00 19.18
C PHE C 104 -10.47 -13.28 18.78
N VAL C 105 -10.14 -12.97 17.53
CA VAL C 105 -8.78 -13.10 17.04
C VAL C 105 -8.10 -11.73 16.98
N PRO C 106 -7.10 -11.52 17.86
CA PRO C 106 -6.42 -10.21 17.96
C PRO C 106 -5.63 -9.85 16.71
N PHE C 107 -5.51 -8.55 16.44
CA PHE C 107 -4.70 -8.05 15.33
C PHE C 107 -4.40 -6.57 15.52
N SER C 108 -3.39 -6.07 14.83
CA SER C 108 -3.05 -4.65 14.87
C SER C 108 -2.28 -4.24 13.63
N GLY C 109 -2.10 -2.94 13.45
CA GLY C 109 -1.39 -2.41 12.29
C GLY C 109 -2.09 -2.70 10.98
N THR C 110 -1.41 -3.41 10.08
CA THR C 110 -1.97 -3.73 8.78
C THR C 110 -2.29 -5.21 8.66
N THR C 111 -2.16 -5.91 9.79
CA THR C 111 -2.48 -7.33 9.84
C THR C 111 -3.98 -7.55 9.76
N VAL C 112 -4.38 -8.47 8.89
CA VAL C 112 -5.75 -8.93 8.82
C VAL C 112 -5.82 -10.25 9.59
N PRO C 113 -6.73 -10.38 10.57
CA PRO C 113 -6.78 -11.61 11.35
C PRO C 113 -7.23 -12.81 10.51
N THR C 114 -6.81 -14.00 10.91
CA THR C 114 -7.23 -15.22 10.22
C THR C 114 -8.37 -15.87 10.98
N ALA C 115 -9.39 -16.31 10.25
CA ALA C 115 -10.53 -17.05 10.80
C ALA C 115 -11.38 -16.24 11.77
N GLY C 116 -11.45 -14.93 11.57
CA GLY C 116 -12.35 -14.11 12.33
C GLY C 116 -13.74 -14.06 11.71
N TRP C 117 -14.77 -13.93 12.55
CA TRP C 117 -16.10 -13.61 12.05
C TRP C 117 -16.11 -12.11 11.71
N VAL C 118 -16.44 -11.78 10.46
CA VAL C 118 -16.48 -10.39 10.04
C VAL C 118 -17.86 -10.02 9.51
N GLY C 119 -18.35 -8.87 9.92
CA GLY C 119 -19.63 -8.37 9.47
C GLY C 119 -19.54 -6.88 9.17
N PHE C 120 -20.51 -6.35 8.43
CA PHE C 120 -20.47 -4.94 8.07
C PHE C 120 -21.42 -4.12 8.94
N GLY C 121 -20.98 -2.93 9.29
CA GLY C 121 -21.75 -2.04 10.14
C GLY C 121 -20.88 -0.92 10.65
N GLY C 122 -21.21 -0.38 11.82
CA GLY C 122 -20.43 0.69 12.39
C GLY C 122 -20.94 1.10 13.76
N ILE C 123 -20.43 2.23 14.23
CA ILE C 123 -20.81 2.77 15.53
C ILE C 123 -21.98 3.75 15.38
N TRP C 124 -22.82 3.87 16.40
CA TRP C 124 -23.90 4.84 16.35
C TRP C 124 -24.10 5.55 17.70
N ASN C 125 -24.77 6.69 17.65
CA ASN C 125 -24.91 7.58 18.79
C ASN C 125 -26.00 7.10 19.74
N SER C 126 -25.61 6.68 20.93
CA SER C 126 -26.54 6.11 21.93
C SER C 126 -27.65 7.06 22.31
N SER C 127 -27.34 8.36 22.25
CA SER C 127 -28.28 9.38 22.66
C SER C 127 -29.46 9.56 21.70
N ASN C 128 -29.23 9.35 20.40
CA ASN C 128 -30.30 9.61 19.44
C ASN C 128 -30.51 8.54 18.36
N GLY C 129 -29.63 7.54 18.30
CA GLY C 129 -29.79 6.45 17.33
C GLY C 129 -29.15 6.72 15.99
N ALA C 130 -28.59 7.91 15.81
CA ALA C 130 -27.92 8.28 14.57
C ALA C 130 -26.58 7.56 14.40
N PRO C 131 -26.31 7.04 13.20
CA PRO C 131 -25.03 6.37 12.96
C PRO C 131 -23.87 7.36 12.97
N PHE C 132 -22.70 6.92 13.42
CA PHE C 132 -21.48 7.66 13.21
C PHE C 132 -20.95 7.26 11.84
N VAL C 133 -21.32 8.02 10.81
CA VAL C 133 -21.16 7.59 9.43
C VAL C 133 -19.70 7.37 9.01
N THR C 134 -18.76 7.99 9.72
CA THR C 134 -17.35 7.86 9.41
C THR C 134 -16.75 6.58 9.99
N THR C 135 -17.58 5.77 10.65
CA THR C 135 -17.09 4.55 11.31
C THR C 135 -17.53 3.27 10.60
N VAL C 136 -18.24 3.40 9.48
CA VAL C 136 -18.71 2.22 8.76
C VAL C 136 -17.51 1.45 8.22
N GLN C 137 -17.49 0.14 8.44
CA GLN C 137 -16.41 -0.71 7.97
C GLN C 137 -16.79 -2.17 8.15
N ALA C 138 -15.90 -3.05 7.69
CA ALA C 138 -15.98 -4.45 8.06
C ALA C 138 -15.35 -4.59 9.43
N TYR C 139 -16.07 -5.21 10.37
CA TYR C 139 -15.60 -5.38 11.73
C TYR C 139 -15.48 -6.85 12.09
N GLU C 140 -14.38 -7.25 12.73
CA GLU C 140 -14.34 -8.57 13.34
C GLU C 140 -15.03 -8.52 14.70
N LEU C 141 -15.95 -9.44 14.92
CA LEU C 141 -16.62 -9.56 16.22
C LEU C 141 -16.23 -10.88 16.88
N GLY C 142 -16.11 -10.86 18.21
CA GLY C 142 -15.81 -12.07 18.94
C GLY C 142 -15.89 -11.84 20.43
N PHE C 143 -15.82 -12.93 21.19
CA PHE C 143 -15.77 -12.86 22.64
C PHE C 143 -14.32 -12.75 23.09
N ALA C 144 -14.08 -11.90 24.07
CA ALA C 144 -12.71 -11.68 24.54
C ALA C 144 -12.68 -11.33 26.02
N THR C 145 -11.46 -11.30 26.56
CA THR C 145 -11.21 -10.64 27.84
C THR C 145 -10.02 -9.72 27.61
N GLY C 146 -9.88 -8.69 28.44
CA GLY C 146 -8.75 -7.81 28.37
C GLY C 146 -8.89 -6.56 27.50
N ALA C 147 -10.10 -6.29 27.02
CA ALA C 147 -10.37 -5.04 26.29
C ALA C 147 -10.35 -3.86 27.25
N PRO C 148 -9.97 -2.66 26.77
CA PRO C 148 -9.65 -2.34 25.37
C PRO C 148 -8.17 -2.49 25.00
N SER C 149 -7.29 -2.56 26.01
CA SER C 149 -5.84 -2.54 25.76
C SER C 149 -5.32 -3.80 25.08
N ASN C 150 -5.80 -4.97 25.50
CA ASN C 150 -5.30 -6.23 24.96
C ASN C 150 -6.37 -7.33 24.89
N PRO C 151 -7.33 -7.20 23.97
CA PRO C 151 -8.35 -8.25 23.87
C PRO C 151 -7.77 -9.61 23.43
N GLN C 152 -8.12 -10.66 24.15
CA GLN C 152 -7.66 -12.01 23.86
C GLN C 152 -8.85 -12.97 23.84
N PRO C 153 -8.78 -14.03 23.03
CA PRO C 153 -9.94 -14.93 22.89
C PRO C 153 -10.38 -15.61 24.19
N THR C 154 -11.69 -15.80 24.32
CA THR C 154 -12.25 -16.64 25.36
C THR C 154 -13.36 -17.46 24.71
N THR C 155 -13.56 -18.69 25.19
CA THR C 155 -14.60 -19.54 24.62
C THR C 155 -15.74 -19.79 25.60
N THR C 156 -15.73 -19.08 26.71
CA THR C 156 -16.85 -19.11 27.64
C THR C 156 -17.44 -17.70 27.78
N THR C 157 -18.76 -17.62 27.85
CA THR C 157 -19.44 -16.35 28.02
C THR C 157 -19.25 -15.77 29.44
N SER C 158 -18.97 -16.64 30.41
CA SER C 158 -18.85 -16.18 31.79
C SER C 158 -17.60 -15.32 32.00
N GLY C 159 -17.81 -14.07 32.41
CA GLY C 159 -16.71 -13.15 32.65
C GLY C 159 -16.12 -12.57 31.37
N ALA C 160 -16.80 -12.81 30.26
CA ALA C 160 -16.31 -12.36 28.95
C ALA C 160 -16.71 -10.94 28.56
N GLN C 161 -16.08 -10.44 27.51
CA GLN C 161 -16.49 -9.21 26.85
C GLN C 161 -16.91 -9.53 25.42
N ILE C 162 -17.81 -8.72 24.86
CA ILE C 162 -18.11 -8.79 23.44
C ILE C 162 -17.36 -7.66 22.75
N VAL C 163 -16.63 -8.00 21.70
CA VAL C 163 -15.71 -7.06 21.05
C VAL C 163 -15.98 -6.96 19.56
N ALA C 164 -15.94 -5.72 19.05
CA ALA C 164 -15.96 -5.47 17.61
C ALA C 164 -14.79 -4.55 17.26
N LYS C 165 -13.99 -4.96 16.26
CA LYS C 165 -12.88 -4.14 15.82
C LYS C 165 -12.81 -4.12 14.30
N SER C 166 -12.74 -2.93 13.70
CA SER C 166 -12.70 -2.84 12.25
C SER C 166 -11.39 -3.46 11.76
N ILE C 167 -11.49 -4.33 10.75
CA ILE C 167 -10.31 -4.99 10.20
C ILE C 167 -9.59 -4.10 9.19
N TYR C 168 -10.28 -3.05 8.74
CA TYR C 168 -9.70 -2.04 7.86
C TYR C 168 -9.93 -0.67 8.48
N GLY C 169 -9.19 0.33 8.01
CA GLY C 169 -9.32 1.67 8.55
C GLY C 169 -10.67 2.29 8.28
N VAL C 170 -11.29 2.84 9.33
CA VAL C 170 -12.50 3.63 9.16
C VAL C 170 -12.11 5.02 8.67
N ALA C 171 -13.07 5.75 8.10
CA ALA C 171 -12.79 7.09 7.57
C ALA C 171 -12.31 8.04 8.67
N THR C 172 -13.07 8.12 9.76
CA THR C 172 -12.65 8.92 10.91
C THR C 172 -13.00 8.22 12.21
N GLY C 173 -12.00 8.03 13.05
CA GLY C 173 -12.19 7.37 14.33
C GLY C 173 -13.09 8.14 15.26
N ILE C 174 -13.71 7.43 16.20
CA ILE C 174 -14.60 8.02 17.17
C ILE C 174 -14.29 7.54 18.59
N ASN C 175 -14.10 8.47 19.52
CA ASN C 175 -13.95 8.14 20.93
C ASN C 175 -15.24 8.51 21.67
N GLN C 176 -16.00 7.51 22.11
CA GLN C 176 -17.16 7.76 22.95
C GLN C 176 -17.23 6.74 24.07
N ALA C 177 -17.35 7.20 25.31
CA ALA C 177 -17.44 6.30 26.46
C ALA C 177 -18.66 5.40 26.36
N THR C 178 -19.75 5.97 25.87
CA THR C 178 -20.97 5.21 25.64
C THR C 178 -21.36 5.36 24.18
N ALA C 179 -21.38 4.24 23.45
CA ALA C 179 -21.72 4.25 22.04
C ALA C 179 -22.36 2.94 21.61
N GLY C 180 -23.16 3.00 20.55
CA GLY C 180 -23.84 1.83 20.04
C GLY C 180 -23.07 1.09 18.96
N LEU C 181 -23.32 -0.21 18.87
CA LEU C 181 -22.80 -1.04 17.80
C LEU C 181 -23.96 -1.53 16.94
N PHE C 182 -23.78 -1.46 15.63
CA PHE C 182 -24.74 -2.01 14.69
C PHE C 182 -24.00 -2.77 13.59
N VAL C 183 -24.25 -4.08 13.47
CA VAL C 183 -23.60 -4.91 12.44
C VAL C 183 -24.61 -5.89 11.85
N MET C 184 -24.61 -6.04 10.52
CA MET C 184 -25.48 -7.01 9.87
C MET C 184 -25.08 -8.41 10.35
N ALA C 185 -26.07 -9.25 10.67
CA ALA C 185 -25.81 -10.55 11.30
C ALA C 185 -25.21 -11.62 10.39
N SER C 186 -25.26 -11.41 9.07
CA SER C 186 -24.72 -12.40 8.13
C SER C 186 -23.26 -12.13 7.82
N GLY C 187 -22.40 -13.02 8.30
CA GLY C 187 -20.98 -12.80 8.33
C GLY C 187 -20.15 -13.37 7.19
N VAL C 188 -18.89 -12.94 7.16
CA VAL C 188 -17.88 -13.50 6.28
C VAL C 188 -16.65 -13.86 7.11
N ILE C 189 -15.73 -14.60 6.50
CA ILE C 189 -14.54 -15.07 7.20
C ILE C 189 -13.31 -14.22 6.87
N SER C 190 -12.58 -13.81 7.90
CA SER C 190 -11.40 -12.97 7.65
C SER C 190 -10.23 -13.85 7.21
N THR C 191 -9.63 -13.49 6.08
CA THR C 191 -8.40 -14.11 5.60
C THR C 191 -7.42 -13.03 5.16
N PRO C 192 -6.12 -13.20 5.46
CA PRO C 192 -5.08 -12.23 5.13
C PRO C 192 -4.64 -12.27 3.66
N ASN C 193 -4.97 -13.35 2.96
CA ASN C 193 -4.63 -13.49 1.54
C ASN C 193 -5.72 -14.26 0.80
N SER C 194 -5.46 -14.58 -0.46
CA SER C 194 -6.45 -15.29 -1.28
C SER C 194 -6.73 -16.74 -0.84
N SER C 195 -5.80 -17.36 -0.12
CA SER C 195 -5.93 -18.79 0.21
C SER C 195 -7.09 -19.12 1.16
N ALA C 196 -7.75 -20.24 0.87
CA ALA C 196 -8.77 -20.76 1.78
C ALA C 196 -8.12 -21.35 3.01
N ILE C 197 -8.84 -21.32 4.14
CA ILE C 197 -8.37 -21.94 5.37
C ILE C 197 -9.28 -23.12 5.71
N THR C 198 -9.05 -23.74 6.86
CA THR C 198 -9.88 -24.85 7.30
C THR C 198 -11.29 -24.35 7.55
N TYR C 199 -12.24 -25.26 7.71
CA TYR C 199 -13.62 -24.85 7.95
C TYR C 199 -13.67 -24.01 9.24
N THR C 200 -14.56 -23.02 9.25
CA THR C 200 -14.58 -22.01 10.29
C THR C 200 -16.00 -21.92 10.87
N PRO C 201 -16.11 -21.91 12.22
CA PRO C 201 -15.05 -21.99 13.23
C PRO C 201 -14.64 -23.42 13.53
N GLN C 202 -13.36 -23.62 13.83
CA GLN C 202 -12.92 -24.89 14.40
C GLN C 202 -13.54 -25.02 15.78
N PRO C 203 -13.69 -26.25 16.28
CA PRO C 203 -14.37 -26.46 17.57
C PRO C 203 -13.79 -25.65 18.74
N ASN C 204 -12.47 -25.49 18.81
CA ASN C 204 -11.86 -24.75 19.91
C ASN C 204 -12.06 -23.24 19.84
N ARG C 205 -12.71 -22.76 18.77
CA ARG C 205 -13.01 -21.34 18.62
C ARG C 205 -14.44 -20.99 19.02
N ILE C 206 -15.27 -22.00 19.22
CA ILE C 206 -16.69 -21.77 19.47
C ILE C 206 -16.93 -21.35 20.92
N VAL C 207 -17.71 -20.29 21.10
CA VAL C 207 -18.03 -19.75 22.42
C VAL C 207 -19.35 -20.32 22.90
N ASN C 208 -19.36 -20.85 24.12
CA ASN C 208 -20.57 -21.47 24.66
C ASN C 208 -20.93 -20.98 26.06
N ALA C 209 -22.22 -20.85 26.33
CA ALA C 209 -22.69 -20.45 27.65
C ALA C 209 -22.59 -21.62 28.62
N PRO C 210 -22.46 -21.33 29.91
CA PRO C 210 -22.40 -22.41 30.90
C PRO C 210 -23.66 -23.29 30.85
N GLY C 211 -23.47 -24.59 30.98
CA GLY C 211 -24.57 -25.53 30.94
C GLY C 211 -24.91 -26.04 29.56
N THR C 212 -24.25 -25.50 28.54
CA THR C 212 -24.44 -25.97 27.17
C THR C 212 -23.97 -27.41 27.07
N PRO C 213 -24.88 -28.34 26.70
CA PRO C 213 -24.46 -29.75 26.60
C PRO C 213 -23.53 -29.97 25.41
N ALA C 214 -22.54 -30.84 25.60
CA ALA C 214 -21.58 -31.12 24.54
C ALA C 214 -22.04 -32.24 23.63
N ALA C 215 -21.63 -32.18 22.38
CA ALA C 215 -21.83 -33.29 21.46
C ALA C 215 -20.55 -34.11 21.43
N ALA C 216 -20.67 -35.38 21.76
CA ALA C 216 -19.54 -36.29 21.81
C ALA C 216 -19.86 -37.55 21.01
N PRO C 217 -18.82 -38.23 20.50
CA PRO C 217 -19.03 -39.48 19.78
C PRO C 217 -19.73 -40.51 20.64
N ILE C 218 -20.66 -41.26 20.06
CA ILE C 218 -21.32 -42.37 20.72
C ILE C 218 -21.04 -43.61 19.91
N GLY C 219 -20.09 -44.42 20.38
CA GLY C 219 -19.63 -45.55 19.59
C GLY C 219 -19.02 -45.04 18.30
N LYS C 220 -19.46 -45.60 17.18
CA LYS C 220 -18.96 -45.19 15.86
C LYS C 220 -19.73 -43.99 15.29
N ASN C 221 -20.75 -43.55 16.01
CA ASN C 221 -21.52 -42.38 15.61
C ASN C 221 -20.82 -41.11 16.05
N THR C 222 -20.65 -40.20 15.11
CA THR C 222 -19.86 -39.00 15.31
C THR C 222 -20.70 -37.75 15.02
N PRO C 223 -20.62 -36.74 15.91
CA PRO C 223 -21.37 -35.50 15.71
C PRO C 223 -20.86 -34.76 14.48
N ILE C 224 -21.77 -34.09 13.77
CA ILE C 224 -21.39 -33.38 12.56
C ILE C 224 -21.78 -31.90 12.58
N MET C 225 -21.10 -31.12 11.76
CA MET C 225 -21.54 -29.77 11.48
C MET C 225 -21.99 -29.70 10.02
N PHE C 226 -22.78 -28.69 9.69
CA PHE C 226 -23.26 -28.53 8.32
C PHE C 226 -22.46 -27.45 7.61
N ALA C 227 -21.77 -27.85 6.54
CA ALA C 227 -20.84 -26.97 5.86
C ALA C 227 -21.46 -26.18 4.70
N SER C 228 -21.14 -24.89 4.65
CA SER C 228 -21.58 -24.04 3.55
C SER C 228 -20.39 -23.28 2.99
N VAL C 229 -20.49 -22.83 1.76
CA VAL C 229 -19.44 -22.01 1.19
C VAL C 229 -19.64 -20.59 1.70
N VAL C 230 -18.61 -20.04 2.33
CA VAL C 230 -18.73 -18.74 2.95
C VAL C 230 -17.71 -17.78 2.34
N ARG C 231 -18.10 -16.53 2.14
CA ARG C 231 -17.22 -15.52 1.58
C ARG C 231 -16.05 -15.29 2.52
N ARG C 232 -14.89 -14.98 1.95
CA ARG C 232 -13.72 -14.63 2.76
C ARG C 232 -13.13 -13.30 2.30
N THR C 233 -12.60 -12.54 3.25
CA THR C 233 -12.15 -11.18 2.96
C THR C 233 -10.98 -11.10 1.98
N GLY C 234 -10.06 -12.06 2.04
CA GLY C 234 -8.90 -12.07 1.16
C GLY C 234 -9.23 -12.22 -0.32
N ASP C 235 -10.32 -12.91 -0.62
CA ASP C 235 -10.81 -13.09 -1.98
C ASP C 235 -12.33 -13.13 -1.94
N ILE C 236 -12.94 -11.95 -1.91
CA ILE C 236 -14.37 -11.83 -1.66
C ILE C 236 -15.20 -12.41 -2.79
N ASN C 237 -14.64 -12.46 -3.99
CA ASN C 237 -15.33 -13.01 -5.14
C ASN C 237 -15.38 -14.55 -5.12
N ALA C 238 -14.46 -15.17 -4.40
CA ALA C 238 -14.34 -16.63 -4.41
C ALA C 238 -15.62 -17.33 -3.93
N GLU C 239 -16.07 -18.31 -4.70
CA GLU C 239 -17.24 -19.11 -4.37
C GLU C 239 -16.87 -20.59 -4.47
N ALA C 240 -17.87 -21.45 -4.68
CA ALA C 240 -17.59 -22.89 -4.78
C ALA C 240 -16.74 -23.16 -6.03
N GLY C 241 -15.68 -23.94 -5.86
CA GLY C 241 -14.86 -24.35 -6.98
C GLY C 241 -13.81 -23.33 -7.37
N SER C 242 -13.59 -22.34 -6.51
CA SER C 242 -12.64 -21.27 -6.80
C SER C 242 -11.22 -21.83 -6.95
N THR C 243 -10.48 -21.33 -7.93
CA THR C 243 -9.12 -21.81 -8.15
C THR C 243 -8.15 -21.33 -7.06
N ASN C 244 -8.64 -20.53 -6.12
CA ASN C 244 -7.86 -20.18 -4.94
C ASN C 244 -8.25 -21.05 -3.75
N GLY C 245 -9.04 -22.09 -4.00
CA GLY C 245 -9.53 -22.95 -2.95
C GLY C 245 -10.92 -22.56 -2.49
N THR C 246 -11.67 -23.54 -2.00
CA THR C 246 -13.04 -23.31 -1.54
C THR C 246 -13.08 -23.14 -0.02
N GLN C 247 -13.75 -22.09 0.44
CA GLN C 247 -13.83 -21.80 1.87
C GLN C 247 -15.15 -22.26 2.46
N TYR C 248 -15.06 -23.09 3.50
CA TYR C 248 -16.25 -23.57 4.20
C TYR C 248 -16.46 -22.91 5.56
N GLY C 249 -17.70 -22.50 5.82
CA GLY C 249 -18.15 -22.22 7.17
C GLY C 249 -18.98 -23.41 7.63
N ALA C 250 -19.10 -23.58 8.94
CA ALA C 250 -19.88 -24.69 9.49
C ALA C 250 -20.85 -24.23 10.57
N GLY C 251 -21.99 -24.90 10.65
CA GLY C 251 -22.97 -24.64 11.68
C GLY C 251 -23.43 -25.95 12.32
N SER C 252 -23.90 -25.88 13.56
CA SER C 252 -24.38 -27.05 14.27
C SER C 252 -25.67 -27.62 13.66
N GLN C 253 -26.51 -26.76 13.14
CA GLN C 253 -27.80 -27.19 12.59
C GLN C 253 -28.15 -26.51 11.26
N PRO C 254 -28.97 -27.19 10.45
CA PRO C 254 -29.58 -26.46 9.33
C PRO C 254 -30.62 -25.51 9.91
N LEU C 255 -30.65 -24.27 9.43
CA LEU C 255 -31.56 -23.28 10.01
C LEU C 255 -33.04 -23.71 9.97
N PRO C 256 -33.51 -24.36 8.89
CA PRO C 256 -34.89 -24.85 8.93
C PRO C 256 -35.18 -25.81 10.10
N VAL C 257 -34.19 -26.61 10.49
CA VAL C 257 -34.35 -27.48 11.63
C VAL C 257 -34.46 -26.66 12.91
N THR C 258 -33.56 -25.69 13.04
CA THR C 258 -33.56 -24.81 14.21
C THR C 258 -34.88 -24.07 14.34
N VAL C 259 -35.40 -23.57 13.22
CA VAL C 259 -36.67 -22.86 13.25
C VAL C 259 -37.78 -23.78 13.73
N GLY C 260 -37.84 -24.97 13.16
CA GLY C 260 -38.87 -25.93 13.52
C GLY C 260 -38.82 -26.30 14.99
N LEU C 261 -37.62 -26.51 15.51
CA LEU C 261 -37.44 -26.85 16.92
C LEU C 261 -37.88 -25.70 17.85
N SER C 262 -37.69 -24.48 17.39
CA SER C 262 -38.07 -23.31 18.18
C SER C 262 -39.60 -23.11 18.23
N LEU C 263 -40.32 -23.71 17.29
CA LEU C 263 -41.77 -23.49 17.20
C LEU C 263 -42.60 -24.57 17.87
N ASN C 264 -42.02 -25.73 18.08
CA ASN C 264 -42.75 -26.84 18.67
C ASN C 264 -41.88 -27.61 19.62
N ASN C 265 -42.52 -28.37 20.50
CA ASN C 265 -41.80 -29.17 21.45
C ASN C 265 -41.88 -30.63 21.01
N TYR C 266 -40.72 -31.20 20.73
CA TYR C 266 -40.62 -32.55 20.18
C TYR C 266 -40.20 -33.57 21.24
N SER C 267 -40.44 -33.24 22.51
CA SER C 267 -40.00 -34.11 23.61
C SER C 267 -40.63 -35.51 23.61
N SER C 268 -41.91 -35.59 23.25
CA SER C 268 -42.62 -36.86 23.23
C SER C 268 -42.13 -37.79 22.12
N ALA C 269 -41.64 -37.18 21.03
CA ALA C 269 -41.20 -37.94 19.87
C ALA C 269 -39.95 -38.79 20.15
N LEU C 270 -39.06 -38.28 20.99
CA LEU C 270 -37.77 -38.92 21.19
C LEU C 270 -37.32 -38.91 22.64
N MET C 271 -36.69 -40.01 23.07
CA MET C 271 -36.10 -40.10 24.40
C MET C 271 -34.58 -39.93 24.34
N PRO C 272 -33.97 -39.55 25.48
CA PRO C 272 -32.51 -39.56 25.53
C PRO C 272 -31.97 -40.96 25.26
N GLY C 273 -30.84 -41.07 24.58
CA GLY C 273 -30.31 -42.35 24.17
C GLY C 273 -30.86 -42.83 22.84
N GLN C 274 -31.76 -42.04 22.26
CA GLN C 274 -32.29 -42.31 20.93
C GLN C 274 -31.88 -41.23 19.94
N PHE C 275 -31.79 -41.63 18.68
CA PHE C 275 -31.66 -40.71 17.54
C PHE C 275 -32.95 -40.74 16.74
N PHE C 276 -33.38 -39.61 16.20
CA PHE C 276 -34.31 -39.70 15.08
C PHE C 276 -33.49 -39.78 13.80
N VAL C 277 -33.73 -40.81 13.00
CA VAL C 277 -32.88 -41.08 11.84
C VAL C 277 -33.54 -40.73 10.51
N TRP C 278 -32.75 -40.15 9.62
CA TRP C 278 -33.15 -39.95 8.22
C TRP C 278 -32.15 -40.69 7.34
N GLN C 279 -32.61 -41.17 6.19
CA GLN C 279 -31.71 -41.76 5.21
C GLN C 279 -31.45 -40.75 4.09
N LEU C 280 -30.17 -40.52 3.81
CA LEU C 280 -29.77 -39.64 2.73
C LEU C 280 -29.38 -40.50 1.54
N ASN C 281 -30.17 -40.44 0.47
CA ASN C 281 -29.89 -41.23 -0.71
C ASN C 281 -29.11 -40.43 -1.75
N PHE C 282 -27.90 -40.89 -2.04
CA PHE C 282 -27.03 -40.26 -3.02
C PHE C 282 -27.14 -40.94 -4.37
N ALA C 283 -26.47 -40.37 -5.37
CA ALA C 283 -26.47 -40.96 -6.72
C ALA C 283 -25.92 -42.37 -6.65
N SER C 284 -24.82 -42.53 -5.92
CA SER C 284 -24.26 -43.85 -5.66
C SER C 284 -24.16 -44.08 -4.16
N GLY C 285 -25.06 -44.89 -3.61
CA GLY C 285 -25.05 -45.21 -2.21
C GLY C 285 -25.94 -44.35 -1.31
N PHE C 286 -25.85 -44.58 -0.01
CA PHE C 286 -26.66 -43.87 0.96
C PHE C 286 -26.05 -43.90 2.35
N MET C 287 -26.55 -43.03 3.22
CA MET C 287 -26.07 -42.95 4.60
C MET C 287 -27.21 -42.51 5.50
N GLU C 288 -27.04 -42.73 6.81
CA GLU C 288 -28.05 -42.30 7.76
C GLU C 288 -27.56 -41.12 8.60
N LEU C 289 -28.49 -40.21 8.90
CA LEU C 289 -28.24 -39.10 9.82
C LEU C 289 -29.14 -39.25 11.03
N GLY C 290 -28.58 -39.01 12.21
CA GLY C 290 -29.35 -39.10 13.44
C GLY C 290 -29.38 -37.79 14.20
N LEU C 291 -30.55 -37.47 14.75
CA LEU C 291 -30.74 -36.25 15.54
C LEU C 291 -31.00 -36.61 17.00
N SER C 292 -30.18 -36.09 17.90
CA SER C 292 -30.34 -36.33 19.34
C SER C 292 -31.30 -35.34 19.99
N VAL C 293 -31.71 -35.63 21.22
CA VAL C 293 -32.60 -34.74 21.96
C VAL C 293 -31.94 -33.38 22.22
N ASP C 294 -30.60 -33.36 22.29
CA ASP C 294 -29.87 -32.10 22.48
C ASP C 294 -29.78 -31.28 21.20
N GLY C 295 -30.30 -31.82 20.10
CA GLY C 295 -30.34 -31.11 18.83
C GLY C 295 -29.12 -31.27 17.95
N TYR C 296 -28.19 -32.14 18.35
CA TYR C 296 -27.00 -32.40 17.54
C TYR C 296 -27.24 -33.51 16.52
N PHE C 297 -26.62 -33.37 15.35
CA PHE C 297 -26.70 -34.38 14.31
C PHE C 297 -25.47 -35.28 14.32
N TYR C 298 -25.68 -36.56 14.01
CA TYR C 298 -24.59 -37.55 14.00
C TYR C 298 -24.57 -38.36 12.70
N ALA C 299 -23.37 -38.82 12.34
CA ALA C 299 -23.22 -39.76 11.23
C ALA C 299 -22.36 -40.95 11.68
N GLY C 300 -22.55 -42.10 11.04
CA GLY C 300 -21.82 -43.30 11.43
C GLY C 300 -20.46 -43.38 10.78
N THR C 301 -19.70 -42.30 10.85
CA THR C 301 -18.43 -42.18 10.13
C THR C 301 -17.19 -42.38 11.01
N GLY C 302 -17.41 -42.67 12.28
CA GLY C 302 -16.30 -42.95 13.18
C GLY C 302 -15.29 -41.82 13.33
N ALA C 303 -14.02 -42.15 13.17
CA ALA C 303 -12.93 -41.18 13.36
C ALA C 303 -12.66 -40.27 12.17
N SER C 304 -13.33 -40.52 11.03
CA SER C 304 -13.09 -39.75 9.81
C SER C 304 -13.46 -38.28 9.97
N ALA C 305 -12.60 -37.39 9.47
CA ALA C 305 -12.89 -35.97 9.46
C ALA C 305 -13.14 -35.43 8.05
N THR C 306 -13.26 -36.35 7.10
CA THR C 306 -13.40 -35.97 5.69
C THR C 306 -14.77 -35.40 5.40
N LEU C 307 -14.78 -34.24 4.76
CA LEU C 307 -16.03 -33.58 4.42
C LEU C 307 -16.84 -34.43 3.45
N ILE C 308 -18.13 -34.51 3.68
CA ILE C 308 -19.00 -35.27 2.80
C ILE C 308 -19.71 -34.33 1.85
N ASP C 309 -19.39 -34.44 0.56
CA ASP C 309 -19.97 -33.59 -0.46
C ASP C 309 -21.44 -33.96 -0.70
N LEU C 310 -22.31 -32.95 -0.68
CA LEU C 310 -23.74 -33.19 -0.85
C LEU C 310 -24.22 -32.89 -2.27
N SER C 311 -23.29 -32.60 -3.17
CA SER C 311 -23.64 -32.27 -4.54
C SER C 311 -24.38 -33.43 -5.21
N GLU C 312 -24.08 -34.65 -4.78
CA GLU C 312 -24.71 -35.82 -5.38
C GLU C 312 -25.85 -36.39 -4.53
N LEU C 313 -26.29 -35.62 -3.54
CA LEU C 313 -27.43 -36.04 -2.73
C LEU C 313 -28.71 -35.91 -3.56
N VAL C 314 -29.49 -36.99 -3.60
CA VAL C 314 -30.69 -37.02 -4.43
C VAL C 314 -31.96 -36.75 -3.62
N ASP C 315 -32.13 -37.46 -2.52
CA ASP C 315 -33.31 -37.24 -1.69
C ASP C 315 -33.09 -37.69 -0.25
N ILE C 316 -33.96 -37.22 0.63
CA ILE C 316 -33.94 -37.56 2.04
C ILE C 316 -35.23 -38.28 2.42
N ARG C 317 -35.12 -39.37 3.16
CA ARG C 317 -36.29 -40.11 3.63
C ARG C 317 -36.23 -40.32 5.15
N PRO C 318 -37.34 -40.05 5.85
CA PRO C 318 -37.35 -40.28 7.30
C PRO C 318 -37.32 -41.77 7.60
N VAL C 319 -36.49 -42.17 8.55
CA VAL C 319 -36.40 -43.56 8.96
C VAL C 319 -37.15 -43.81 10.27
N GLY C 320 -36.94 -42.94 11.25
CA GLY C 320 -37.60 -43.07 12.54
C GLY C 320 -36.62 -43.17 13.70
N PRO C 321 -37.13 -43.38 14.92
CA PRO C 321 -36.27 -43.47 16.11
C PRO C 321 -35.39 -44.72 16.13
N ARG C 322 -34.12 -44.55 16.50
CA ARG C 322 -33.21 -45.67 16.63
C ARG C 322 -32.35 -45.46 17.87
N PRO C 323 -31.79 -46.55 18.43
CA PRO C 323 -30.89 -46.41 19.57
C PRO C 323 -29.61 -45.69 19.18
N SER C 324 -29.18 -44.73 19.99
CA SER C 324 -27.98 -43.95 19.69
C SER C 324 -26.72 -44.81 19.69
N THR C 325 -26.79 -45.96 20.35
CA THR C 325 -25.66 -46.89 20.40
C THR C 325 -25.53 -47.71 19.12
N SER C 326 -26.61 -47.78 18.35
CA SER C 326 -26.60 -48.49 17.08
C SER C 326 -25.93 -47.65 15.98
N THR C 327 -24.94 -48.24 15.31
CA THR C 327 -24.18 -47.52 14.29
C THR C 327 -25.05 -47.08 13.11
N LEU C 328 -25.03 -45.79 12.82
CA LEU C 328 -25.75 -45.25 11.68
C LEU C 328 -25.09 -45.77 10.41
N VAL C 329 -25.91 -46.24 9.46
CA VAL C 329 -25.40 -46.82 8.22
C VAL C 329 -24.64 -45.79 7.39
N TYR C 330 -23.47 -46.18 6.90
CA TYR C 330 -22.71 -45.37 5.96
C TYR C 330 -22.30 -46.22 4.77
N ASN C 331 -23.00 -46.06 3.65
CA ASN C 331 -22.70 -46.84 2.44
C ASN C 331 -22.40 -45.94 1.23
N LEU C 332 -21.33 -45.15 1.32
CA LEU C 332 -20.92 -44.27 0.23
C LEU C 332 -19.57 -44.71 -0.32
N SER D 1 -51.61 -29.77 -3.44
CA SER D 1 -52.30 -28.64 -2.80
C SER D 1 -51.30 -27.62 -2.25
N PRO D 2 -51.53 -26.33 -2.54
CA PRO D 2 -50.66 -25.24 -2.08
C PRO D 2 -50.94 -24.84 -0.65
N ALA D 3 -51.82 -25.57 0.04
CA ALA D 3 -52.33 -25.14 1.33
C ALA D 3 -51.22 -24.90 2.36
N ASP D 4 -50.20 -25.75 2.36
CA ASP D 4 -49.14 -25.64 3.36
C ASP D 4 -48.08 -24.57 3.02
N LEU D 5 -48.28 -23.86 1.92
CA LEU D 5 -47.43 -22.71 1.62
C LEU D 5 -47.59 -21.65 2.68
N LEU D 6 -48.83 -21.46 3.13
CA LEU D 6 -49.15 -20.47 4.13
C LEU D 6 -49.61 -21.16 5.41
N THR D 7 -48.71 -21.30 6.36
CA THR D 7 -49.08 -21.85 7.66
C THR D 7 -48.96 -20.74 8.69
N THR D 8 -49.42 -21.01 9.90
CA THR D 8 -49.54 -19.99 10.93
C THR D 8 -48.21 -19.23 11.16
N PRO D 9 -47.06 -19.94 11.28
CA PRO D 9 -45.83 -19.18 11.58
C PRO D 9 -45.41 -18.18 10.51
N VAL D 10 -45.84 -18.35 9.27
CA VAL D 10 -45.45 -17.47 8.17
C VAL D 10 -45.85 -16.00 8.41
N LEU D 11 -47.01 -15.81 9.04
CA LEU D 11 -47.52 -14.46 9.28
C LEU D 11 -47.61 -14.09 10.76
N THR D 12 -47.22 -15.01 11.64
CA THR D 12 -47.29 -14.73 13.08
C THR D 12 -45.93 -14.47 13.71
N GLY D 13 -44.94 -14.16 12.89
CA GLY D 13 -43.66 -13.69 13.41
C GLY D 13 -42.42 -14.43 12.95
N VAL D 14 -42.59 -15.56 12.29
CA VAL D 14 -41.44 -16.29 11.77
C VAL D 14 -41.14 -15.93 10.32
N GLY D 15 -42.18 -15.91 9.49
CA GLY D 15 -42.03 -15.67 8.07
C GLY D 15 -41.54 -14.25 7.78
N THR D 16 -40.65 -14.14 6.81
CA THR D 16 -40.14 -12.83 6.40
C THR D 16 -40.62 -12.50 5.00
N ASP D 17 -40.58 -11.22 4.64
CA ASP D 17 -40.96 -10.79 3.29
C ASP D 17 -39.84 -11.05 2.28
N ASN D 18 -40.22 -11.21 1.02
CA ASN D 18 -39.28 -11.55 -0.05
C ASN D 18 -38.49 -10.37 -0.64
N ARG D 19 -38.66 -9.17 -0.10
CA ARG D 19 -37.81 -8.05 -0.53
C ARG D 19 -36.75 -7.66 0.50
N TRP D 20 -37.17 -7.54 1.76
CA TRP D 20 -36.29 -7.07 2.82
C TRP D 20 -35.83 -8.14 3.80
N ASN D 21 -36.46 -9.31 3.76
CA ASN D 21 -36.18 -10.39 4.70
C ASN D 21 -36.49 -9.96 6.14
N GLY D 22 -37.43 -9.02 6.29
CA GLY D 22 -37.88 -8.61 7.61
C GLY D 22 -39.08 -9.44 8.06
N GLU D 23 -39.22 -9.62 9.37
CA GLU D 23 -40.34 -10.39 9.91
C GLU D 23 -41.66 -9.70 9.57
N ILE D 24 -42.58 -10.44 8.96
CA ILE D 24 -43.86 -9.85 8.54
C ILE D 24 -44.74 -9.55 9.74
N VAL D 25 -45.20 -8.30 9.84
CA VAL D 25 -46.04 -7.87 10.95
C VAL D 25 -47.32 -7.21 10.47
N GLY D 26 -47.44 -7.00 9.16
CA GLY D 26 -48.63 -6.38 8.63
C GLY D 26 -48.95 -6.74 7.20
N LEU D 27 -50.20 -6.49 6.81
CA LEU D 27 -50.62 -6.65 5.43
C LEU D 27 -50.96 -5.28 4.87
N GLN D 28 -50.28 -4.90 3.80
CA GLN D 28 -50.46 -3.58 3.20
C GLN D 28 -51.22 -3.68 1.90
N PRO D 29 -52.48 -3.24 1.90
CA PRO D 29 -53.31 -3.22 0.69
C PRO D 29 -52.79 -2.20 -0.31
N VAL D 30 -52.87 -2.53 -1.61
CA VAL D 30 -52.43 -1.62 -2.66
C VAL D 30 -53.55 -1.41 -3.67
N PRO D 31 -54.50 -0.51 -3.37
CA PRO D 31 -55.67 -0.31 -4.21
C PRO D 31 -55.32 0.14 -5.63
N GLY D 32 -54.21 0.85 -5.78
CA GLY D 32 -53.73 1.27 -7.09
C GLY D 32 -53.19 0.14 -7.95
N GLY D 33 -52.86 -0.98 -7.31
CA GLY D 33 -52.23 -2.08 -8.01
C GLY D 33 -50.72 -1.93 -8.03
N PHE D 34 -50.02 -3.03 -8.28
CA PHE D 34 -48.56 -2.98 -8.40
C PHE D 34 -48.06 -4.19 -9.18
N SER D 35 -46.77 -4.18 -9.51
CA SER D 35 -46.09 -5.30 -10.14
C SER D 35 -44.82 -5.61 -9.36
N THR D 36 -44.47 -6.89 -9.28
CA THR D 36 -43.19 -7.31 -8.72
C THR D 36 -42.74 -8.62 -9.38
N CYS D 37 -41.45 -8.70 -9.73
CA CYS D 37 -40.92 -9.93 -10.33
C CYS D 37 -39.73 -10.51 -9.57
N ASN D 38 -38.88 -9.66 -9.00
CA ASN D 38 -37.66 -10.14 -8.36
C ASN D 38 -37.91 -10.91 -7.06
N ARG D 39 -37.34 -12.11 -6.97
CA ARG D 39 -37.58 -13.03 -5.87
C ARG D 39 -39.08 -13.27 -5.70
N HIS D 40 -39.79 -13.28 -6.82
CA HIS D 40 -41.22 -13.54 -6.84
C HIS D 40 -41.52 -14.68 -7.79
N TRP D 41 -42.20 -15.71 -7.29
CA TRP D 41 -42.54 -16.87 -8.11
C TRP D 41 -44.04 -16.95 -8.36
N ASN D 42 -44.42 -17.60 -9.45
CA ASN D 42 -45.82 -17.88 -9.72
C ASN D 42 -46.09 -19.35 -9.42
N LEU D 43 -47.29 -19.82 -9.73
CA LEU D 43 -47.66 -21.20 -9.39
C LEU D 43 -47.30 -22.20 -10.49
N ASN D 44 -46.62 -21.71 -11.53
CA ASN D 44 -46.13 -22.56 -12.60
C ASN D 44 -44.60 -22.70 -12.50
N GLY D 45 -44.09 -22.49 -11.29
CA GLY D 45 -42.69 -22.72 -11.01
C GLY D 45 -41.71 -21.75 -11.64
N SER D 46 -42.16 -20.54 -11.95
CA SER D 46 -41.34 -19.61 -12.69
C SER D 46 -41.24 -18.23 -12.06
N THR D 47 -40.14 -17.53 -12.37
CA THR D 47 -39.93 -16.15 -11.98
C THR D 47 -39.57 -15.30 -13.19
N PHE D 48 -39.99 -14.05 -13.18
CA PHE D 48 -39.59 -13.08 -14.21
C PHE D 48 -38.40 -12.27 -13.71
N GLY D 49 -38.00 -12.53 -12.46
CA GLY D 49 -36.92 -11.81 -11.81
C GLY D 49 -35.54 -12.39 -12.04
N TRP D 50 -34.57 -11.87 -11.29
CA TRP D 50 -33.17 -12.28 -11.40
C TRP D 50 -32.58 -12.86 -10.11
N SER D 51 -33.44 -13.10 -9.11
CA SER D 51 -32.94 -13.54 -7.80
C SER D 51 -33.57 -14.82 -7.30
N SER D 52 -32.75 -15.66 -6.70
CA SER D 52 -33.19 -16.87 -6.05
C SER D 52 -33.83 -16.56 -4.69
N PRO D 53 -34.67 -17.48 -4.16
CA PRO D 53 -35.39 -17.18 -2.92
C PRO D 53 -34.51 -17.29 -1.68
N ARG D 54 -33.56 -16.38 -1.55
CA ARG D 54 -32.62 -16.38 -0.45
C ARG D 54 -32.00 -15.00 -0.32
N PHE D 55 -31.34 -14.76 0.81
CA PHE D 55 -30.64 -13.50 1.03
C PHE D 55 -29.19 -13.75 1.40
N ALA D 56 -28.31 -13.62 0.42
CA ALA D 56 -26.89 -13.84 0.65
C ALA D 56 -26.13 -12.56 0.30
N ALA D 57 -25.46 -12.55 -0.84
CA ALA D 57 -24.66 -11.40 -1.23
C ALA D 57 -24.86 -11.05 -2.70
N ILE D 58 -24.61 -9.77 -3.02
CA ILE D 58 -24.67 -9.25 -4.38
C ILE D 58 -23.25 -9.13 -4.93
N ASP D 59 -22.98 -9.80 -6.05
CA ASP D 59 -21.62 -9.87 -6.60
C ASP D 59 -21.65 -9.64 -8.11
N HIS D 60 -20.91 -8.64 -8.58
CA HIS D 60 -20.74 -8.37 -10.00
C HIS D 60 -19.28 -8.02 -10.26
N ASP D 61 -18.62 -8.68 -11.21
CA ASP D 61 -17.17 -8.51 -11.34
C ASP D 61 -16.74 -7.48 -12.38
N ARG D 62 -17.69 -6.81 -13.04
CA ARG D 62 -17.29 -5.90 -14.10
C ARG D 62 -18.17 -4.65 -14.24
N GLY D 63 -17.86 -3.63 -13.44
CA GLY D 63 -18.54 -2.36 -13.52
C GLY D 63 -17.52 -1.24 -13.44
N ASN D 64 -17.98 0.00 -13.56
CA ASN D 64 -17.11 1.15 -13.48
C ASN D 64 -17.19 1.78 -12.09
N ALA D 65 -16.03 1.96 -11.45
CA ALA D 65 -15.96 2.58 -10.13
C ALA D 65 -15.27 3.94 -10.23
N SER D 66 -15.85 4.94 -9.56
CA SER D 66 -15.32 6.29 -9.60
C SER D 66 -15.74 7.12 -8.38
N TYR D 67 -15.10 8.28 -8.24
CA TYR D 67 -15.44 9.28 -7.24
C TYR D 67 -15.14 10.66 -7.85
N PRO D 68 -15.84 11.71 -7.39
CA PRO D 68 -15.56 13.04 -7.95
C PRO D 68 -14.33 13.71 -7.35
N GLY D 69 -13.59 14.48 -8.15
CA GLY D 69 -12.50 15.29 -7.66
C GLY D 69 -11.20 14.54 -7.51
N SER D 70 -10.12 15.25 -7.17
CA SER D 70 -8.82 14.61 -7.04
C SER D 70 -8.26 14.64 -5.63
N SER D 71 -9.14 14.49 -4.64
CA SER D 71 -8.73 14.47 -3.24
C SER D 71 -8.84 13.04 -2.69
N SER D 72 -9.92 12.38 -3.10
CA SER D 72 -10.28 10.99 -2.79
C SER D 72 -10.64 10.69 -1.34
N SER D 73 -10.32 11.58 -0.41
CA SER D 73 -10.62 11.30 1.00
C SER D 73 -12.05 11.72 1.36
N ASN D 74 -12.80 10.79 1.97
CA ASN D 74 -14.20 10.99 2.36
C ASN D 74 -15.04 11.45 1.17
N VAL D 75 -15.15 10.56 0.20
CA VAL D 75 -15.83 10.84 -1.06
C VAL D 75 -16.93 9.82 -1.34
N LEU D 76 -17.93 10.23 -2.10
CA LEU D 76 -18.98 9.30 -2.51
C LEU D 76 -18.49 8.43 -3.66
N GLU D 77 -18.35 7.14 -3.39
CA GLU D 77 -17.89 6.16 -4.36
C GLU D 77 -19.07 5.69 -5.20
N LEU D 78 -18.90 5.72 -6.52
CA LEU D 78 -19.96 5.32 -7.46
C LEU D 78 -19.56 4.10 -8.30
N TRP D 79 -20.46 3.14 -8.38
CA TRP D 79 -20.25 1.94 -9.20
C TRP D 79 -21.45 1.74 -10.11
N TYR D 80 -21.22 1.42 -11.37
CA TYR D 80 -22.34 1.15 -12.25
C TYR D 80 -21.99 0.19 -13.38
N ALA D 81 -23.04 -0.42 -13.92
CA ALA D 81 -22.92 -1.34 -15.04
C ALA D 81 -24.26 -1.36 -15.77
N SER D 82 -24.26 -1.98 -16.94
CA SER D 82 -25.48 -2.10 -17.72
C SER D 82 -26.35 -3.20 -17.16
N ALA D 83 -27.66 -2.99 -17.14
CA ALA D 83 -28.57 -4.09 -16.91
C ALA D 83 -28.40 -5.09 -18.06
N GLY D 84 -28.53 -6.39 -17.78
CA GLY D 84 -28.31 -7.39 -18.82
C GLY D 84 -26.89 -7.90 -18.92
N SER D 85 -26.01 -7.39 -18.06
CA SER D 85 -24.60 -7.75 -18.06
C SER D 85 -24.22 -8.80 -17.01
N ALA D 86 -25.20 -9.34 -16.29
CA ALA D 86 -24.91 -10.30 -15.23
C ALA D 86 -24.74 -11.73 -15.78
N ALA D 87 -23.67 -11.94 -16.54
CA ALA D 87 -23.45 -13.20 -17.24
C ALA D 87 -23.29 -14.42 -16.31
N ASP D 88 -22.77 -14.19 -15.11
CA ASP D 88 -22.56 -15.29 -14.16
C ASP D 88 -23.84 -15.72 -13.43
N ASN D 89 -24.94 -15.02 -13.67
CA ASN D 89 -26.17 -15.32 -12.98
C ASN D 89 -27.01 -16.31 -13.78
N PRO D 90 -27.14 -17.54 -13.26
CA PRO D 90 -27.85 -18.62 -13.98
C PRO D 90 -29.35 -18.34 -14.14
N ILE D 91 -29.93 -17.56 -13.24
CA ILE D 91 -31.34 -17.22 -13.32
C ILE D 91 -31.64 -16.23 -14.45
N SER D 92 -30.93 -15.11 -14.42
CA SER D 92 -31.14 -14.06 -15.41
C SER D 92 -29.90 -13.19 -15.54
N GLN D 93 -29.65 -12.69 -16.73
CA GLN D 93 -28.49 -11.82 -16.90
C GLN D 93 -28.83 -10.36 -16.62
N ILE D 94 -30.09 -10.10 -16.26
CA ILE D 94 -30.57 -8.74 -16.05
C ILE D 94 -29.77 -8.00 -14.97
N ALA D 95 -29.57 -8.66 -13.83
CA ALA D 95 -28.86 -8.05 -12.72
C ALA D 95 -28.28 -9.15 -11.84
N PRO D 96 -27.30 -8.83 -10.99
CA PRO D 96 -26.78 -9.89 -10.13
C PRO D 96 -27.86 -10.44 -9.20
N ASP D 97 -27.72 -11.71 -8.85
CA ASP D 97 -28.65 -12.36 -7.93
C ASP D 97 -28.65 -11.57 -6.63
N GLY D 98 -29.83 -11.13 -6.21
CA GLY D 98 -29.97 -10.36 -4.98
C GLY D 98 -29.99 -8.85 -5.12
N PHE D 99 -29.67 -8.34 -6.31
CA PHE D 99 -29.75 -6.91 -6.58
C PHE D 99 -31.19 -6.45 -6.45
N PRO D 100 -31.43 -5.39 -5.66
CA PRO D 100 -32.81 -4.95 -5.34
C PRO D 100 -33.62 -4.46 -6.56
N ASP D 101 -34.90 -4.77 -6.58
CA ASP D 101 -35.77 -4.30 -7.65
C ASP D 101 -36.31 -2.88 -7.38
N MET D 102 -35.44 -1.97 -6.99
CA MET D 102 -35.88 -0.61 -6.69
C MET D 102 -35.13 0.41 -7.55
N SER D 103 -35.83 1.45 -7.98
CA SER D 103 -35.23 2.49 -8.78
C SER D 103 -34.26 3.36 -7.96
N PHE D 104 -33.18 3.77 -8.61
CA PHE D 104 -32.12 4.54 -7.95
C PHE D 104 -32.54 5.96 -7.64
N VAL D 105 -32.28 6.40 -6.40
CA VAL D 105 -32.53 7.77 -5.99
C VAL D 105 -31.21 8.53 -5.99
N PRO D 106 -31.04 9.46 -6.95
CA PRO D 106 -29.78 10.19 -7.09
C PRO D 106 -29.52 11.13 -5.92
N PHE D 107 -28.24 11.34 -5.63
CA PHE D 107 -27.80 12.26 -4.59
C PHE D 107 -26.34 12.57 -4.84
N SER D 108 -25.88 13.70 -4.31
CA SER D 108 -24.49 14.10 -4.48
C SER D 108 -24.08 15.08 -3.39
N GLY D 109 -22.80 15.42 -3.33
CA GLY D 109 -22.31 16.34 -2.30
C GLY D 109 -22.41 15.74 -0.92
N THR D 110 -23.21 16.35 -0.07
CA THR D 110 -23.39 15.89 1.29
C THR D 110 -24.82 15.36 1.54
N THR D 111 -25.61 15.27 0.49
CA THR D 111 -26.99 14.80 0.59
C THR D 111 -27.08 13.29 0.78
N VAL D 112 -27.87 12.86 1.76
CA VAL D 112 -28.20 11.44 1.96
C VAL D 112 -29.59 11.21 1.34
N PRO D 113 -29.70 10.23 0.42
CA PRO D 113 -30.97 10.02 -0.29
C PRO D 113 -32.10 9.52 0.60
N THR D 114 -33.34 9.83 0.22
CA THR D 114 -34.50 9.33 0.94
C THR D 114 -35.13 8.15 0.18
N ALA D 115 -35.48 7.09 0.92
CA ALA D 115 -36.16 5.90 0.41
C ALA D 115 -35.35 5.05 -0.57
N GLY D 116 -34.04 5.05 -0.41
CA GLY D 116 -33.20 4.15 -1.18
C GLY D 116 -33.04 2.79 -0.50
N TRP D 117 -32.86 1.74 -1.31
CA TRP D 117 -32.42 0.46 -0.79
C TRP D 117 -30.93 0.58 -0.48
N VAL D 118 -30.54 0.31 0.76
CA VAL D 118 -29.15 0.43 1.16
C VAL D 118 -28.59 -0.89 1.69
N GLY D 119 -27.37 -1.24 1.27
CA GLY D 119 -26.70 -2.43 1.73
C GLY D 119 -25.24 -2.12 2.03
N PHE D 120 -24.59 -2.98 2.80
CA PHE D 120 -23.21 -2.75 3.18
C PHE D 120 -22.24 -3.58 2.35
N GLY D 121 -21.11 -2.98 1.99
CA GLY D 121 -20.14 -3.63 1.15
C GLY D 121 -19.13 -2.65 0.60
N GLY D 122 -18.59 -2.95 -0.56
CA GLY D 122 -17.61 -2.07 -1.17
C GLY D 122 -17.18 -2.56 -2.53
N ILE D 123 -16.12 -1.95 -3.04
CA ILE D 123 -15.55 -2.31 -4.34
C ILE D 123 -14.44 -3.33 -4.16
N TRP D 124 -14.21 -4.16 -5.17
CA TRP D 124 -13.09 -5.09 -5.14
C TRP D 124 -12.39 -5.20 -6.50
N ASN D 125 -11.17 -5.72 -6.46
CA ASN D 125 -10.27 -5.76 -7.60
C ASN D 125 -10.59 -6.92 -8.55
N SER D 126 -11.06 -6.61 -9.75
CA SER D 126 -11.50 -7.61 -10.73
C SER D 126 -10.41 -8.62 -11.10
N SER D 127 -9.16 -8.16 -11.08
CA SER D 127 -8.04 -9.02 -11.46
C SER D 127 -7.70 -10.11 -10.45
N ASN D 128 -7.90 -9.86 -9.15
CA ASN D 128 -7.50 -10.86 -8.15
C ASN D 128 -8.52 -11.17 -7.05
N GLY D 129 -9.63 -10.43 -7.01
CA GLY D 129 -10.68 -10.69 -6.05
C GLY D 129 -10.51 -9.99 -4.71
N ALA D 130 -9.38 -9.31 -4.53
CA ALA D 130 -9.10 -8.58 -3.29
C ALA D 130 -9.97 -7.33 -3.16
N PRO D 131 -10.50 -7.08 -1.96
CA PRO D 131 -11.31 -5.89 -1.72
C PRO D 131 -10.48 -4.62 -1.75
N PHE D 132 -11.10 -3.54 -2.22
CA PHE D 132 -10.55 -2.21 -2.05
C PHE D 132 -10.98 -1.74 -0.65
N VAL D 133 -10.12 -1.96 0.33
CA VAL D 133 -10.50 -1.83 1.75
C VAL D 133 -10.92 -0.41 2.13
N THR D 134 -10.49 0.58 1.36
CA THR D 134 -10.83 1.97 1.64
C THR D 134 -12.20 2.36 1.09
N THR D 135 -12.90 1.42 0.46
CA THR D 135 -14.19 1.74 -0.17
C THR D 135 -15.41 1.17 0.54
N VAL D 136 -15.20 0.52 1.69
CA VAL D 136 -16.30 -0.08 2.42
C VAL D 136 -17.23 1.00 2.97
N GLN D 137 -18.53 0.81 2.76
CA GLN D 137 -19.53 1.76 3.24
C GLN D 137 -20.92 1.20 3.09
N ALA D 138 -21.90 1.99 3.51
CA ALA D 138 -23.29 1.75 3.13
C ALA D 138 -23.51 2.32 1.74
N TYR D 139 -24.04 1.50 0.83
CA TYR D 139 -24.29 1.89 -0.54
C TYR D 139 -25.77 1.82 -0.89
N GLU D 140 -26.31 2.86 -1.55
CA GLU D 140 -27.62 2.69 -2.15
C GLU D 140 -27.50 1.98 -3.50
N LEU D 141 -28.30 0.94 -3.70
CA LEU D 141 -28.36 0.24 -4.98
C LEU D 141 -29.72 0.46 -5.64
N GLY D 142 -29.73 0.59 -6.96
CA GLY D 142 -30.97 0.73 -7.69
C GLY D 142 -30.81 0.72 -9.20
N PHE D 143 -31.92 0.65 -9.92
CA PHE D 143 -31.89 0.74 -11.39
C PHE D 143 -32.03 2.20 -11.81
N ALA D 144 -31.25 2.60 -12.79
CA ALA D 144 -31.27 3.97 -13.27
C ALA D 144 -30.96 4.06 -14.76
N THR D 145 -31.13 5.26 -15.31
CA THR D 145 -30.56 5.62 -16.60
C THR D 145 -29.81 6.93 -16.40
N GLY D 146 -28.82 7.19 -17.25
CA GLY D 146 -28.10 8.45 -17.21
C GLY D 146 -26.89 8.47 -16.31
N ALA D 147 -26.54 7.31 -15.77
CA ALA D 147 -25.32 7.19 -14.97
C ALA D 147 -24.11 7.31 -15.88
N PRO D 148 -22.98 7.82 -15.35
CA PRO D 148 -22.75 8.25 -13.96
C PRO D 148 -23.05 9.73 -13.69
N SER D 149 -23.16 10.55 -14.72
CA SER D 149 -23.28 12.00 -14.54
C SER D 149 -24.62 12.45 -13.96
N ASN D 150 -25.72 11.86 -14.44
CA ASN D 150 -27.04 12.27 -13.99
C ASN D 150 -27.98 11.07 -13.93
N PRO D 151 -27.71 10.14 -12.99
CA PRO D 151 -28.58 8.98 -12.86
C PRO D 151 -29.99 9.37 -12.42
N GLN D 152 -30.99 8.79 -13.07
CA GLN D 152 -32.38 9.02 -12.73
C GLN D 152 -33.08 7.68 -12.61
N PRO D 153 -34.08 7.58 -11.73
CA PRO D 153 -34.79 6.32 -11.52
C PRO D 153 -35.46 5.82 -12.80
N THR D 154 -35.50 4.50 -12.97
CA THR D 154 -36.24 3.87 -14.04
C THR D 154 -36.96 2.67 -13.44
N THR D 155 -38.13 2.33 -13.97
CA THR D 155 -38.90 1.22 -13.42
C THR D 155 -38.92 0.03 -14.38
N THR D 156 -38.13 0.11 -15.45
CA THR D 156 -37.96 -1.03 -16.35
C THR D 156 -36.50 -1.46 -16.42
N THR D 157 -36.28 -2.77 -16.45
CA THR D 157 -34.94 -3.32 -16.55
C THR D 157 -34.35 -3.10 -17.95
N SER D 158 -35.22 -2.95 -18.93
CA SER D 158 -34.77 -2.83 -20.32
C SER D 158 -34.05 -1.49 -20.57
N GLY D 159 -32.79 -1.57 -20.98
CA GLY D 159 -32.01 -0.37 -21.27
C GLY D 159 -31.50 0.34 -20.02
N ALA D 160 -31.68 -0.30 -18.87
CA ALA D 160 -31.31 0.30 -17.59
C ALA D 160 -29.84 0.08 -17.25
N GLN D 161 -29.38 0.79 -16.23
CA GLN D 161 -28.08 0.57 -15.61
C GLN D 161 -28.30 0.13 -14.18
N ILE D 162 -27.40 -0.68 -13.64
CA ILE D 162 -27.43 -1.00 -12.23
C ILE D 162 -26.39 -0.16 -11.50
N VAL D 163 -26.82 0.53 -10.45
CA VAL D 163 -25.97 1.53 -9.81
C VAL D 163 -25.84 1.25 -8.30
N ALA D 164 -24.63 1.42 -7.80
CA ALA D 164 -24.35 1.42 -6.37
C ALA D 164 -23.58 2.69 -6.02
N LYS D 165 -24.08 3.46 -5.05
CA LYS D 165 -23.37 4.66 -4.64
C LYS D 165 -23.36 4.80 -3.13
N SER D 166 -22.19 4.97 -2.54
CA SER D 166 -22.09 5.06 -1.08
C SER D 166 -22.84 6.28 -0.58
N ILE D 167 -23.70 6.10 0.42
CA ILE D 167 -24.50 7.21 0.93
C ILE D 167 -23.70 8.10 1.87
N TYR D 168 -22.55 7.60 2.33
CA TYR D 168 -21.63 8.39 3.13
C TYR D 168 -20.24 8.29 2.51
N GLY D 169 -19.34 9.18 2.89
CA GLY D 169 -17.98 9.17 2.34
C GLY D 169 -17.19 7.92 2.72
N VAL D 170 -16.56 7.31 1.72
CA VAL D 170 -15.62 6.21 1.98
C VAL D 170 -14.29 6.79 2.42
N ALA D 171 -13.46 5.98 3.07
CA ALA D 171 -12.18 6.45 3.57
C ALA D 171 -11.31 7.01 2.46
N THR D 172 -11.14 6.24 1.39
CA THR D 172 -10.43 6.73 0.21
C THR D 172 -11.08 6.22 -1.06
N GLY D 173 -11.45 7.14 -1.94
CA GLY D 173 -12.08 6.78 -3.20
C GLY D 173 -11.18 6.01 -4.14
N ILE D 174 -11.80 5.24 -5.03
CA ILE D 174 -11.07 4.44 -5.99
C ILE D 174 -11.66 4.64 -7.38
N ASN D 175 -10.78 4.93 -8.34
CA ASN D 175 -11.15 5.02 -9.75
C ASN D 175 -10.67 3.77 -10.50
N GLN D 176 -11.61 2.97 -10.98
CA GLN D 176 -11.26 1.82 -11.83
C GLN D 176 -12.21 1.66 -13.01
N ALA D 177 -11.66 1.50 -14.21
CA ALA D 177 -12.49 1.29 -15.39
C ALA D 177 -13.26 -0.03 -15.25
N THR D 178 -12.59 -1.03 -14.68
CA THR D 178 -13.21 -2.33 -14.40
C THR D 178 -13.00 -2.70 -12.94
N ALA D 179 -14.09 -2.84 -12.20
CA ALA D 179 -14.00 -3.19 -10.78
C ALA D 179 -15.23 -3.98 -10.34
N GLY D 180 -15.07 -4.76 -9.29
CA GLY D 180 -16.17 -5.56 -8.77
C GLY D 180 -17.01 -4.85 -7.72
N LEU D 181 -18.26 -5.27 -7.60
CA LEU D 181 -19.13 -4.83 -6.52
C LEU D 181 -19.46 -6.02 -5.61
N PHE D 182 -19.36 -5.82 -4.30
CA PHE D 182 -19.83 -6.82 -3.34
C PHE D 182 -20.65 -6.15 -2.26
N VAL D 183 -21.92 -6.51 -2.14
CA VAL D 183 -22.80 -5.92 -1.14
C VAL D 183 -23.68 -7.00 -0.51
N MET D 184 -23.85 -6.98 0.80
CA MET D 184 -24.74 -7.93 1.48
C MET D 184 -26.18 -7.70 1.01
N ALA D 185 -26.89 -8.80 0.73
CA ALA D 185 -28.23 -8.73 0.13
C ALA D 185 -29.34 -8.31 1.08
N SER D 186 -29.06 -8.27 2.39
CA SER D 186 -30.06 -7.85 3.36
C SER D 186 -30.03 -6.33 3.55
N GLY D 187 -31.06 -5.65 3.08
CA GLY D 187 -31.02 -4.20 3.00
C GLY D 187 -31.67 -3.43 4.15
N VAL D 188 -31.37 -2.13 4.17
CA VAL D 188 -32.01 -1.19 5.08
C VAL D 188 -32.50 -0.01 4.25
N ILE D 189 -33.34 0.84 4.83
CA ILE D 189 -33.93 1.97 4.12
C ILE D 189 -33.20 3.26 4.42
N SER D 190 -32.84 4.03 3.39
CA SER D 190 -32.10 5.26 3.62
C SER D 190 -33.06 6.37 4.04
N THR D 191 -32.75 7.01 5.15
CA THR D 191 -33.47 8.19 5.59
C THR D 191 -32.45 9.25 6.01
N PRO D 192 -32.72 10.52 5.65
CA PRO D 192 -31.81 11.64 5.96
C PRO D 192 -31.92 12.09 7.42
N ASN D 193 -33.00 11.67 8.09
CA ASN D 193 -33.20 12.05 9.48
C ASN D 193 -33.80 10.91 10.28
N SER D 194 -34.08 11.16 11.55
CA SER D 194 -34.60 10.12 12.44
C SER D 194 -36.00 9.65 12.07
N SER D 195 -36.74 10.47 11.33
CA SER D 195 -38.14 10.18 11.03
C SER D 195 -38.31 8.97 10.11
N ALA D 196 -39.33 8.17 10.40
CA ALA D 196 -39.73 7.08 9.52
C ALA D 196 -40.43 7.67 8.31
N ILE D 197 -40.39 6.96 7.18
CA ILE D 197 -41.12 7.38 6.00
C ILE D 197 -42.20 6.35 5.67
N THR D 198 -42.93 6.56 4.57
CA THR D 198 -43.98 5.64 4.17
C THR D 198 -43.41 4.27 3.83
N TYR D 199 -44.26 3.25 3.69
CA TYR D 199 -43.74 1.91 3.42
C TYR D 199 -42.94 1.92 2.12
N THR D 200 -41.86 1.14 2.12
CA THR D 200 -40.88 1.19 1.06
C THR D 200 -40.60 -0.21 0.51
N PRO D 201 -40.61 -0.37 -0.82
CA PRO D 201 -40.87 0.66 -1.84
C PRO D 201 -42.35 0.92 -2.10
N GLN D 202 -42.67 2.15 -2.44
CA GLN D 202 -43.97 2.47 -3.01
C GLN D 202 -44.05 1.81 -4.38
N PRO D 203 -45.28 1.57 -4.87
CA PRO D 203 -45.44 0.81 -6.12
C PRO D 203 -44.68 1.38 -7.32
N ASN D 204 -44.64 2.70 -7.47
CA ASN D 204 -43.94 3.33 -8.60
C ASN D 204 -42.41 3.28 -8.51
N ARG D 205 -41.89 2.77 -7.40
CA ARG D 205 -40.43 2.63 -7.25
C ARG D 205 -39.94 1.23 -7.60
N ILE D 206 -40.86 0.31 -7.84
CA ILE D 206 -40.49 -1.08 -8.12
C ILE D 206 -40.08 -1.27 -9.59
N VAL D 207 -38.94 -1.92 -9.80
CA VAL D 207 -38.39 -2.18 -11.11
C VAL D 207 -38.81 -3.58 -11.59
N ASN D 208 -39.32 -3.66 -12.81
CA ASN D 208 -39.81 -4.94 -13.34
C ASN D 208 -39.27 -5.29 -14.71
N ALA D 209 -39.05 -6.59 -14.92
CA ALA D 209 -38.60 -7.11 -16.19
C ALA D 209 -39.77 -7.16 -17.17
N PRO D 210 -39.48 -7.13 -18.47
CA PRO D 210 -40.54 -7.24 -19.48
C PRO D 210 -41.32 -8.54 -19.31
N GLY D 211 -42.64 -8.46 -19.49
CA GLY D 211 -43.51 -9.62 -19.35
C GLY D 211 -44.02 -9.88 -17.94
N THR D 212 -43.56 -9.09 -16.98
CA THR D 212 -44.01 -9.23 -15.60
C THR D 212 -45.51 -8.91 -15.51
N PRO D 213 -46.32 -9.88 -15.06
CA PRO D 213 -47.76 -9.64 -14.91
C PRO D 213 -48.03 -8.66 -13.77
N ALA D 214 -49.01 -7.78 -13.96
CA ALA D 214 -49.38 -6.81 -12.95
C ALA D 214 -50.43 -7.36 -12.01
N ALA D 215 -50.43 -6.90 -10.77
CA ALA D 215 -51.50 -7.22 -9.83
C ALA D 215 -52.48 -6.05 -9.79
N ALA D 216 -53.73 -6.33 -10.11
CA ALA D 216 -54.76 -5.30 -10.16
C ALA D 216 -55.98 -5.77 -9.38
N PRO D 217 -56.80 -4.82 -8.90
CA PRO D 217 -58.02 -5.19 -8.18
C PRO D 217 -58.98 -6.03 -9.03
N ILE D 218 -59.60 -7.02 -8.41
CA ILE D 218 -60.65 -7.80 -9.05
C ILE D 218 -61.92 -7.69 -8.19
N GLY D 219 -62.85 -6.85 -8.63
CA GLY D 219 -64.01 -6.55 -7.81
C GLY D 219 -63.58 -5.86 -6.52
N LYS D 220 -64.04 -6.37 -5.38
CA LYS D 220 -63.67 -5.82 -4.08
C LYS D 220 -62.35 -6.41 -3.56
N ASN D 221 -61.79 -7.35 -4.30
CA ASN D 221 -60.51 -7.94 -3.92
C ASN D 221 -59.34 -7.10 -4.39
N THR D 222 -58.45 -6.79 -3.47
CA THR D 222 -57.34 -5.89 -3.74
C THR D 222 -56.00 -6.53 -3.41
N PRO D 223 -55.01 -6.38 -4.32
CA PRO D 223 -53.68 -6.95 -4.07
C PRO D 223 -52.99 -6.30 -2.87
N ILE D 224 -52.20 -7.10 -2.15
CA ILE D 224 -51.52 -6.60 -0.97
C ILE D 224 -50.01 -6.85 -1.04
N MET D 225 -49.26 -6.08 -0.26
CA MET D 225 -47.86 -6.37 -0.01
C MET D 225 -47.73 -6.80 1.44
N PHE D 226 -46.62 -7.47 1.77
CA PHE D 226 -46.40 -7.90 3.14
C PHE D 226 -45.43 -6.97 3.84
N ALA D 227 -45.93 -6.33 4.90
CA ALA D 227 -45.18 -5.30 5.60
C ALA D 227 -44.34 -5.90 6.71
N SER D 228 -43.08 -5.48 6.75
CA SER D 228 -42.15 -5.90 7.79
C SER D 228 -41.45 -4.67 8.37
N VAL D 229 -40.92 -4.82 9.58
CA VAL D 229 -40.16 -3.74 10.18
C VAL D 229 -38.73 -3.75 9.64
N VAL D 230 -38.32 -2.63 9.06
CA VAL D 230 -37.02 -2.55 8.41
C VAL D 230 -36.20 -1.42 9.02
N ARG D 231 -34.90 -1.65 9.17
CA ARG D 231 -33.98 -0.64 9.67
C ARG D 231 -33.92 0.57 8.75
N ARG D 232 -33.68 1.74 9.32
CA ARG D 232 -33.47 2.94 8.53
C ARG D 232 -32.17 3.61 8.96
N THR D 233 -31.47 4.19 8.00
CA THR D 233 -30.12 4.71 8.22
C THR D 233 -30.08 5.87 9.21
N GLY D 234 -31.09 6.74 9.14
CA GLY D 234 -31.17 7.93 9.97
C GLY D 234 -31.32 7.65 11.46
N ASP D 235 -31.91 6.51 11.78
CA ASP D 235 -32.05 6.08 13.16
C ASP D 235 -31.90 4.57 13.15
N ILE D 236 -30.66 4.14 13.14
CA ILE D 236 -30.33 2.73 12.90
C ILE D 236 -30.78 1.85 14.06
N ASN D 237 -30.87 2.42 15.26
CA ASN D 237 -31.31 1.70 16.44
C ASN D 237 -32.80 1.39 16.46
N ALA D 238 -33.59 2.18 15.74
CA ALA D 238 -35.04 2.05 15.79
C ALA D 238 -35.49 0.67 15.31
N GLU D 239 -36.34 0.02 16.09
CA GLU D 239 -36.89 -1.28 15.74
C GLU D 239 -38.41 -1.22 15.86
N ALA D 240 -39.04 -2.38 16.02
CA ALA D 240 -40.49 -2.42 16.17
C ALA D 240 -40.90 -1.74 17.47
N GLY D 241 -41.86 -0.82 17.39
CA GLY D 241 -42.41 -0.19 18.58
C GLY D 241 -41.56 0.95 19.06
N SER D 242 -40.59 1.37 18.23
CA SER D 242 -39.64 2.40 18.60
C SER D 242 -40.30 3.74 18.89
N THR D 243 -39.80 4.46 19.90
CA THR D 243 -40.37 5.75 20.27
C THR D 243 -40.07 6.86 19.26
N ASN D 244 -39.32 6.55 18.20
CA ASN D 244 -39.13 7.48 17.10
C ASN D 244 -39.93 7.10 15.86
N GLY D 245 -40.87 6.18 16.02
CA GLY D 245 -41.71 5.73 14.91
C GLY D 245 -41.22 4.45 14.27
N THR D 246 -42.16 3.68 13.71
CA THR D 246 -41.84 2.40 13.10
C THR D 246 -41.73 2.50 11.58
N GLN D 247 -40.65 1.96 11.03
CA GLN D 247 -40.42 1.96 9.59
C GLN D 247 -40.80 0.64 8.97
N TYR D 248 -41.67 0.69 7.97
CA TYR D 248 -42.07 -0.52 7.24
C TYR D 248 -41.44 -0.65 5.86
N GLY D 249 -40.92 -1.84 5.59
CA GLY D 249 -40.62 -2.27 4.24
C GLY D 249 -41.73 -3.17 3.77
N ALA D 250 -41.88 -3.33 2.45
CA ALA D 250 -42.93 -4.19 1.91
C ALA D 250 -42.38 -5.15 0.85
N GLY D 251 -42.94 -6.36 0.80
CA GLY D 251 -42.59 -7.33 -0.22
C GLY D 251 -43.83 -7.95 -0.83
N SER D 252 -43.71 -8.43 -2.07
CA SER D 252 -44.83 -9.04 -2.76
C SER D 252 -45.25 -10.38 -2.14
N GLN D 253 -44.30 -11.13 -1.59
CA GLN D 253 -44.62 -12.45 -1.03
C GLN D 253 -43.92 -12.70 0.29
N PRO D 254 -44.49 -13.59 1.12
CA PRO D 254 -43.69 -14.09 2.24
C PRO D 254 -42.62 -15.01 1.69
N LEU D 255 -41.38 -14.89 2.16
CA LEU D 255 -40.30 -15.69 1.61
C LEU D 255 -40.56 -17.20 1.69
N PRO D 256 -41.15 -17.72 2.80
CA PRO D 256 -41.45 -19.16 2.82
C PRO D 256 -42.38 -19.61 1.69
N VAL D 257 -43.30 -18.75 1.28
CA VAL D 257 -44.16 -19.03 0.13
C VAL D 257 -43.37 -19.09 -1.17
N THR D 258 -42.49 -18.08 -1.36
CA THR D 258 -41.64 -18.00 -2.53
C THR D 258 -40.77 -19.24 -2.64
N VAL D 259 -40.24 -19.68 -1.50
CA VAL D 259 -39.40 -20.86 -1.45
C VAL D 259 -40.20 -22.08 -1.93
N GLY D 260 -41.41 -22.26 -1.40
CA GLY D 260 -42.27 -23.36 -1.79
C GLY D 260 -42.66 -23.35 -3.26
N LEU D 261 -43.00 -22.18 -3.78
CA LEU D 261 -43.37 -22.06 -5.20
C LEU D 261 -42.18 -22.37 -6.11
N SER D 262 -40.99 -22.01 -5.66
CA SER D 262 -39.77 -22.24 -6.44
C SER D 262 -39.40 -23.71 -6.50
N LEU D 263 -39.91 -24.48 -5.53
CA LEU D 263 -39.58 -25.89 -5.41
C LEU D 263 -40.63 -26.79 -6.04
N ASN D 264 -41.77 -26.21 -6.41
CA ASN D 264 -42.93 -26.98 -6.84
C ASN D 264 -43.64 -26.38 -8.07
N ASN D 265 -44.41 -27.20 -8.76
CA ASN D 265 -45.31 -26.69 -9.80
C ASN D 265 -46.76 -26.89 -9.37
N TYR D 266 -47.49 -25.81 -9.18
CA TYR D 266 -48.87 -25.92 -8.69
C TYR D 266 -49.94 -25.68 -9.76
N SER D 267 -49.59 -25.89 -11.02
CA SER D 267 -50.52 -25.59 -12.12
C SER D 267 -51.82 -26.39 -12.02
N SER D 268 -51.74 -27.63 -11.55
CA SER D 268 -52.92 -28.48 -11.38
C SER D 268 -53.85 -28.04 -10.24
N ALA D 269 -53.27 -27.45 -9.21
CA ALA D 269 -53.99 -27.01 -8.02
C ALA D 269 -54.98 -25.87 -8.26
N LEU D 270 -54.63 -24.96 -9.18
CA LEU D 270 -55.40 -23.74 -9.37
C LEU D 270 -55.52 -23.37 -10.85
N MET D 271 -56.69 -22.86 -11.24
CA MET D 271 -56.90 -22.37 -12.60
C MET D 271 -56.86 -20.84 -12.60
N PRO D 272 -56.59 -20.23 -13.76
CA PRO D 272 -56.69 -18.76 -13.83
C PRO D 272 -58.11 -18.32 -13.50
N GLY D 273 -58.25 -17.18 -12.83
CA GLY D 273 -59.57 -16.75 -12.40
C GLY D 273 -59.94 -17.34 -11.07
N GLN D 274 -59.02 -18.12 -10.50
CA GLN D 274 -59.21 -18.67 -9.16
C GLN D 274 -58.19 -18.11 -8.18
N PHE D 275 -58.58 -18.06 -6.91
CA PHE D 275 -57.68 -17.80 -5.80
C PHE D 275 -57.57 -19.08 -5.01
N PHE D 276 -56.39 -19.38 -4.48
CA PHE D 276 -56.38 -20.33 -3.37
C PHE D 276 -56.51 -19.51 -2.10
N VAL D 277 -57.54 -19.83 -1.32
CA VAL D 277 -57.91 -19.01 -0.17
C VAL D 277 -57.49 -19.64 1.15
N TRP D 278 -57.00 -18.80 2.05
CA TRP D 278 -56.74 -19.18 3.43
C TRP D 278 -57.58 -18.29 4.31
N GLN D 279 -57.98 -18.81 5.47
CA GLN D 279 -58.67 -18.02 6.46
C GLN D 279 -57.69 -17.62 7.55
N LEU D 280 -57.61 -16.33 7.83
CA LEU D 280 -56.74 -15.84 8.89
C LEU D 280 -57.59 -15.57 10.13
N ASN D 281 -57.43 -16.40 11.15
CA ASN D 281 -58.21 -16.26 12.38
C ASN D 281 -57.51 -15.40 13.42
N PHE D 282 -58.14 -14.27 13.74
CA PHE D 282 -57.64 -13.35 14.73
C PHE D 282 -58.28 -13.63 16.08
N ALA D 283 -57.84 -12.90 17.11
CA ALA D 283 -58.40 -13.04 18.44
C ALA D 283 -59.90 -12.76 18.40
N SER D 284 -60.26 -11.69 17.69
CA SER D 284 -61.66 -11.38 17.43
C SER D 284 -61.92 -11.25 15.93
N GLY D 285 -62.58 -12.24 15.35
CA GLY D 285 -62.92 -12.18 13.93
C GLY D 285 -61.90 -12.84 13.03
N PHE D 286 -62.10 -12.71 11.71
CA PHE D 286 -61.21 -13.32 10.75
C PHE D 286 -61.29 -12.63 9.40
N MET D 287 -60.35 -12.97 8.52
CA MET D 287 -60.34 -12.45 7.17
C MET D 287 -59.78 -13.51 6.25
N GLU D 288 -60.03 -13.35 4.96
CA GLU D 288 -59.51 -14.29 3.98
C GLU D 288 -58.38 -13.67 3.16
N LEU D 289 -57.40 -14.49 2.83
CA LEU D 289 -56.35 -14.13 1.90
C LEU D 289 -56.46 -15.02 0.68
N GLY D 290 -56.32 -14.43 -0.51
CA GLY D 290 -56.37 -15.21 -1.74
C GLY D 290 -55.07 -15.09 -2.52
N LEU D 291 -54.63 -16.21 -3.08
CA LEU D 291 -53.42 -16.27 -3.87
C LEU D 291 -53.76 -16.61 -5.32
N SER D 292 -53.35 -15.75 -6.25
CA SER D 292 -53.59 -15.97 -7.68
C SER D 292 -52.50 -16.83 -8.32
N VAL D 293 -52.76 -17.30 -9.55
CA VAL D 293 -51.77 -18.12 -10.26
C VAL D 293 -50.50 -17.34 -10.55
N ASP D 294 -50.60 -16.02 -10.66
CA ASP D 294 -49.44 -15.18 -10.87
C ASP D 294 -48.62 -14.97 -9.60
N GLY D 295 -49.09 -15.53 -8.49
CA GLY D 295 -48.35 -15.45 -7.23
C GLY D 295 -48.63 -14.23 -6.38
N TYR D 296 -49.61 -13.44 -6.78
CA TYR D 296 -49.99 -12.27 -5.97
C TYR D 296 -51.06 -12.60 -4.93
N PHE D 297 -50.95 -11.96 -3.77
CA PHE D 297 -51.92 -12.13 -2.70
C PHE D 297 -52.95 -11.00 -2.69
N TYR D 298 -54.19 -11.34 -2.35
CA TYR D 298 -55.29 -10.39 -2.33
C TYR D 298 -56.04 -10.44 -1.01
N ALA D 299 -56.66 -9.31 -0.66
CA ALA D 299 -57.58 -9.25 0.47
C ALA D 299 -58.85 -8.53 0.02
N GLY D 300 -59.97 -8.83 0.67
CA GLY D 300 -61.25 -8.24 0.29
C GLY D 300 -61.48 -6.87 0.92
N THR D 301 -60.48 -5.99 0.80
CA THR D 301 -60.52 -4.70 1.48
C THR D 301 -60.88 -3.52 0.58
N GLY D 302 -61.13 -3.81 -0.70
CA GLY D 302 -61.57 -2.78 -1.62
C GLY D 302 -60.62 -1.62 -1.80
N ALA D 303 -61.13 -0.40 -1.66
CA ALA D 303 -60.35 0.81 -1.88
C ALA D 303 -59.47 1.22 -0.68
N SER D 304 -59.60 0.52 0.44
CA SER D 304 -58.82 0.87 1.64
C SER D 304 -57.32 0.69 1.44
N ALA D 305 -56.55 1.67 1.88
CA ALA D 305 -55.09 1.56 1.83
C ALA D 305 -54.52 1.38 3.23
N THR D 306 -55.39 1.16 4.20
CA THR D 306 -54.99 1.07 5.60
C THR D 306 -54.30 -0.25 5.90
N LEU D 307 -53.13 -0.17 6.55
CA LEU D 307 -52.36 -1.35 6.89
C LEU D 307 -53.12 -2.24 7.87
N ILE D 308 -53.04 -3.55 7.67
CA ILE D 308 -53.70 -4.49 8.56
C ILE D 308 -52.69 -5.08 9.54
N ASP D 309 -52.86 -4.77 10.82
CA ASP D 309 -51.98 -5.26 11.87
C ASP D 309 -52.18 -6.75 12.13
N LEU D 310 -51.07 -7.50 12.19
CA LEU D 310 -51.13 -8.94 12.41
C LEU D 310 -50.85 -9.37 13.85
N SER D 311 -50.79 -8.42 14.77
CA SER D 311 -50.44 -8.71 16.16
C SER D 311 -51.36 -9.71 16.83
N GLU D 312 -52.65 -9.65 16.52
CA GLU D 312 -53.62 -10.54 17.14
C GLU D 312 -54.04 -11.72 16.26
N LEU D 313 -53.27 -11.99 15.21
CA LEU D 313 -53.51 -13.18 14.40
C LEU D 313 -53.15 -14.43 15.19
N VAL D 314 -54.08 -15.37 15.28
CA VAL D 314 -53.87 -16.56 16.10
C VAL D 314 -53.44 -17.77 15.28
N ASP D 315 -54.16 -18.06 14.20
CA ASP D 315 -53.80 -19.18 13.33
C ASP D 315 -54.34 -19.03 11.92
N ILE D 316 -53.79 -19.82 11.01
CA ILE D 316 -54.22 -19.81 9.62
C ILE D 316 -54.77 -21.17 9.22
N ARG D 317 -55.92 -21.17 8.56
CA ARG D 317 -56.52 -22.40 8.06
C ARG D 317 -56.86 -22.29 6.58
N PRO D 318 -56.51 -23.33 5.81
CA PRO D 318 -56.79 -23.40 4.37
C PRO D 318 -58.28 -23.56 4.06
N VAL D 319 -58.76 -22.78 3.09
CA VAL D 319 -60.15 -22.89 2.63
C VAL D 319 -60.23 -23.67 1.32
N GLY D 320 -59.34 -23.34 0.38
CA GLY D 320 -59.30 -24.01 -0.90
C GLY D 320 -59.50 -23.04 -2.06
N PRO D 321 -59.59 -23.58 -3.29
CA PRO D 321 -59.80 -22.73 -4.46
C PRO D 321 -61.19 -22.09 -4.48
N ARG D 322 -61.24 -20.81 -4.83
CA ARG D 322 -62.48 -20.04 -4.96
C ARG D 322 -62.39 -19.11 -6.16
N PRO D 323 -63.54 -18.68 -6.70
CA PRO D 323 -63.47 -17.73 -7.82
C PRO D 323 -62.85 -16.40 -7.38
N SER D 324 -61.95 -15.86 -8.19
CA SER D 324 -61.27 -14.61 -7.88
C SER D 324 -62.27 -13.45 -7.83
N THR D 325 -63.43 -13.64 -8.47
CA THR D 325 -64.48 -12.62 -8.47
C THR D 325 -65.30 -12.62 -7.18
N SER D 326 -65.21 -13.70 -6.41
CA SER D 326 -65.91 -13.73 -5.12
C SER D 326 -65.16 -12.90 -4.10
N THR D 327 -65.87 -11.99 -3.44
CA THR D 327 -65.26 -11.08 -2.47
C THR D 327 -64.70 -11.86 -1.29
N LEU D 328 -63.41 -11.67 -1.01
CA LEU D 328 -62.79 -12.29 0.15
C LEU D 328 -63.37 -11.69 1.43
N VAL D 329 -63.72 -12.56 2.37
CA VAL D 329 -64.34 -12.11 3.62
C VAL D 329 -63.39 -11.23 4.43
N TYR D 330 -63.90 -10.10 4.92
CA TYR D 330 -63.16 -9.28 5.86
C TYR D 330 -64.02 -8.96 7.08
N ASN D 331 -63.78 -9.70 8.16
CA ASN D 331 -64.54 -9.52 9.40
C ASN D 331 -63.62 -9.18 10.55
N LEU D 332 -62.93 -8.05 10.42
CA LEU D 332 -62.01 -7.59 11.45
C LEU D 332 -62.49 -6.28 12.06
C1 EDO E . 44.52 29.83 -6.92
O1 EDO E . 44.43 29.70 -8.35
C2 EDO E . 43.32 30.61 -6.40
O2 EDO E . 43.35 30.65 -4.96
C1 EDO F . 31.91 22.78 12.96
O1 EDO F . 30.87 23.20 12.07
C2 EDO F . 31.32 21.83 14.00
O2 EDO F . 30.88 20.64 13.32
CL CL G . 29.50 17.70 9.52
C1 EDO H . -14.51 3.40 5.29
O1 EDO H . -14.43 3.44 3.86
C2 EDO H . -15.57 4.39 5.79
O2 EDO H . -15.56 4.40 7.23
C1 EDO I . -28.77 -3.67 25.58
O1 EDO I . -29.46 -4.81 25.08
C2 EDO I . -28.08 -2.98 24.42
O2 EDO I . -29.05 -2.48 23.50
C1 EDO J . -29.25 5.85 -20.71
O1 EDO J . -28.44 5.55 -19.57
C2 EDO J . -28.59 6.95 -21.56
O2 EDO J . -28.53 8.16 -20.81
C1 EDO K . -21.69 -10.63 -14.02
O1 EDO K . -22.22 -11.86 -13.52
C2 EDO K . -20.19 -10.61 -13.76
O2 EDO K . -19.96 -10.85 -12.37
CL CL L . -45.23 -19.31 -16.31
CL CL M . -25.21 -13.34 -9.71
#